data_2FZP
# 
_entry.id   2FZP 
# 
_audit_conform.dict_name       mmcif_pdbx.dic 
_audit_conform.dict_version    5.387 
_audit_conform.dict_location   http://mmcif.pdb.org/dictionaries/ascii/mmcif_pdbx.dic 
# 
loop_
_database_2.database_id 
_database_2.database_code 
_database_2.pdbx_database_accession 
_database_2.pdbx_DOI 
PDB   2FZP         pdb_00002fzp 10.2210/pdb2fzp/pdb 
RCSB  RCSB036505   ?            ?                   
WWPDB D_1000036505 ?            ?                   
# 
loop_
_pdbx_audit_revision_history.ordinal 
_pdbx_audit_revision_history.data_content_type 
_pdbx_audit_revision_history.major_revision 
_pdbx_audit_revision_history.minor_revision 
_pdbx_audit_revision_history.revision_date 
1 'Structure model' 1 0 2006-03-28 
2 'Structure model' 1 1 2008-05-01 
3 'Structure model' 1 2 2011-07-13 
4 'Structure model' 1 3 2024-02-14 
# 
_pdbx_audit_revision_details.ordinal             1 
_pdbx_audit_revision_details.revision_ordinal    1 
_pdbx_audit_revision_details.data_content_type   'Structure model' 
_pdbx_audit_revision_details.provider            repository 
_pdbx_audit_revision_details.type                'Initial release' 
_pdbx_audit_revision_details.description         ? 
_pdbx_audit_revision_details.details             ? 
# 
loop_
_pdbx_audit_revision_group.ordinal 
_pdbx_audit_revision_group.revision_ordinal 
_pdbx_audit_revision_group.data_content_type 
_pdbx_audit_revision_group.group 
1 2 'Structure model' 'Version format compliance' 
2 3 'Structure model' Advisory                    
3 3 'Structure model' 'Version format compliance' 
4 4 'Structure model' 'Data collection'           
5 4 'Structure model' 'Database references'       
# 
loop_
_pdbx_audit_revision_category.ordinal 
_pdbx_audit_revision_category.revision_ordinal 
_pdbx_audit_revision_category.data_content_type 
_pdbx_audit_revision_category.category 
1 4 'Structure model' chem_comp_atom     
2 4 'Structure model' chem_comp_bond     
3 4 'Structure model' database_2         
4 4 'Structure model' struct_ref_seq_dif 
# 
loop_
_pdbx_audit_revision_item.ordinal 
_pdbx_audit_revision_item.revision_ordinal 
_pdbx_audit_revision_item.data_content_type 
_pdbx_audit_revision_item.item 
1 4 'Structure model' '_database_2.pdbx_DOI'                
2 4 'Structure model' '_database_2.pdbx_database_accession' 
3 4 'Structure model' '_struct_ref_seq_dif.details'         
# 
_pdbx_database_status.status_code                     REL 
_pdbx_database_status.entry_id                        2FZP 
_pdbx_database_status.recvd_initial_deposition_date   2006-02-10 
_pdbx_database_status.deposit_site                    RCSB 
_pdbx_database_status.process_site                    RCSB 
_pdbx_database_status.status_code_sf                  REL 
_pdbx_database_status.status_code_mr                  ? 
_pdbx_database_status.SG_entry                        Y 
_pdbx_database_status.pdb_format_compatible           Y 
_pdbx_database_status.status_code_cs                  ? 
_pdbx_database_status.status_code_nmr_data            ? 
_pdbx_database_status.methods_development_category    ? 
# 
loop_
_audit_author.name 
_audit_author.pdbx_ordinal 
'Walker, J.R.'                         1  
'Avvakumov, G.V.'                      2  
'Xue, S.'                              3  
'Newman, E.M.'                         4  
'Butler-Cole, C.'                      5  
'Finerty Jr., P.J.'                    6  
'Weigelt, J.'                          7  
'Sundstrom, M.'                        8  
'Arrowsmith, C.'                       9  
'Edwards, A.'                          10 
'Bochkarev, A.'                        11 
'Dhe-Paganon, S.'                      12 
'Structural Genomics Consortium (SGC)' 13 
# 
loop_
_citation.id 
_citation.title 
_citation.journal_abbrev 
_citation.journal_volume 
_citation.page_first 
_citation.page_last 
_citation.year 
_citation.journal_id_ASTM 
_citation.country 
_citation.journal_id_ISSN 
_citation.journal_id_CSD 
_citation.book_publisher 
_citation.pdbx_database_id_PubMed 
_citation.pdbx_database_id_DOI 
primary 
;Amino-terminal Dimerization, NRDP1-Rhodanese Interaction, and Inhibited Catalytic Domain Conformation of the Ubiquitin-specific Protease 8 (USP8).
;
J.Biol.Chem.           281 38061 38070 2006 JBCHA3 US 0021-9258 0071 ? 17035239 10.1074/jbc.M606704200           
1       'Stabilization of the E3 ubiquitin ligase Nrdp1 by the deubiquitinating enzyme USP8.' Mol.Cell.Biol.         24  7748  
7757  2004 MCEBD4 US 0270-7306 2044 ? 15314180 10.1128/MCB.24.17.7748-7757.2004 
2       'Nrdp1-mediated degradation of the gigantic IAP, BRUCE, is a novel pathway for triggering apoptosis.' 'Embo J.' 23  800   
810   2004 EMJODG UK 0261-4189 0897 ? 14765125 10.1038/sj.emboj.7600075         
3       'An RBCC protein implicated in maintenance of steady-state neuregulin receptor levels.' Proc.Natl.Acad.Sci.USA 99  2866  
2871  2002 PNASA6 US 0027-8424 0040 ? 11867753 10.1073/pnas.052709799           
4       
;FLRF, a novel evolutionarily conserved RING finger gene, is differentially expressed in mouse fetal and adult hematopoietic stem cells and progenitors.
;
'Blood Cells Mol.Dis.' 27  320   333   2001 ?      US 1079-9796 ?    ? 11358394 10.1006/bcmd.2001.0390           
# 
loop_
_citation_author.citation_id 
_citation_author.name 
_citation_author.ordinal 
_citation_author.identifier_ORCID 
primary 'Avvakumov, G.V.'   1  ? 
primary 'Walker, J.R.'      2  ? 
primary 'Xue, S.'           3  ? 
primary 'Finerty Jr., P.J.' 4  ? 
primary 'Mackenzie, F.'     5  ? 
primary 'Newman, E.M.'      6  ? 
primary 'Dhe-Paganon, S.'   7  ? 
1       'Wu, X.'            8  ? 
1       'Yen, L.'           9  ? 
1       'Irwin, L.'         10 ? 
1       'Sweeney, C.'       11 ? 
1       'Carraway, K.L.'    12 ? 
2       'Qiu, X.B.'         13 ? 
2       'Markant, S.L.'     14 ? 
2       'Yuan, J.'          15 ? 
2       'Goldberg, A.L.'    16 ? 
3       'Diamonti, A.J.'    17 ? 
3       'Guy, P.M.'         18 ? 
3       'Ivanof, C.'        19 ? 
3       'Wong, K.'          20 ? 
3       'Sweeney, C.'       21 ? 
3       'Carraway, K.L.'    22 ? 
4       'Abdullah, J.M.'    23 ? 
4       'Li, X.'            24 ? 
4       'Nachtman, R.G.'    25 ? 
4       'Jurecic, R.'       26 ? 
# 
loop_
_entity.id 
_entity.type 
_entity.src_method 
_entity.pdbx_description 
_entity.formula_weight 
_entity.pdbx_number_of_molecules 
_entity.pdbx_ec 
_entity.pdbx_mutation 
_entity.pdbx_fragment 
_entity.details 
1 polymer man 'ring finger protein 41 isoform 1' 16172.340 1  6.3.2.- ? 'USP8 interaction Domain' ? 
2 water   nat water                              18.015    99 ?       ? ?                         ? 
# 
_entity_name_com.entity_id   1 
_entity_name_com.name        NRDP1 
# 
_entity_poly.entity_id                      1 
_entity_poly.type                           'polypeptide(L)' 
_entity_poly.nstd_linkage                   no 
_entity_poly.nstd_monomer                   no 
_entity_poly.pdbx_seq_one_letter_code       
;MGSSHHHHHHSSGLVPRGSTIEYNEILEWVNSLQPARVTRWGGMISTPDAVLQAVIKRSLVESGCPASIVNELIENAHER
SWPQGLATLETRQMNRRYYENYVAKRIPGKQAVVVMACENQHMGDDMVQEPGLVMIFAHGVEEI
;
_entity_poly.pdbx_seq_one_letter_code_can   
;MGSSHHHHHHSSGLVPRGSTIEYNEILEWVNSLQPARVTRWGGMISTPDAVLQAVIKRSLVESGCPASIVNELIENAHER
SWPQGLATLETRQMNRRYYENYVAKRIPGKQAVVVMACENQHMGDDMVQEPGLVMIFAHGVEEI
;
_entity_poly.pdbx_strand_id                 A 
_entity_poly.pdbx_target_identifier         ? 
# 
_pdbx_entity_nonpoly.entity_id   2 
_pdbx_entity_nonpoly.name        water 
_pdbx_entity_nonpoly.comp_id     HOH 
# 
loop_
_entity_poly_seq.entity_id 
_entity_poly_seq.num 
_entity_poly_seq.mon_id 
_entity_poly_seq.hetero 
1 1   MET n 
1 2   GLY n 
1 3   SER n 
1 4   SER n 
1 5   HIS n 
1 6   HIS n 
1 7   HIS n 
1 8   HIS n 
1 9   HIS n 
1 10  HIS n 
1 11  SER n 
1 12  SER n 
1 13  GLY n 
1 14  LEU n 
1 15  VAL n 
1 16  PRO n 
1 17  ARG n 
1 18  GLY n 
1 19  SER n 
1 20  THR n 
1 21  ILE n 
1 22  GLU n 
1 23  TYR n 
1 24  ASN n 
1 25  GLU n 
1 26  ILE n 
1 27  LEU n 
1 28  GLU n 
1 29  TRP n 
1 30  VAL n 
1 31  ASN n 
1 32  SER n 
1 33  LEU n 
1 34  GLN n 
1 35  PRO n 
1 36  ALA n 
1 37  ARG n 
1 38  VAL n 
1 39  THR n 
1 40  ARG n 
1 41  TRP n 
1 42  GLY n 
1 43  GLY n 
1 44  MET n 
1 45  ILE n 
1 46  SER n 
1 47  THR n 
1 48  PRO n 
1 49  ASP n 
1 50  ALA n 
1 51  VAL n 
1 52  LEU n 
1 53  GLN n 
1 54  ALA n 
1 55  VAL n 
1 56  ILE n 
1 57  LYS n 
1 58  ARG n 
1 59  SER n 
1 60  LEU n 
1 61  VAL n 
1 62  GLU n 
1 63  SER n 
1 64  GLY n 
1 65  CYS n 
1 66  PRO n 
1 67  ALA n 
1 68  SER n 
1 69  ILE n 
1 70  VAL n 
1 71  ASN n 
1 72  GLU n 
1 73  LEU n 
1 74  ILE n 
1 75  GLU n 
1 76  ASN n 
1 77  ALA n 
1 78  HIS n 
1 79  GLU n 
1 80  ARG n 
1 81  SER n 
1 82  TRP n 
1 83  PRO n 
1 84  GLN n 
1 85  GLY n 
1 86  LEU n 
1 87  ALA n 
1 88  THR n 
1 89  LEU n 
1 90  GLU n 
1 91  THR n 
1 92  ARG n 
1 93  GLN n 
1 94  MET n 
1 95  ASN n 
1 96  ARG n 
1 97  ARG n 
1 98  TYR n 
1 99  TYR n 
1 100 GLU n 
1 101 ASN n 
1 102 TYR n 
1 103 VAL n 
1 104 ALA n 
1 105 LYS n 
1 106 ARG n 
1 107 ILE n 
1 108 PRO n 
1 109 GLY n 
1 110 LYS n 
1 111 GLN n 
1 112 ALA n 
1 113 VAL n 
1 114 VAL n 
1 115 VAL n 
1 116 MET n 
1 117 ALA n 
1 118 CYS n 
1 119 GLU n 
1 120 ASN n 
1 121 GLN n 
1 122 HIS n 
1 123 MET n 
1 124 GLY n 
1 125 ASP n 
1 126 ASP n 
1 127 MET n 
1 128 VAL n 
1 129 GLN n 
1 130 GLU n 
1 131 PRO n 
1 132 GLY n 
1 133 LEU n 
1 134 VAL n 
1 135 MET n 
1 136 ILE n 
1 137 PHE n 
1 138 ALA n 
1 139 HIS n 
1 140 GLY n 
1 141 VAL n 
1 142 GLU n 
1 143 GLU n 
1 144 ILE n 
# 
_entity_src_gen.entity_id                          1 
_entity_src_gen.pdbx_src_id                        1 
_entity_src_gen.pdbx_alt_source_flag               sample 
_entity_src_gen.pdbx_seq_type                      ? 
_entity_src_gen.pdbx_beg_seq_num                   ? 
_entity_src_gen.pdbx_end_seq_num                   ? 
_entity_src_gen.gene_src_common_name               human 
_entity_src_gen.gene_src_genus                     Homo 
_entity_src_gen.pdbx_gene_src_gene                 RNF41 
_entity_src_gen.gene_src_species                   ? 
_entity_src_gen.gene_src_strain                    ? 
_entity_src_gen.gene_src_tissue                    ? 
_entity_src_gen.gene_src_tissue_fraction           ? 
_entity_src_gen.gene_src_details                   ? 
_entity_src_gen.pdbx_gene_src_fragment             ? 
_entity_src_gen.pdbx_gene_src_scientific_name      'Homo sapiens' 
_entity_src_gen.pdbx_gene_src_ncbi_taxonomy_id     9606 
_entity_src_gen.pdbx_gene_src_variant              ? 
_entity_src_gen.pdbx_gene_src_cell_line            ? 
_entity_src_gen.pdbx_gene_src_atcc                 ? 
_entity_src_gen.pdbx_gene_src_organ                ? 
_entity_src_gen.pdbx_gene_src_organelle            ? 
_entity_src_gen.pdbx_gene_src_cell                 ? 
_entity_src_gen.pdbx_gene_src_cellular_location    ? 
_entity_src_gen.host_org_common_name               ? 
_entity_src_gen.pdbx_host_org_scientific_name      'Escherichia coli BL21' 
_entity_src_gen.pdbx_host_org_ncbi_taxonomy_id     511693 
_entity_src_gen.host_org_genus                     Escherichia 
_entity_src_gen.pdbx_host_org_gene                 ? 
_entity_src_gen.pdbx_host_org_organ                ? 
_entity_src_gen.host_org_species                   'Escherichia coli' 
_entity_src_gen.pdbx_host_org_tissue               ? 
_entity_src_gen.pdbx_host_org_tissue_fraction      ? 
_entity_src_gen.pdbx_host_org_strain               BL21 
_entity_src_gen.pdbx_host_org_variant              ? 
_entity_src_gen.pdbx_host_org_cell_line            ? 
_entity_src_gen.pdbx_host_org_atcc                 ? 
_entity_src_gen.pdbx_host_org_culture_collection   ? 
_entity_src_gen.pdbx_host_org_cell                 ? 
_entity_src_gen.pdbx_host_org_organelle            ? 
_entity_src_gen.pdbx_host_org_cellular_location    ? 
_entity_src_gen.pdbx_host_org_vector_type          plasmid 
_entity_src_gen.pdbx_host_org_vector               ? 
_entity_src_gen.host_org_details                   ? 
_entity_src_gen.expression_system_id               ? 
_entity_src_gen.plasmid_name                       PET28-LIC 
_entity_src_gen.plasmid_details                    ? 
_entity_src_gen.pdbx_description                   ? 
# 
loop_
_chem_comp.id 
_chem_comp.type 
_chem_comp.mon_nstd_flag 
_chem_comp.name 
_chem_comp.pdbx_synonyms 
_chem_comp.formula 
_chem_comp.formula_weight 
ALA 'L-peptide linking' y ALANINE         ? 'C3 H7 N O2'     89.093  
ARG 'L-peptide linking' y ARGININE        ? 'C6 H15 N4 O2 1' 175.209 
ASN 'L-peptide linking' y ASPARAGINE      ? 'C4 H8 N2 O3'    132.118 
ASP 'L-peptide linking' y 'ASPARTIC ACID' ? 'C4 H7 N O4'     133.103 
CYS 'L-peptide linking' y CYSTEINE        ? 'C3 H7 N O2 S'   121.158 
GLN 'L-peptide linking' y GLUTAMINE       ? 'C5 H10 N2 O3'   146.144 
GLU 'L-peptide linking' y 'GLUTAMIC ACID' ? 'C5 H9 N O4'     147.129 
GLY 'peptide linking'   y GLYCINE         ? 'C2 H5 N O2'     75.067  
HIS 'L-peptide linking' y HISTIDINE       ? 'C6 H10 N3 O2 1' 156.162 
HOH non-polymer         . WATER           ? 'H2 O'           18.015  
ILE 'L-peptide linking' y ISOLEUCINE      ? 'C6 H13 N O2'    131.173 
LEU 'L-peptide linking' y LEUCINE         ? 'C6 H13 N O2'    131.173 
LYS 'L-peptide linking' y LYSINE          ? 'C6 H15 N2 O2 1' 147.195 
MET 'L-peptide linking' y METHIONINE      ? 'C5 H11 N O2 S'  149.211 
PHE 'L-peptide linking' y PHENYLALANINE   ? 'C9 H11 N O2'    165.189 
PRO 'L-peptide linking' y PROLINE         ? 'C5 H9 N O2'     115.130 
SER 'L-peptide linking' y SERINE          ? 'C3 H7 N O3'     105.093 
THR 'L-peptide linking' y THREONINE       ? 'C4 H9 N O3'     119.119 
TRP 'L-peptide linking' y TRYPTOPHAN      ? 'C11 H12 N2 O2'  204.225 
TYR 'L-peptide linking' y TYROSINE        ? 'C9 H11 N O3'    181.189 
VAL 'L-peptide linking' y VALINE          ? 'C5 H11 N O2'    117.146 
# 
loop_
_pdbx_poly_seq_scheme.asym_id 
_pdbx_poly_seq_scheme.entity_id 
_pdbx_poly_seq_scheme.seq_id 
_pdbx_poly_seq_scheme.mon_id 
_pdbx_poly_seq_scheme.ndb_seq_num 
_pdbx_poly_seq_scheme.pdb_seq_num 
_pdbx_poly_seq_scheme.auth_seq_num 
_pdbx_poly_seq_scheme.pdb_mon_id 
_pdbx_poly_seq_scheme.auth_mon_id 
_pdbx_poly_seq_scheme.pdb_strand_id 
_pdbx_poly_seq_scheme.pdb_ins_code 
_pdbx_poly_seq_scheme.hetero 
A 1 1   MET 1   174 ?   ?   ?   A . n 
A 1 2   GLY 2   175 ?   ?   ?   A . n 
A 1 3   SER 3   176 ?   ?   ?   A . n 
A 1 4   SER 4   177 ?   ?   ?   A . n 
A 1 5   HIS 5   178 ?   ?   ?   A . n 
A 1 6   HIS 6   179 ?   ?   ?   A . n 
A 1 7   HIS 7   180 ?   ?   ?   A . n 
A 1 8   HIS 8   181 ?   ?   ?   A . n 
A 1 9   HIS 9   182 ?   ?   ?   A . n 
A 1 10  HIS 10  183 ?   ?   ?   A . n 
A 1 11  SER 11  184 184 SER SER A . n 
A 1 12  SER 12  185 185 SER SER A . n 
A 1 13  GLY 13  186 186 GLY GLY A . n 
A 1 14  LEU 14  187 187 LEU LEU A . n 
A 1 15  VAL 15  188 188 VAL VAL A . n 
A 1 16  PRO 16  189 189 PRO PRO A . n 
A 1 17  ARG 17  190 190 ARG ARG A . n 
A 1 18  GLY 18  191 191 GLY GLY A . n 
A 1 19  SER 19  192 192 SER SER A . n 
A 1 20  THR 20  193 193 THR THR A . n 
A 1 21  ILE 21  194 194 ILE ILE A . n 
A 1 22  GLU 22  195 195 GLU GLU A . n 
A 1 23  TYR 23  196 196 TYR TYR A . n 
A 1 24  ASN 24  197 197 ASN ASN A . n 
A 1 25  GLU 25  198 198 GLU GLU A . n 
A 1 26  ILE 26  199 199 ILE ILE A . n 
A 1 27  LEU 27  200 200 LEU LEU A . n 
A 1 28  GLU 28  201 201 GLU GLU A . n 
A 1 29  TRP 29  202 202 TRP TRP A . n 
A 1 30  VAL 30  203 203 VAL VAL A . n 
A 1 31  ASN 31  204 204 ASN ASN A . n 
A 1 32  SER 32  205 205 SER SER A . n 
A 1 33  LEU 33  206 206 LEU LEU A . n 
A 1 34  GLN 34  207 207 GLN GLN A . n 
A 1 35  PRO 35  208 208 PRO PRO A . n 
A 1 36  ALA 36  209 209 ALA ALA A . n 
A 1 37  ARG 37  210 210 ARG ARG A . n 
A 1 38  VAL 38  211 211 VAL VAL A . n 
A 1 39  THR 39  212 212 THR THR A . n 
A 1 40  ARG 40  213 213 ARG ARG A . n 
A 1 41  TRP 41  214 214 TRP TRP A . n 
A 1 42  GLY 42  215 215 GLY GLY A . n 
A 1 43  GLY 43  216 216 GLY GLY A . n 
A 1 44  MET 44  217 217 MET MET A . n 
A 1 45  ILE 45  218 218 ILE ILE A . n 
A 1 46  SER 46  219 219 SER SER A . n 
A 1 47  THR 47  220 220 THR THR A . n 
A 1 48  PRO 48  221 221 PRO PRO A . n 
A 1 49  ASP 49  222 222 ASP ASP A . n 
A 1 50  ALA 50  223 223 ALA ALA A . n 
A 1 51  VAL 51  224 224 VAL VAL A . n 
A 1 52  LEU 52  225 225 LEU LEU A . n 
A 1 53  GLN 53  226 226 GLN GLN A . n 
A 1 54  ALA 54  227 227 ALA ALA A . n 
A 1 55  VAL 55  228 228 VAL VAL A . n 
A 1 56  ILE 56  229 229 ILE ILE A . n 
A 1 57  LYS 57  230 230 LYS LYS A . n 
A 1 58  ARG 58  231 231 ARG ARG A . n 
A 1 59  SER 59  232 232 SER SER A . n 
A 1 60  LEU 60  233 233 LEU LEU A . n 
A 1 61  VAL 61  234 234 VAL VAL A . n 
A 1 62  GLU 62  235 235 GLU GLU A . n 
A 1 63  SER 63  236 236 SER SER A . n 
A 1 64  GLY 64  237 237 GLY GLY A . n 
A 1 65  CYS 65  238 238 CYS CYS A . n 
A 1 66  PRO 66  239 239 PRO PRO A . n 
A 1 67  ALA 67  240 240 ALA ALA A . n 
A 1 68  SER 68  241 241 SER SER A . n 
A 1 69  ILE 69  242 242 ILE ILE A . n 
A 1 70  VAL 70  243 243 VAL VAL A . n 
A 1 71  ASN 71  244 244 ASN ASN A . n 
A 1 72  GLU 72  245 245 GLU GLU A . n 
A 1 73  LEU 73  246 246 LEU LEU A . n 
A 1 74  ILE 74  247 247 ILE ILE A . n 
A 1 75  GLU 75  248 248 GLU GLU A . n 
A 1 76  ASN 76  249 249 ASN ASN A . n 
A 1 77  ALA 77  250 250 ALA ALA A . n 
A 1 78  HIS 78  251 251 HIS HIS A . n 
A 1 79  GLU 79  252 252 GLU GLU A . n 
A 1 80  ARG 80  253 253 ARG ARG A . n 
A 1 81  SER 81  254 254 SER SER A . n 
A 1 82  TRP 82  255 255 TRP TRP A . n 
A 1 83  PRO 83  256 256 PRO PRO A . n 
A 1 84  GLN 84  257 257 GLN GLN A . n 
A 1 85  GLY 85  258 258 GLY GLY A . n 
A 1 86  LEU 86  259 259 LEU LEU A . n 
A 1 87  ALA 87  260 260 ALA ALA A . n 
A 1 88  THR 88  261 261 THR THR A . n 
A 1 89  LEU 89  262 262 LEU LEU A . n 
A 1 90  GLU 90  263 263 GLU GLU A . n 
A 1 91  THR 91  264 264 THR THR A . n 
A 1 92  ARG 92  265 265 ARG ARG A . n 
A 1 93  GLN 93  266 266 GLN GLN A . n 
A 1 94  MET 94  267 267 MET MET A . n 
A 1 95  ASN 95  268 268 ASN ASN A . n 
A 1 96  ARG 96  269 269 ARG ARG A . n 
A 1 97  ARG 97  270 270 ARG ARG A . n 
A 1 98  TYR 98  271 271 TYR TYR A . n 
A 1 99  TYR 99  272 272 TYR TYR A . n 
A 1 100 GLU 100 273 273 GLU GLU A . n 
A 1 101 ASN 101 274 274 ASN ASN A . n 
A 1 102 TYR 102 275 275 TYR TYR A . n 
A 1 103 VAL 103 276 276 VAL VAL A . n 
A 1 104 ALA 104 277 277 ALA ALA A . n 
A 1 105 LYS 105 278 278 LYS LYS A . n 
A 1 106 ARG 106 279 279 ARG ARG A . n 
A 1 107 ILE 107 280 280 ILE ILE A . n 
A 1 108 PRO 108 281 281 PRO PRO A . n 
A 1 109 GLY 109 282 282 GLY GLY A . n 
A 1 110 LYS 110 283 283 LYS LYS A . n 
A 1 111 GLN 111 284 284 GLN GLN A . n 
A 1 112 ALA 112 285 285 ALA ALA A . n 
A 1 113 VAL 113 286 286 VAL VAL A . n 
A 1 114 VAL 114 287 287 VAL VAL A . n 
A 1 115 VAL 115 288 288 VAL VAL A . n 
A 1 116 MET 116 289 289 MET MET A . n 
A 1 117 ALA 117 290 290 ALA ALA A . n 
A 1 118 CYS 118 291 291 CYS CYS A . n 
A 1 119 GLU 119 292 292 GLU GLU A . n 
A 1 120 ASN 120 293 293 ASN ASN A . n 
A 1 121 GLN 121 294 294 GLN GLN A . n 
A 1 122 HIS 122 295 295 HIS HIS A . n 
A 1 123 MET 123 296 296 MET MET A . n 
A 1 124 GLY 124 297 297 GLY GLY A . n 
A 1 125 ASP 125 298 298 ASP ASP A . n 
A 1 126 ASP 126 299 299 ASP ASP A . n 
A 1 127 MET 127 300 300 MET MET A . n 
A 1 128 VAL 128 301 301 VAL VAL A . n 
A 1 129 GLN 129 302 302 GLN GLN A . n 
A 1 130 GLU 130 303 303 GLU GLU A . n 
A 1 131 PRO 131 304 304 PRO PRO A . n 
A 1 132 GLY 132 305 305 GLY GLY A . n 
A 1 133 LEU 133 306 306 LEU LEU A . n 
A 1 134 VAL 134 307 307 VAL VAL A . n 
A 1 135 MET 135 308 308 MET MET A . n 
A 1 136 ILE 136 309 309 ILE ILE A . n 
A 1 137 PHE 137 310 310 PHE PHE A . n 
A 1 138 ALA 138 311 311 ALA ALA A . n 
A 1 139 HIS 139 312 312 HIS HIS A . n 
A 1 140 GLY 140 313 313 GLY GLY A . n 
A 1 141 VAL 141 314 314 VAL VAL A . n 
A 1 142 GLU 142 315 315 GLU GLU A . n 
A 1 143 GLU 143 316 316 GLU GLU A . n 
A 1 144 ILE 144 317 317 ILE ILE A . n 
# 
loop_
_pdbx_nonpoly_scheme.asym_id 
_pdbx_nonpoly_scheme.entity_id 
_pdbx_nonpoly_scheme.mon_id 
_pdbx_nonpoly_scheme.ndb_seq_num 
_pdbx_nonpoly_scheme.pdb_seq_num 
_pdbx_nonpoly_scheme.auth_seq_num 
_pdbx_nonpoly_scheme.pdb_mon_id 
_pdbx_nonpoly_scheme.auth_mon_id 
_pdbx_nonpoly_scheme.pdb_strand_id 
_pdbx_nonpoly_scheme.pdb_ins_code 
B 2 HOH 1  1  1  HOH HOH A . 
B 2 HOH 2  2  2  HOH HOH A . 
B 2 HOH 3  3  3  HOH HOH A . 
B 2 HOH 4  4  4  HOH HOH A . 
B 2 HOH 5  5  5  HOH HOH A . 
B 2 HOH 6  6  6  HOH HOH A . 
B 2 HOH 7  7  7  HOH HOH A . 
B 2 HOH 8  8  8  HOH HOH A . 
B 2 HOH 9  9  9  HOH HOH A . 
B 2 HOH 10 10 10 HOH HOH A . 
B 2 HOH 11 11 11 HOH HOH A . 
B 2 HOH 12 12 12 HOH HOH A . 
B 2 HOH 13 13 13 HOH HOH A . 
B 2 HOH 14 14 14 HOH HOH A . 
B 2 HOH 15 15 15 HOH HOH A . 
B 2 HOH 16 16 16 HOH HOH A . 
B 2 HOH 17 17 17 HOH HOH A . 
B 2 HOH 18 18 18 HOH HOH A . 
B 2 HOH 19 19 19 HOH HOH A . 
B 2 HOH 20 20 20 HOH HOH A . 
B 2 HOH 21 21 21 HOH HOH A . 
B 2 HOH 22 22 22 HOH HOH A . 
B 2 HOH 23 23 23 HOH HOH A . 
B 2 HOH 24 24 24 HOH HOH A . 
B 2 HOH 25 25 25 HOH HOH A . 
B 2 HOH 26 26 26 HOH HOH A . 
B 2 HOH 27 27 27 HOH HOH A . 
B 2 HOH 28 28 28 HOH HOH A . 
B 2 HOH 29 29 29 HOH HOH A . 
B 2 HOH 30 30 30 HOH HOH A . 
B 2 HOH 31 31 31 HOH HOH A . 
B 2 HOH 32 32 32 HOH HOH A . 
B 2 HOH 33 33 33 HOH HOH A . 
B 2 HOH 34 34 34 HOH HOH A . 
B 2 HOH 35 35 35 HOH HOH A . 
B 2 HOH 36 36 36 HOH HOH A . 
B 2 HOH 37 37 37 HOH HOH A . 
B 2 HOH 38 38 38 HOH HOH A . 
B 2 HOH 39 39 39 HOH HOH A . 
B 2 HOH 40 40 40 HOH HOH A . 
B 2 HOH 41 41 41 HOH HOH A . 
B 2 HOH 42 42 42 HOH HOH A . 
B 2 HOH 43 43 43 HOH HOH A . 
B 2 HOH 44 44 44 HOH HOH A . 
B 2 HOH 45 45 45 HOH HOH A . 
B 2 HOH 46 46 46 HOH HOH A . 
B 2 HOH 47 47 47 HOH HOH A . 
B 2 HOH 48 48 48 HOH HOH A . 
B 2 HOH 49 49 49 HOH HOH A . 
B 2 HOH 50 50 50 HOH HOH A . 
B 2 HOH 51 51 51 HOH HOH A . 
B 2 HOH 52 52 52 HOH HOH A . 
B 2 HOH 53 53 53 HOH HOH A . 
B 2 HOH 54 54 54 HOH HOH A . 
B 2 HOH 55 55 55 HOH HOH A . 
B 2 HOH 56 56 56 HOH HOH A . 
B 2 HOH 57 57 57 HOH HOH A . 
B 2 HOH 58 58 58 HOH HOH A . 
B 2 HOH 59 59 59 HOH HOH A . 
B 2 HOH 60 60 60 HOH HOH A . 
B 2 HOH 61 61 61 HOH HOH A . 
B 2 HOH 62 62 62 HOH HOH A . 
B 2 HOH 63 63 63 HOH HOH A . 
B 2 HOH 64 64 64 HOH HOH A . 
B 2 HOH 65 65 65 HOH HOH A . 
B 2 HOH 66 66 66 HOH HOH A . 
B 2 HOH 67 67 67 HOH HOH A . 
B 2 HOH 68 68 68 HOH HOH A . 
B 2 HOH 69 69 69 HOH HOH A . 
B 2 HOH 70 70 70 HOH HOH A . 
B 2 HOH 71 71 71 HOH HOH A . 
B 2 HOH 72 72 72 HOH HOH A . 
B 2 HOH 73 73 73 HOH HOH A . 
B 2 HOH 74 74 74 HOH HOH A . 
B 2 HOH 75 75 75 HOH HOH A . 
B 2 HOH 76 76 76 HOH HOH A . 
B 2 HOH 77 77 77 HOH HOH A . 
B 2 HOH 78 78 78 HOH HOH A . 
B 2 HOH 79 79 79 HOH HOH A . 
B 2 HOH 80 80 80 HOH HOH A . 
B 2 HOH 81 81 81 HOH HOH A . 
B 2 HOH 82 82 82 HOH HOH A . 
B 2 HOH 83 83 83 HOH HOH A . 
B 2 HOH 84 84 84 HOH HOH A . 
B 2 HOH 85 85 85 HOH HOH A . 
B 2 HOH 86 86 86 HOH HOH A . 
B 2 HOH 87 87 87 HOH HOH A . 
B 2 HOH 88 88 88 HOH HOH A . 
B 2 HOH 89 89 89 HOH HOH A . 
B 2 HOH 90 90 90 HOH HOH A . 
B 2 HOH 91 91 91 HOH HOH A . 
B 2 HOH 92 92 92 HOH HOH A . 
B 2 HOH 93 93 93 HOH HOH A . 
B 2 HOH 94 94 94 HOH HOH A . 
B 2 HOH 95 95 95 HOH HOH A . 
B 2 HOH 96 96 96 HOH HOH A . 
B 2 HOH 97 97 97 HOH HOH A . 
B 2 HOH 98 98 98 HOH HOH A . 
B 2 HOH 99 99 99 HOH HOH A . 
# 
loop_
_software.name 
_software.classification 
_software.version 
_software.citation_id 
_software.pdbx_ordinal 
REFMAC    refinement       5.2.0019 ? 1 
HKL-2000  'data reduction' .        ? 2 
SCALEPACK 'data scaling'   .        ? 3 
PHASER    phasing          .        ? 4 
ARP/wARP  'model building' .        ? 5 
# 
_cell.entry_id           2FZP 
_cell.length_a           34.796 
_cell.length_b           44.262 
_cell.length_c           88.339 
_cell.angle_alpha        90.00 
_cell.angle_beta         90.00 
_cell.angle_gamma        90.00 
_cell.Z_PDB              4 
_cell.pdbx_unique_axis   ? 
_cell.length_a_esd       ? 
_cell.length_b_esd       ? 
_cell.length_c_esd       ? 
_cell.angle_alpha_esd    ? 
_cell.angle_beta_esd     ? 
_cell.angle_gamma_esd    ? 
# 
_symmetry.entry_id                         2FZP 
_symmetry.space_group_name_H-M             'P 21 21 21' 
_symmetry.pdbx_full_space_group_name_H-M   ? 
_symmetry.cell_setting                     ? 
_symmetry.Int_Tables_number                19 
_symmetry.space_group_name_Hall            ? 
# 
_exptl.entry_id          2FZP 
_exptl.method            'X-RAY DIFFRACTION' 
_exptl.crystals_number   1 
# 
_exptl_crystal.id                    1 
_exptl_crystal.density_meas          ? 
_exptl_crystal.density_Matthews      2.10 
_exptl_crystal.density_percent_sol   41.49 
_exptl_crystal.description           ? 
_exptl_crystal.F_000                 ? 
_exptl_crystal.preparation           ? 
# 
_exptl_crystal_grow.crystal_id      1 
_exptl_crystal_grow.method          'VAPOR DIFFUSION, HANGING DROP' 
_exptl_crystal_grow.temp            298.0 
_exptl_crystal_grow.temp_details    ? 
_exptl_crystal_grow.pH              7.0 
_exptl_crystal_grow.pdbx_details    
'1.8M (NH4)2SO4, 0.1M HEPES pH 7.0,0.2M NaCl, 0.001M DTT, VAPOR DIFFUSION, HANGING DROP, temperature 298.0K' 
_exptl_crystal_grow.pdbx_pH_range   . 
# 
_diffrn.id                     1 
_diffrn.ambient_temp           100 
_diffrn.ambient_temp_details   ? 
_diffrn.crystal_id             1 
# 
_diffrn_detector.diffrn_id              1 
_diffrn_detector.detector               CCD 
_diffrn_detector.type                   SBC-3 
_diffrn_detector.pdbx_collection_date   2005-11-04 
_diffrn_detector.details                ? 
# 
_diffrn_radiation.diffrn_id                        1 
_diffrn_radiation.wavelength_id                    1 
_diffrn_radiation.pdbx_monochromatic_or_laue_m_l   M 
_diffrn_radiation.monochromator                    ? 
_diffrn_radiation.pdbx_diffrn_protocol             'SINGLE WAVELENGTH' 
_diffrn_radiation.pdbx_scattering_type             x-ray 
# 
_diffrn_radiation_wavelength.id           1 
_diffrn_radiation_wavelength.wavelength   1.00769 
_diffrn_radiation_wavelength.wt           1.0 
# 
_diffrn_source.diffrn_id                   1 
_diffrn_source.source                      SYNCHROTRON 
_diffrn_source.type                        'APS BEAMLINE 19-BM' 
_diffrn_source.pdbx_synchrotron_site       APS 
_diffrn_source.pdbx_synchrotron_beamline   19-BM 
_diffrn_source.pdbx_wavelength             ? 
_diffrn_source.pdbx_wavelength_list        1.00769 
# 
_reflns.entry_id                     2FZP 
_reflns.observed_criterion_sigma_I   -3 
_reflns.observed_criterion_sigma_F   0.0 
_reflns.d_resolution_low             27.36 
_reflns.d_resolution_high            1.87 
_reflns.number_obs                   12100 
_reflns.number_all                   12100 
_reflns.percent_possible_obs         99.0 
_reflns.pdbx_Rmerge_I_obs            0.14 
_reflns.pdbx_Rsym_value              ? 
_reflns.pdbx_netI_over_sigmaI        8.97 
_reflns.B_iso_Wilson_estimate        ? 
_reflns.pdbx_redundancy              4.3 
_reflns.R_free_details               ? 
_reflns.limit_h_max                  ? 
_reflns.limit_h_min                  ? 
_reflns.limit_k_max                  ? 
_reflns.limit_k_min                  ? 
_reflns.limit_l_max                  ? 
_reflns.limit_l_min                  ? 
_reflns.observed_criterion_F_max     ? 
_reflns.observed_criterion_F_min     ? 
_reflns.pdbx_chi_squared             ? 
_reflns.pdbx_scaling_rejects         ? 
_reflns.pdbx_ordinal                 1 
_reflns.pdbx_diffrn_id               1 
# 
_reflns_shell.d_res_high             1.87 
_reflns_shell.d_res_low              1.94 
_reflns_shell.percent_possible_all   100 
_reflns_shell.Rmerge_I_obs           0.653 
_reflns_shell.pdbx_Rsym_value        ? 
_reflns_shell.meanI_over_sigI_obs    1.52 
_reflns_shell.pdbx_redundancy        4.4 
_reflns_shell.percent_possible_obs   ? 
_reflns_shell.number_unique_all      1173 
_reflns_shell.number_measured_all    ? 
_reflns_shell.number_measured_obs    ? 
_reflns_shell.number_unique_obs      ? 
_reflns_shell.pdbx_chi_squared       ? 
_reflns_shell.pdbx_ordinal           1 
_reflns_shell.pdbx_diffrn_id         1 
# 
_refine.entry_id                                 2FZP 
_refine.ls_number_reflns_obs                     10951 
_refine.ls_number_reflns_all                     ? 
_refine.pdbx_ls_sigma_I                          ? 
_refine.pdbx_ls_sigma_F                          ? 
_refine.pdbx_data_cutoff_high_absF               ? 
_refine.pdbx_data_cutoff_low_absF                ? 
_refine.pdbx_data_cutoff_high_rms_absF           ? 
_refine.ls_d_res_low                             27.36 
_refine.ls_d_res_high                            1.87 
_refine.ls_percent_reflns_obs                    98.96 
_refine.ls_R_factor_obs                          0.172 
_refine.ls_R_factor_all                          ? 
_refine.ls_R_factor_R_work                       0.16916 
_refine.ls_R_factor_R_free                       0.23163 
_refine.ls_R_factor_R_free_error                 ? 
_refine.ls_R_factor_R_free_error_details         ? 
_refine.ls_percent_reflns_R_free                 4.8 
_refine.ls_number_reflns_R_free                  549 
_refine.ls_number_parameters                     ? 
_refine.ls_number_restraints                     ? 
_refine.occupancy_min                            ? 
_refine.occupancy_max                            ? 
_refine.correlation_coeff_Fo_to_Fc               0.953 
_refine.correlation_coeff_Fo_to_Fc_free          0.918 
_refine.B_iso_mean                               15.627 
_refine.aniso_B[1][1]                            -0.47 
_refine.aniso_B[2][2]                            0.52 
_refine.aniso_B[3][3]                            -0.06 
_refine.aniso_B[1][2]                            0.00 
_refine.aniso_B[1][3]                            0.00 
_refine.aniso_B[2][3]                            0.00 
_refine.solvent_model_details                    'BABINET MODEL WITH MASK' 
_refine.solvent_model_param_ksol                 ? 
_refine.solvent_model_param_bsol                 ? 
_refine.pdbx_solvent_vdw_probe_radii             1.20 
_refine.pdbx_solvent_ion_probe_radii             0.80 
_refine.pdbx_solvent_shrinkage_radii             0.80 
_refine.pdbx_ls_cross_valid_method               THROUGHOUT 
_refine.details                                  'HYDROGENS HAVE BEEN ADDED IN THE RIDING POSITIONS' 
_refine.pdbx_starting_model                      ? 
_refine.pdbx_method_to_determine_struct          'MOLECULAR REPLACEMENT' 
_refine.pdbx_isotropic_thermal_model             ? 
_refine.pdbx_stereochemistry_target_values       'MAXIMUM LIKELIHOOD' 
_refine.pdbx_stereochem_target_val_spec_case     ? 
_refine.pdbx_R_Free_selection_details            RANDOM 
_refine.pdbx_overall_ESU_R                       0.137 
_refine.pdbx_overall_ESU_R_Free                  0.143 
_refine.overall_SU_ML                            0.088 
_refine.overall_SU_B                             5.882 
_refine.ls_redundancy_reflns_obs                 ? 
_refine.B_iso_min                                ? 
_refine.B_iso_max                                ? 
_refine.overall_SU_R_Cruickshank_DPI             ? 
_refine.overall_SU_R_free                        ? 
_refine.ls_wR_factor_R_free                      ? 
_refine.ls_wR_factor_R_work                      ? 
_refine.overall_FOM_free_R_set                   ? 
_refine.overall_FOM_work_R_set                   ? 
_refine.pdbx_refine_id                           'X-RAY DIFFRACTION' 
_refine.pdbx_TLS_residual_ADP_flag               'LIKELY RESIDUAL' 
_refine.pdbx_diffrn_id                           1 
_refine.pdbx_overall_phase_error                 ? 
_refine.pdbx_overall_SU_R_free_Cruickshank_DPI   ? 
_refine.pdbx_overall_SU_R_Blow_DPI               ? 
_refine.pdbx_overall_SU_R_free_Blow_DPI          ? 
# 
_refine_hist.pdbx_refine_id                   'X-RAY DIFFRACTION' 
_refine_hist.cycle_id                         LAST 
_refine_hist.pdbx_number_atoms_protein        1047 
_refine_hist.pdbx_number_atoms_nucleic_acid   0 
_refine_hist.pdbx_number_atoms_ligand         0 
_refine_hist.number_atoms_solvent             99 
_refine_hist.number_atoms_total               1146 
_refine_hist.d_res_high                       1.87 
_refine_hist.d_res_low                        27.36 
# 
loop_
_refine_ls_restr.type 
_refine_ls_restr.dev_ideal 
_refine_ls_restr.dev_ideal_target 
_refine_ls_restr.weight 
_refine_ls_restr.number 
_refine_ls_restr.pdbx_refine_id 
_refine_ls_restr.pdbx_restraint_function 
r_bond_refined_d         0.017  0.022  ? 1067 'X-RAY DIFFRACTION' ? 
r_angle_refined_deg      1.552  1.950  ? 1448 'X-RAY DIFFRACTION' ? 
r_dihedral_angle_1_deg   5.659  5.000  ? 133  'X-RAY DIFFRACTION' ? 
r_dihedral_angle_2_deg   39.217 24.200 ? 50   'X-RAY DIFFRACTION' ? 
r_dihedral_angle_3_deg   13.178 15.000 ? 184  'X-RAY DIFFRACTION' ? 
r_dihedral_angle_4_deg   18.452 15.000 ? 9    'X-RAY DIFFRACTION' ? 
r_chiral_restr           0.106  0.200  ? 161  'X-RAY DIFFRACTION' ? 
r_gen_planes_refined     0.007  0.020  ? 812  'X-RAY DIFFRACTION' ? 
r_nbd_refined            0.215  0.200  ? 471  'X-RAY DIFFRACTION' ? 
r_nbtor_refined          0.306  0.200  ? 752  'X-RAY DIFFRACTION' ? 
r_xyhbond_nbd_refined    0.136  0.200  ? 75   'X-RAY DIFFRACTION' ? 
r_symmetry_vdw_refined   0.203  0.200  ? 41   'X-RAY DIFFRACTION' ? 
r_symmetry_hbond_refined 0.150  0.200  ? 6    'X-RAY DIFFRACTION' ? 
r_mcbond_it              2.045  3.000  ? 686  'X-RAY DIFFRACTION' ? 
r_mcangle_it             2.510  4.000  ? 1078 'X-RAY DIFFRACTION' ? 
r_scbond_it              3.809  5.000  ? 435  'X-RAY DIFFRACTION' ? 
r_scangle_it             5.778  7.000  ? 370  'X-RAY DIFFRACTION' ? 
# 
_refine_ls_shell.pdbx_total_number_of_bins_used   20 
_refine_ls_shell.d_res_high                       1.873 
_refine_ls_shell.d_res_low                        1.922 
_refine_ls_shell.number_reflns_R_work             663 
_refine_ls_shell.R_factor_R_work                  0.213 
_refine_ls_shell.percent_reflns_obs               99.58 
_refine_ls_shell.R_factor_R_free                  0.395 
_refine_ls_shell.R_factor_R_free_error            ? 
_refine_ls_shell.percent_reflns_R_free            ? 
_refine_ls_shell.number_reflns_R_free             43 
_refine_ls_shell.number_reflns_all                ? 
_refine_ls_shell.R_factor_all                     ? 
_refine_ls_shell.number_reflns_obs                ? 
_refine_ls_shell.redundancy_reflns_obs            ? 
_refine_ls_shell.pdbx_refine_id                   'X-RAY DIFFRACTION' 
# 
_struct.entry_id                  2FZP 
_struct.title                     'Crystal structure of the USP8 interaction domain of human NRDP1' 
_struct.pdbx_model_details        ? 
_struct.pdbx_CASP_flag            ? 
_struct.pdbx_model_type_details   ? 
# 
_struct_keywords.entry_id        2FZP 
_struct_keywords.pdbx_keywords   LIGASE 
_struct_keywords.text            
'E3 Ligase, protein ubiquitination, Structural Genomics, Structural Genomics Consortium, SGC, LIGASE' 
# 
loop_
_struct_asym.id 
_struct_asym.pdbx_blank_PDB_chainid_flag 
_struct_asym.pdbx_modified 
_struct_asym.entity_id 
_struct_asym.details 
A N N 1 ? 
B N N 2 ? 
# 
_struct_ref.id                         1 
_struct_ref.db_name                    UNP 
_struct_ref.db_code                    RNF41_HUMAN 
_struct_ref.pdbx_db_accession          Q9H4P4 
_struct_ref.entity_id                  1 
_struct_ref.pdbx_seq_one_letter_code   
;TIEYNEILEWVNSLQPARVTRWGGMISTPDAVLQAVIKRSLVESGCPASIVNELIENAHERSWPQGLATLETRQMNRRYY
ENYVAKRIPGKQAVVVMACENQHMGDDMVQEPGLVMIFAHGVEEI
;
_struct_ref.pdbx_align_begin           193 
_struct_ref.pdbx_db_isoform            ? 
# 
_struct_ref_seq.align_id                      1 
_struct_ref_seq.ref_id                        1 
_struct_ref_seq.pdbx_PDB_id_code              2FZP 
_struct_ref_seq.pdbx_strand_id                A 
_struct_ref_seq.seq_align_beg                 20 
_struct_ref_seq.pdbx_seq_align_beg_ins_code   ? 
_struct_ref_seq.seq_align_end                 144 
_struct_ref_seq.pdbx_seq_align_end_ins_code   ? 
_struct_ref_seq.pdbx_db_accession             Q9H4P4 
_struct_ref_seq.db_align_beg                  193 
_struct_ref_seq.pdbx_db_align_beg_ins_code    ? 
_struct_ref_seq.db_align_end                  317 
_struct_ref_seq.pdbx_db_align_end_ins_code    ? 
_struct_ref_seq.pdbx_auth_seq_align_beg       193 
_struct_ref_seq.pdbx_auth_seq_align_end       317 
# 
loop_
_struct_ref_seq_dif.align_id 
_struct_ref_seq_dif.pdbx_pdb_id_code 
_struct_ref_seq_dif.mon_id 
_struct_ref_seq_dif.pdbx_pdb_strand_id 
_struct_ref_seq_dif.seq_num 
_struct_ref_seq_dif.pdbx_pdb_ins_code 
_struct_ref_seq_dif.pdbx_seq_db_name 
_struct_ref_seq_dif.pdbx_seq_db_accession_code 
_struct_ref_seq_dif.db_mon_id 
_struct_ref_seq_dif.pdbx_seq_db_seq_num 
_struct_ref_seq_dif.details 
_struct_ref_seq_dif.pdbx_auth_seq_num 
_struct_ref_seq_dif.pdbx_ordinal 
1 2FZP MET A 1  ? UNP Q9H4P4 ? ? 'cloning artifact' 174 1  
1 2FZP GLY A 2  ? UNP Q9H4P4 ? ? 'cloning artifact' 175 2  
1 2FZP SER A 3  ? UNP Q9H4P4 ? ? 'cloning artifact' 176 3  
1 2FZP SER A 4  ? UNP Q9H4P4 ? ? 'cloning artifact' 177 4  
1 2FZP HIS A 5  ? UNP Q9H4P4 ? ? 'cloning artifact' 178 5  
1 2FZP HIS A 6  ? UNP Q9H4P4 ? ? 'cloning artifact' 179 6  
1 2FZP HIS A 7  ? UNP Q9H4P4 ? ? 'cloning artifact' 180 7  
1 2FZP HIS A 8  ? UNP Q9H4P4 ? ? 'cloning artifact' 181 8  
1 2FZP HIS A 9  ? UNP Q9H4P4 ? ? 'cloning artifact' 182 9  
1 2FZP HIS A 10 ? UNP Q9H4P4 ? ? 'cloning artifact' 183 10 
1 2FZP SER A 11 ? UNP Q9H4P4 ? ? 'cloning artifact' 184 11 
1 2FZP SER A 12 ? UNP Q9H4P4 ? ? 'cloning artifact' 185 12 
1 2FZP GLY A 13 ? UNP Q9H4P4 ? ? 'cloning artifact' 186 13 
1 2FZP LEU A 14 ? UNP Q9H4P4 ? ? 'cloning artifact' 187 14 
1 2FZP VAL A 15 ? UNP Q9H4P4 ? ? 'cloning artifact' 188 15 
1 2FZP PRO A 16 ? UNP Q9H4P4 ? ? 'cloning artifact' 189 16 
1 2FZP ARG A 17 ? UNP Q9H4P4 ? ? 'cloning artifact' 190 17 
1 2FZP GLY A 18 ? UNP Q9H4P4 ? ? 'cloning artifact' 191 18 
1 2FZP SER A 19 ? UNP Q9H4P4 ? ? 'cloning artifact' 192 19 
# 
_pdbx_struct_assembly.id                   1 
_pdbx_struct_assembly.details              author_defined_assembly 
_pdbx_struct_assembly.method_details       ? 
_pdbx_struct_assembly.oligomeric_details   monomeric 
_pdbx_struct_assembly.oligomeric_count     1 
# 
_pdbx_struct_assembly_gen.assembly_id       1 
_pdbx_struct_assembly_gen.oper_expression   1 
_pdbx_struct_assembly_gen.asym_id_list      A,B 
# 
_pdbx_struct_oper_list.id                   1 
_pdbx_struct_oper_list.type                 'identity operation' 
_pdbx_struct_oper_list.name                 1_555 
_pdbx_struct_oper_list.symmetry_operation   x,y,z 
_pdbx_struct_oper_list.matrix[1][1]         1.0000000000 
_pdbx_struct_oper_list.matrix[1][2]         0.0000000000 
_pdbx_struct_oper_list.matrix[1][3]         0.0000000000 
_pdbx_struct_oper_list.vector[1]            0.0000000000 
_pdbx_struct_oper_list.matrix[2][1]         0.0000000000 
_pdbx_struct_oper_list.matrix[2][2]         1.0000000000 
_pdbx_struct_oper_list.matrix[2][3]         0.0000000000 
_pdbx_struct_oper_list.vector[2]            0.0000000000 
_pdbx_struct_oper_list.matrix[3][1]         0.0000000000 
_pdbx_struct_oper_list.matrix[3][2]         0.0000000000 
_pdbx_struct_oper_list.matrix[3][3]         1.0000000000 
_pdbx_struct_oper_list.vector[3]            0.0000000000 
# 
_struct_biol.id   1 
# 
loop_
_struct_conf.conf_type_id 
_struct_conf.id 
_struct_conf.pdbx_PDB_helix_id 
_struct_conf.beg_label_comp_id 
_struct_conf.beg_label_asym_id 
_struct_conf.beg_label_seq_id 
_struct_conf.pdbx_beg_PDB_ins_code 
_struct_conf.end_label_comp_id 
_struct_conf.end_label_asym_id 
_struct_conf.end_label_seq_id 
_struct_conf.pdbx_end_PDB_ins_code 
_struct_conf.beg_auth_comp_id 
_struct_conf.beg_auth_asym_id 
_struct_conf.beg_auth_seq_id 
_struct_conf.end_auth_comp_id 
_struct_conf.end_auth_asym_id 
_struct_conf.end_auth_seq_id 
_struct_conf.pdbx_PDB_helix_class 
_struct_conf.details 
_struct_conf.pdbx_PDB_helix_length 
HELX_P HELX_P1 1 SER A 19  ? LEU A 33  ? SER A 192 LEU A 206 1 ? 15 
HELX_P HELX_P2 2 ARG A 40  ? GLY A 42  ? ARG A 213 GLY A 215 5 ? 3  
HELX_P HELX_P3 3 ASP A 49  ? SER A 63  ? ASP A 222 SER A 236 1 ? 15 
HELX_P HELX_P4 4 PRO A 66  ? ASN A 76  ? PRO A 239 ASN A 249 1 ? 11 
HELX_P HELX_P5 5 ALA A 77  ? TRP A 82  ? ALA A 250 TRP A 255 5 ? 6  
HELX_P HELX_P6 6 THR A 88  ? ASN A 95  ? THR A 261 ASN A 268 1 ? 8  
HELX_P HELX_P7 7 ARG A 97  ? TYR A 102 ? ARG A 270 TYR A 275 5 ? 6  
HELX_P HELX_P8 8 CYS A 118 ? ASN A 120 ? CYS A 291 ASN A 293 5 ? 3  
# 
_struct_conf_type.id          HELX_P 
_struct_conf_type.criteria    ? 
_struct_conf_type.reference   ? 
# 
_struct_mon_prot_cis.pdbx_id                1 
_struct_mon_prot_cis.label_comp_id          GLU 
_struct_mon_prot_cis.label_seq_id           130 
_struct_mon_prot_cis.label_asym_id          A 
_struct_mon_prot_cis.label_alt_id           . 
_struct_mon_prot_cis.pdbx_PDB_ins_code      ? 
_struct_mon_prot_cis.auth_comp_id           GLU 
_struct_mon_prot_cis.auth_seq_id            303 
_struct_mon_prot_cis.auth_asym_id           A 
_struct_mon_prot_cis.pdbx_label_comp_id_2   PRO 
_struct_mon_prot_cis.pdbx_label_seq_id_2    131 
_struct_mon_prot_cis.pdbx_label_asym_id_2   A 
_struct_mon_prot_cis.pdbx_PDB_ins_code_2    ? 
_struct_mon_prot_cis.pdbx_auth_comp_id_2    PRO 
_struct_mon_prot_cis.pdbx_auth_seq_id_2     304 
_struct_mon_prot_cis.pdbx_auth_asym_id_2    A 
_struct_mon_prot_cis.pdbx_PDB_model_num     1 
_struct_mon_prot_cis.pdbx_omega_angle       0.37 
# 
_struct_sheet.id               A 
_struct_sheet.type             ? 
_struct_sheet.number_strands   6 
_struct_sheet.details          ? 
# 
loop_
_struct_sheet_order.sheet_id 
_struct_sheet_order.range_id_1 
_struct_sheet_order.range_id_2 
_struct_sheet_order.offset 
_struct_sheet_order.sense 
A 1 2 ? anti-parallel 
A 2 3 ? anti-parallel 
A 3 4 ? anti-parallel 
A 4 5 ? anti-parallel 
A 5 6 ? anti-parallel 
# 
loop_
_struct_sheet_range.sheet_id 
_struct_sheet_range.id 
_struct_sheet_range.beg_label_comp_id 
_struct_sheet_range.beg_label_asym_id 
_struct_sheet_range.beg_label_seq_id 
_struct_sheet_range.pdbx_beg_PDB_ins_code 
_struct_sheet_range.end_label_comp_id 
_struct_sheet_range.end_label_asym_id 
_struct_sheet_range.end_label_seq_id 
_struct_sheet_range.pdbx_end_PDB_ins_code 
_struct_sheet_range.beg_auth_comp_id 
_struct_sheet_range.beg_auth_asym_id 
_struct_sheet_range.beg_auth_seq_id 
_struct_sheet_range.end_auth_comp_id 
_struct_sheet_range.end_auth_asym_id 
_struct_sheet_range.end_auth_seq_id 
A 1 MET A 44  ? ILE A 45  ? MET A 217 ILE A 218 
A 2 GLY A 132 ? PHE A 137 ? GLY A 305 PHE A 310 
A 3 ALA A 112 ? MET A 116 ? ALA A 285 MET A 289 
A 4 ALA A 104 ? ARG A 106 ? ALA A 277 ARG A 279 
A 5 GLN A 34  ? VAL A 38  ? GLN A 207 VAL A 211 
A 6 VAL A 141 ? GLU A 143 ? VAL A 314 GLU A 316 
# 
loop_
_pdbx_struct_sheet_hbond.sheet_id 
_pdbx_struct_sheet_hbond.range_id_1 
_pdbx_struct_sheet_hbond.range_id_2 
_pdbx_struct_sheet_hbond.range_1_label_atom_id 
_pdbx_struct_sheet_hbond.range_1_label_comp_id 
_pdbx_struct_sheet_hbond.range_1_label_asym_id 
_pdbx_struct_sheet_hbond.range_1_label_seq_id 
_pdbx_struct_sheet_hbond.range_1_PDB_ins_code 
_pdbx_struct_sheet_hbond.range_1_auth_atom_id 
_pdbx_struct_sheet_hbond.range_1_auth_comp_id 
_pdbx_struct_sheet_hbond.range_1_auth_asym_id 
_pdbx_struct_sheet_hbond.range_1_auth_seq_id 
_pdbx_struct_sheet_hbond.range_2_label_atom_id 
_pdbx_struct_sheet_hbond.range_2_label_comp_id 
_pdbx_struct_sheet_hbond.range_2_label_asym_id 
_pdbx_struct_sheet_hbond.range_2_label_seq_id 
_pdbx_struct_sheet_hbond.range_2_PDB_ins_code 
_pdbx_struct_sheet_hbond.range_2_auth_atom_id 
_pdbx_struct_sheet_hbond.range_2_auth_comp_id 
_pdbx_struct_sheet_hbond.range_2_auth_asym_id 
_pdbx_struct_sheet_hbond.range_2_auth_seq_id 
A 1 2 N ILE A 45  ? N ILE A 218 O ILE A 136 ? O ILE A 309 
A 2 3 O LEU A 133 ? O LEU A 306 N VAL A 115 ? N VAL A 288 
A 3 4 O VAL A 114 ? O VAL A 287 N LYS A 105 ? N LYS A 278 
A 4 5 O ARG A 106 ? O ARG A 279 N GLN A 34  ? N GLN A 207 
A 5 6 N ARG A 37  ? N ARG A 210 O GLU A 142 ? O GLU A 315 
# 
_pdbx_SG_project.id                    1 
_pdbx_SG_project.project_name          ? 
_pdbx_SG_project.full_name_of_center   'Structural Genomics Consortium' 
_pdbx_SG_project.initial_of_center     SGC 
# 
loop_
_pdbx_refine_tls.id 
_pdbx_refine_tls.details 
_pdbx_refine_tls.method 
_pdbx_refine_tls.origin_x 
_pdbx_refine_tls.origin_y 
_pdbx_refine_tls.origin_z 
_pdbx_refine_tls.T[1][1] 
_pdbx_refine_tls.T[2][2] 
_pdbx_refine_tls.T[3][3] 
_pdbx_refine_tls.T[1][2] 
_pdbx_refine_tls.T[1][3] 
_pdbx_refine_tls.T[2][3] 
_pdbx_refine_tls.L[1][1] 
_pdbx_refine_tls.L[2][2] 
_pdbx_refine_tls.L[3][3] 
_pdbx_refine_tls.L[1][2] 
_pdbx_refine_tls.L[1][3] 
_pdbx_refine_tls.L[2][3] 
_pdbx_refine_tls.S[1][1] 
_pdbx_refine_tls.S[1][2] 
_pdbx_refine_tls.S[1][3] 
_pdbx_refine_tls.S[2][1] 
_pdbx_refine_tls.S[2][2] 
_pdbx_refine_tls.S[2][3] 
_pdbx_refine_tls.S[3][1] 
_pdbx_refine_tls.S[3][2] 
_pdbx_refine_tls.S[3][3] 
_pdbx_refine_tls.pdbx_refine_id 
1  ? refined 14.3448  -11.3947 2.5472   -0.0034 0.0218  0.0574  0.0163  -0.0049 0.0104  1.7210  2.7493  9.6442  1.4202   -1.6466 -2.0041  0.0866  -0.0053 0.0890  -0.1000 0.0186  0.0306  -0.0770 -0.0192 -0.1052 'X-RAY DIFFRACTION' 
2  ? refined 10.6510  -13.5027 -3.8858  0.0137  0.0317  0.0267  0.0176  -0.0052 -0.0199 8.6568  4.7118  2.9530  2.0579   -2.0919 1.1475   -0.0007 0.0186  0.0900  -0.1285 -0.0601 0.1006  -0.1983 -0.0354 0.0608  'X-RAY DIFFRACTION' 
3  ? refined 0.8463   -12.6294 -1.2490  0.0157  0.0017  0.0498  -0.0049 -0.0102 -0.0012 17.2647 8.0693  4.4547  1.0927   -1.1008 1.9472   -0.0490 0.3901  -0.5993 -0.2792 0.1210  0.0921  0.1802  -0.0738 -0.0720 'X-RAY DIFFRACTION' 
4  ? refined -10.3364 -6.2419  -1.4738  0.0241  0.0341  0.0506  -0.0140 -0.0044 -0.0237 23.9348 20.0800 10.1881 -19.1588 15.4258 -13.4286 -0.2276 -0.2645 -0.6379 0.3020  0.4738  0.8013  -0.2647 -0.2911 -0.2462 'X-RAY DIFFRACTION' 
5  ? refined -10.4495 7.9441   -0.1382  0.0381  -0.0228 -0.0243 0.0107  0.0065  0.0379  23.0021 11.2674 17.1518 10.7031  19.1342 10.7786  -0.7736 0.0125  1.0346  -0.8134 0.0166  0.5543  -0.7541 -0.1183 0.7571  'X-RAY DIFFRACTION' 
6  ? refined 0.0001   10.9369  8.6307   0.1179  -0.0267 -0.0003 -0.0171 -0.0096 -0.0053 8.2918  12.2140 15.9065 -6.7955  1.0847  -11.1238 -0.0356 -0.0604 0.1221  1.0482  0.0872  -0.1685 -0.7158 -0.0071 -0.0515 'X-RAY DIFFRACTION' 
7  ? refined 0.6429   -2.2081  11.8185  0.0200  0.0489  0.0191  0.0112  0.0176  0.0086  0.9856  14.7198 4.8793  -0.9836  0.4289  5.2514   -0.1152 -0.1023 -0.0547 0.3161  0.1002  0.0977  0.0296  0.0632  0.0150  'X-RAY DIFFRACTION' 
8  ? refined 8.1585   -6.5463  5.1495   -0.0120 0.0505  0.0062  0.0182  -0.0050 0.0158  2.2008  7.3392  1.4202  1.3213   1.0695  -1.7857  -0.0451 -0.0492 -0.0069 0.3608  0.0309  -0.1297 -0.0147 -0.0024 0.0142  'X-RAY DIFFRACTION' 
9  ? refined 6.1417   3.3397   4.0762   -0.0037 0.0438  0.0466  -0.0133 -0.0262 -0.0076 2.2541  9.2621  4.4305  -3.9260  -0.7743 0.8215   -0.2238 -0.0140 0.0748  0.3092  0.1398  -0.4454 0.0403  0.4459  0.0840  'X-RAY DIFFRACTION' 
10 ? refined 4.7391   10.4133  1.5873   0.0604  -0.0238 0.0424  0.0179  -0.0409 0.0153  16.6417 8.2401  9.3657  -2.9177  -2.2272 8.7618   0.0984  -0.3582 0.1661  0.4868  0.2079  -0.3814 0.3527  0.5842  -0.3063 'X-RAY DIFFRACTION' 
11 ? refined 2.0977   13.3197  -4.9964  0.0243  0.0190  0.0501  -0.0393 -0.0303 0.0181  7.8725  15.7539 8.8960  -7.8269  3.5745  0.4004   -0.1815 0.2488  0.2559  0.4193  0.1740  -0.4305 -0.0196 0.5338  0.0075  'X-RAY DIFFRACTION' 
12 ? refined -4.7052  15.5218  -7.1784  0.0474  -0.0203 0.0653  0.0225  0.0042  0.0233  4.5090  8.2618  13.8236 3.0179   3.8563  3.6339   -0.0091 0.0243  0.2505  0.3107  -0.1260 0.1724  -0.5860 -0.1937 0.1351  'X-RAY DIFFRACTION' 
13 ? refined -7.0323  6.1863   -10.2794 0.0082  0.0432  0.0422  -0.0060 0.0164  0.0151  1.9594  10.8595 3.6742  -0.0117  2.6832  -0.0434  0.1028  0.2491  0.1143  -0.2625 -0.1339 0.0817  -0.1476 0.1331  0.0311  'X-RAY DIFFRACTION' 
14 ? refined -6.3780  -4.5356  0.9770   0.0176  0.0028  0.0393  -0.0061 0.0018  -0.0164 3.2809  3.3738  27.5915 1.1743   -4.1159 -2.4860  -0.0955 0.1106  -0.0913 0.2232  -0.0550 0.2424  0.2501  -0.8375 0.1505  'X-RAY DIFFRACTION' 
15 ? refined -2.8902  -2.3148  -0.9638  0.0314  0.0200  0.0373  -0.0025 -0.0171 -0.0034 2.6920  0.7360  7.7426  -0.3017  -2.5660 0.5297   0.0212  0.1968  -0.1117 -0.0301 -0.0466 0.0449  0.2105  0.0515  0.0255  'X-RAY DIFFRACTION' 
16 ? refined 2.2724   2.7342   -12.4842 -0.0176 0.0839  0.0422  0.0003  0.0411  0.0350  7.3408  21.2352 12.3248 6.1736   7.1084  10.2056  -0.2147 0.6094  0.0507  -0.4399 0.2758  -0.9092 -0.1741 0.8635  -0.0610 'X-RAY DIFFRACTION' 
17 ? refined 7.3104   0.5447   -5.9277  -0.0087 0.0722  0.0242  0.0432  0.0158  0.0156  32.3450 34.7091 34.1035 -25.8616 24.3577 -34.2364 0.3056  1.5014  1.0627  -0.3026 -1.4132 -1.4344 0.0914  1.4705  1.1076  'X-RAY DIFFRACTION' 
18 ? refined 0.4805   2.4974   -0.2040  0.0270  0.0273  0.0450  -0.0004 0.0101  -0.0091 13.9861 5.9936  5.9922  -7.0350  -9.0531 5.1234   0.0230  0.4126  0.3623  -0.4394 -0.0006 -0.2326 -0.2165 -0.1889 -0.0224 'X-RAY DIFFRACTION' 
19 ? refined -9.5038  6.5745   4.7798   0.0159  0.0129  0.0335  0.0254  0.0202  -0.0114 7.3068  0.5053  8.5564  1.7803   1.6240  -0.3697  0.3796  -0.1318 0.3791  0.0920  -0.0857 0.2588  -0.3309 -0.5181 -0.2939 'X-RAY DIFFRACTION' 
20 ? refined -14.3126 -2.6132  0.2958   -0.0130 0.0425  0.0240  -0.0226 0.0157  0.0132  14.5382 61.6061 12.5352 17.9990  13.4792 17.9083  0.4639  0.2332  -0.7760 -0.8265 -0.4022 0.4878  0.7594  -0.7678 -0.0616 'X-RAY DIFFRACTION' 
# 
loop_
_pdbx_refine_tls_group.id 
_pdbx_refine_tls_group.refine_tls_id 
_pdbx_refine_tls_group.beg_auth_asym_id 
_pdbx_refine_tls_group.beg_auth_seq_id 
_pdbx_refine_tls_group.beg_label_asym_id 
_pdbx_refine_tls_group.beg_label_seq_id 
_pdbx_refine_tls_group.end_auth_asym_id 
_pdbx_refine_tls_group.end_auth_seq_id 
_pdbx_refine_tls_group.end_label_asym_id 
_pdbx_refine_tls_group.end_label_seq_id 
_pdbx_refine_tls_group.selection 
_pdbx_refine_tls_group.pdbx_refine_id 
_pdbx_refine_tls_group.selection_details 
1  1  A 184 A 11  A 191 A 18  ? 'X-RAY DIFFRACTION' ? 
2  2  A 192 A 19  A 198 A 25  ? 'X-RAY DIFFRACTION' ? 
3  3  A 199 A 26  A 205 A 32  ? 'X-RAY DIFFRACTION' ? 
4  4  A 206 A 33  A 210 A 37  ? 'X-RAY DIFFRACTION' ? 
5  5  A 211 A 38  A 218 A 45  ? 'X-RAY DIFFRACTION' ? 
6  6  A 219 A 46  A 222 A 49  ? 'X-RAY DIFFRACTION' ? 
7  7  A 223 A 50  A 237 A 64  ? 'X-RAY DIFFRACTION' ? 
8  8  A 238 A 65  A 244 A 71  ? 'X-RAY DIFFRACTION' ? 
9  9  A 245 A 72  A 251 A 78  ? 'X-RAY DIFFRACTION' ? 
10 10 A 252 A 79  A 255 A 82  ? 'X-RAY DIFFRACTION' ? 
11 11 A 256 A 83  A 262 A 89  ? 'X-RAY DIFFRACTION' ? 
12 12 A 263 A 90  A 269 A 96  ? 'X-RAY DIFFRACTION' ? 
13 13 A 270 A 97  A 275 A 102 ? 'X-RAY DIFFRACTION' ? 
14 14 A 276 A 103 A 281 A 108 ? 'X-RAY DIFFRACTION' ? 
15 15 A 282 A 109 A 293 A 120 ? 'X-RAY DIFFRACTION' ? 
16 16 A 294 A 121 A 300 A 127 ? 'X-RAY DIFFRACTION' ? 
17 17 A 301 A 128 A 304 A 131 ? 'X-RAY DIFFRACTION' ? 
18 18 A 305 A 132 A 308 A 135 ? 'X-RAY DIFFRACTION' ? 
19 19 A 309 A 136 A 312 A 139 ? 'X-RAY DIFFRACTION' ? 
20 20 A 313 A 140 A 317 A 144 ? 'X-RAY DIFFRACTION' ? 
# 
loop_
_pdbx_unobs_or_zero_occ_residues.id 
_pdbx_unobs_or_zero_occ_residues.PDB_model_num 
_pdbx_unobs_or_zero_occ_residues.polymer_flag 
_pdbx_unobs_or_zero_occ_residues.occupancy_flag 
_pdbx_unobs_or_zero_occ_residues.auth_asym_id 
_pdbx_unobs_or_zero_occ_residues.auth_comp_id 
_pdbx_unobs_or_zero_occ_residues.auth_seq_id 
_pdbx_unobs_or_zero_occ_residues.PDB_ins_code 
_pdbx_unobs_or_zero_occ_residues.label_asym_id 
_pdbx_unobs_or_zero_occ_residues.label_comp_id 
_pdbx_unobs_or_zero_occ_residues.label_seq_id 
1  1 Y 1 A MET 174 ? A MET 1  
2  1 Y 1 A GLY 175 ? A GLY 2  
3  1 Y 1 A SER 176 ? A SER 3  
4  1 Y 1 A SER 177 ? A SER 4  
5  1 Y 1 A HIS 178 ? A HIS 5  
6  1 Y 1 A HIS 179 ? A HIS 6  
7  1 Y 1 A HIS 180 ? A HIS 7  
8  1 Y 1 A HIS 181 ? A HIS 8  
9  1 Y 1 A HIS 182 ? A HIS 9  
10 1 Y 1 A HIS 183 ? A HIS 10 
# 
loop_
_chem_comp_atom.comp_id 
_chem_comp_atom.atom_id 
_chem_comp_atom.type_symbol 
_chem_comp_atom.pdbx_aromatic_flag 
_chem_comp_atom.pdbx_stereo_config 
_chem_comp_atom.pdbx_ordinal 
ALA N    N N N 1   
ALA CA   C N S 2   
ALA C    C N N 3   
ALA O    O N N 4   
ALA CB   C N N 5   
ALA OXT  O N N 6   
ALA H    H N N 7   
ALA H2   H N N 8   
ALA HA   H N N 9   
ALA HB1  H N N 10  
ALA HB2  H N N 11  
ALA HB3  H N N 12  
ALA HXT  H N N 13  
ARG N    N N N 14  
ARG CA   C N S 15  
ARG C    C N N 16  
ARG O    O N N 17  
ARG CB   C N N 18  
ARG CG   C N N 19  
ARG CD   C N N 20  
ARG NE   N N N 21  
ARG CZ   C N N 22  
ARG NH1  N N N 23  
ARG NH2  N N N 24  
ARG OXT  O N N 25  
ARG H    H N N 26  
ARG H2   H N N 27  
ARG HA   H N N 28  
ARG HB2  H N N 29  
ARG HB3  H N N 30  
ARG HG2  H N N 31  
ARG HG3  H N N 32  
ARG HD2  H N N 33  
ARG HD3  H N N 34  
ARG HE   H N N 35  
ARG HH11 H N N 36  
ARG HH12 H N N 37  
ARG HH21 H N N 38  
ARG HH22 H N N 39  
ARG HXT  H N N 40  
ASN N    N N N 41  
ASN CA   C N S 42  
ASN C    C N N 43  
ASN O    O N N 44  
ASN CB   C N N 45  
ASN CG   C N N 46  
ASN OD1  O N N 47  
ASN ND2  N N N 48  
ASN OXT  O N N 49  
ASN H    H N N 50  
ASN H2   H N N 51  
ASN HA   H N N 52  
ASN HB2  H N N 53  
ASN HB3  H N N 54  
ASN HD21 H N N 55  
ASN HD22 H N N 56  
ASN HXT  H N N 57  
ASP N    N N N 58  
ASP CA   C N S 59  
ASP C    C N N 60  
ASP O    O N N 61  
ASP CB   C N N 62  
ASP CG   C N N 63  
ASP OD1  O N N 64  
ASP OD2  O N N 65  
ASP OXT  O N N 66  
ASP H    H N N 67  
ASP H2   H N N 68  
ASP HA   H N N 69  
ASP HB2  H N N 70  
ASP HB3  H N N 71  
ASP HD2  H N N 72  
ASP HXT  H N N 73  
CYS N    N N N 74  
CYS CA   C N R 75  
CYS C    C N N 76  
CYS O    O N N 77  
CYS CB   C N N 78  
CYS SG   S N N 79  
CYS OXT  O N N 80  
CYS H    H N N 81  
CYS H2   H N N 82  
CYS HA   H N N 83  
CYS HB2  H N N 84  
CYS HB3  H N N 85  
CYS HG   H N N 86  
CYS HXT  H N N 87  
GLN N    N N N 88  
GLN CA   C N S 89  
GLN C    C N N 90  
GLN O    O N N 91  
GLN CB   C N N 92  
GLN CG   C N N 93  
GLN CD   C N N 94  
GLN OE1  O N N 95  
GLN NE2  N N N 96  
GLN OXT  O N N 97  
GLN H    H N N 98  
GLN H2   H N N 99  
GLN HA   H N N 100 
GLN HB2  H N N 101 
GLN HB3  H N N 102 
GLN HG2  H N N 103 
GLN HG3  H N N 104 
GLN HE21 H N N 105 
GLN HE22 H N N 106 
GLN HXT  H N N 107 
GLU N    N N N 108 
GLU CA   C N S 109 
GLU C    C N N 110 
GLU O    O N N 111 
GLU CB   C N N 112 
GLU CG   C N N 113 
GLU CD   C N N 114 
GLU OE1  O N N 115 
GLU OE2  O N N 116 
GLU OXT  O N N 117 
GLU H    H N N 118 
GLU H2   H N N 119 
GLU HA   H N N 120 
GLU HB2  H N N 121 
GLU HB3  H N N 122 
GLU HG2  H N N 123 
GLU HG3  H N N 124 
GLU HE2  H N N 125 
GLU HXT  H N N 126 
GLY N    N N N 127 
GLY CA   C N N 128 
GLY C    C N N 129 
GLY O    O N N 130 
GLY OXT  O N N 131 
GLY H    H N N 132 
GLY H2   H N N 133 
GLY HA2  H N N 134 
GLY HA3  H N N 135 
GLY HXT  H N N 136 
HIS N    N N N 137 
HIS CA   C N S 138 
HIS C    C N N 139 
HIS O    O N N 140 
HIS CB   C N N 141 
HIS CG   C Y N 142 
HIS ND1  N Y N 143 
HIS CD2  C Y N 144 
HIS CE1  C Y N 145 
HIS NE2  N Y N 146 
HIS OXT  O N N 147 
HIS H    H N N 148 
HIS H2   H N N 149 
HIS HA   H N N 150 
HIS HB2  H N N 151 
HIS HB3  H N N 152 
HIS HD1  H N N 153 
HIS HD2  H N N 154 
HIS HE1  H N N 155 
HIS HE2  H N N 156 
HIS HXT  H N N 157 
HOH O    O N N 158 
HOH H1   H N N 159 
HOH H2   H N N 160 
ILE N    N N N 161 
ILE CA   C N S 162 
ILE C    C N N 163 
ILE O    O N N 164 
ILE CB   C N S 165 
ILE CG1  C N N 166 
ILE CG2  C N N 167 
ILE CD1  C N N 168 
ILE OXT  O N N 169 
ILE H    H N N 170 
ILE H2   H N N 171 
ILE HA   H N N 172 
ILE HB   H N N 173 
ILE HG12 H N N 174 
ILE HG13 H N N 175 
ILE HG21 H N N 176 
ILE HG22 H N N 177 
ILE HG23 H N N 178 
ILE HD11 H N N 179 
ILE HD12 H N N 180 
ILE HD13 H N N 181 
ILE HXT  H N N 182 
LEU N    N N N 183 
LEU CA   C N S 184 
LEU C    C N N 185 
LEU O    O N N 186 
LEU CB   C N N 187 
LEU CG   C N N 188 
LEU CD1  C N N 189 
LEU CD2  C N N 190 
LEU OXT  O N N 191 
LEU H    H N N 192 
LEU H2   H N N 193 
LEU HA   H N N 194 
LEU HB2  H N N 195 
LEU HB3  H N N 196 
LEU HG   H N N 197 
LEU HD11 H N N 198 
LEU HD12 H N N 199 
LEU HD13 H N N 200 
LEU HD21 H N N 201 
LEU HD22 H N N 202 
LEU HD23 H N N 203 
LEU HXT  H N N 204 
LYS N    N N N 205 
LYS CA   C N S 206 
LYS C    C N N 207 
LYS O    O N N 208 
LYS CB   C N N 209 
LYS CG   C N N 210 
LYS CD   C N N 211 
LYS CE   C N N 212 
LYS NZ   N N N 213 
LYS OXT  O N N 214 
LYS H    H N N 215 
LYS H2   H N N 216 
LYS HA   H N N 217 
LYS HB2  H N N 218 
LYS HB3  H N N 219 
LYS HG2  H N N 220 
LYS HG3  H N N 221 
LYS HD2  H N N 222 
LYS HD3  H N N 223 
LYS HE2  H N N 224 
LYS HE3  H N N 225 
LYS HZ1  H N N 226 
LYS HZ2  H N N 227 
LYS HZ3  H N N 228 
LYS HXT  H N N 229 
MET N    N N N 230 
MET CA   C N S 231 
MET C    C N N 232 
MET O    O N N 233 
MET CB   C N N 234 
MET CG   C N N 235 
MET SD   S N N 236 
MET CE   C N N 237 
MET OXT  O N N 238 
MET H    H N N 239 
MET H2   H N N 240 
MET HA   H N N 241 
MET HB2  H N N 242 
MET HB3  H N N 243 
MET HG2  H N N 244 
MET HG3  H N N 245 
MET HE1  H N N 246 
MET HE2  H N N 247 
MET HE3  H N N 248 
MET HXT  H N N 249 
PHE N    N N N 250 
PHE CA   C N S 251 
PHE C    C N N 252 
PHE O    O N N 253 
PHE CB   C N N 254 
PHE CG   C Y N 255 
PHE CD1  C Y N 256 
PHE CD2  C Y N 257 
PHE CE1  C Y N 258 
PHE CE2  C Y N 259 
PHE CZ   C Y N 260 
PHE OXT  O N N 261 
PHE H    H N N 262 
PHE H2   H N N 263 
PHE HA   H N N 264 
PHE HB2  H N N 265 
PHE HB3  H N N 266 
PHE HD1  H N N 267 
PHE HD2  H N N 268 
PHE HE1  H N N 269 
PHE HE2  H N N 270 
PHE HZ   H N N 271 
PHE HXT  H N N 272 
PRO N    N N N 273 
PRO CA   C N S 274 
PRO C    C N N 275 
PRO O    O N N 276 
PRO CB   C N N 277 
PRO CG   C N N 278 
PRO CD   C N N 279 
PRO OXT  O N N 280 
PRO H    H N N 281 
PRO HA   H N N 282 
PRO HB2  H N N 283 
PRO HB3  H N N 284 
PRO HG2  H N N 285 
PRO HG3  H N N 286 
PRO HD2  H N N 287 
PRO HD3  H N N 288 
PRO HXT  H N N 289 
SER N    N N N 290 
SER CA   C N S 291 
SER C    C N N 292 
SER O    O N N 293 
SER CB   C N N 294 
SER OG   O N N 295 
SER OXT  O N N 296 
SER H    H N N 297 
SER H2   H N N 298 
SER HA   H N N 299 
SER HB2  H N N 300 
SER HB3  H N N 301 
SER HG   H N N 302 
SER HXT  H N N 303 
THR N    N N N 304 
THR CA   C N S 305 
THR C    C N N 306 
THR O    O N N 307 
THR CB   C N R 308 
THR OG1  O N N 309 
THR CG2  C N N 310 
THR OXT  O N N 311 
THR H    H N N 312 
THR H2   H N N 313 
THR HA   H N N 314 
THR HB   H N N 315 
THR HG1  H N N 316 
THR HG21 H N N 317 
THR HG22 H N N 318 
THR HG23 H N N 319 
THR HXT  H N N 320 
TRP N    N N N 321 
TRP CA   C N S 322 
TRP C    C N N 323 
TRP O    O N N 324 
TRP CB   C N N 325 
TRP CG   C Y N 326 
TRP CD1  C Y N 327 
TRP CD2  C Y N 328 
TRP NE1  N Y N 329 
TRP CE2  C Y N 330 
TRP CE3  C Y N 331 
TRP CZ2  C Y N 332 
TRP CZ3  C Y N 333 
TRP CH2  C Y N 334 
TRP OXT  O N N 335 
TRP H    H N N 336 
TRP H2   H N N 337 
TRP HA   H N N 338 
TRP HB2  H N N 339 
TRP HB3  H N N 340 
TRP HD1  H N N 341 
TRP HE1  H N N 342 
TRP HE3  H N N 343 
TRP HZ2  H N N 344 
TRP HZ3  H N N 345 
TRP HH2  H N N 346 
TRP HXT  H N N 347 
TYR N    N N N 348 
TYR CA   C N S 349 
TYR C    C N N 350 
TYR O    O N N 351 
TYR CB   C N N 352 
TYR CG   C Y N 353 
TYR CD1  C Y N 354 
TYR CD2  C Y N 355 
TYR CE1  C Y N 356 
TYR CE2  C Y N 357 
TYR CZ   C Y N 358 
TYR OH   O N N 359 
TYR OXT  O N N 360 
TYR H    H N N 361 
TYR H2   H N N 362 
TYR HA   H N N 363 
TYR HB2  H N N 364 
TYR HB3  H N N 365 
TYR HD1  H N N 366 
TYR HD2  H N N 367 
TYR HE1  H N N 368 
TYR HE2  H N N 369 
TYR HH   H N N 370 
TYR HXT  H N N 371 
VAL N    N N N 372 
VAL CA   C N S 373 
VAL C    C N N 374 
VAL O    O N N 375 
VAL CB   C N N 376 
VAL CG1  C N N 377 
VAL CG2  C N N 378 
VAL OXT  O N N 379 
VAL H    H N N 380 
VAL H2   H N N 381 
VAL HA   H N N 382 
VAL HB   H N N 383 
VAL HG11 H N N 384 
VAL HG12 H N N 385 
VAL HG13 H N N 386 
VAL HG21 H N N 387 
VAL HG22 H N N 388 
VAL HG23 H N N 389 
VAL HXT  H N N 390 
# 
loop_
_chem_comp_bond.comp_id 
_chem_comp_bond.atom_id_1 
_chem_comp_bond.atom_id_2 
_chem_comp_bond.value_order 
_chem_comp_bond.pdbx_aromatic_flag 
_chem_comp_bond.pdbx_stereo_config 
_chem_comp_bond.pdbx_ordinal 
ALA N   CA   sing N N 1   
ALA N   H    sing N N 2   
ALA N   H2   sing N N 3   
ALA CA  C    sing N N 4   
ALA CA  CB   sing N N 5   
ALA CA  HA   sing N N 6   
ALA C   O    doub N N 7   
ALA C   OXT  sing N N 8   
ALA CB  HB1  sing N N 9   
ALA CB  HB2  sing N N 10  
ALA CB  HB3  sing N N 11  
ALA OXT HXT  sing N N 12  
ARG N   CA   sing N N 13  
ARG N   H    sing N N 14  
ARG N   H2   sing N N 15  
ARG CA  C    sing N N 16  
ARG CA  CB   sing N N 17  
ARG CA  HA   sing N N 18  
ARG C   O    doub N N 19  
ARG C   OXT  sing N N 20  
ARG CB  CG   sing N N 21  
ARG CB  HB2  sing N N 22  
ARG CB  HB3  sing N N 23  
ARG CG  CD   sing N N 24  
ARG CG  HG2  sing N N 25  
ARG CG  HG3  sing N N 26  
ARG CD  NE   sing N N 27  
ARG CD  HD2  sing N N 28  
ARG CD  HD3  sing N N 29  
ARG NE  CZ   sing N N 30  
ARG NE  HE   sing N N 31  
ARG CZ  NH1  sing N N 32  
ARG CZ  NH2  doub N N 33  
ARG NH1 HH11 sing N N 34  
ARG NH1 HH12 sing N N 35  
ARG NH2 HH21 sing N N 36  
ARG NH2 HH22 sing N N 37  
ARG OXT HXT  sing N N 38  
ASN N   CA   sing N N 39  
ASN N   H    sing N N 40  
ASN N   H2   sing N N 41  
ASN CA  C    sing N N 42  
ASN CA  CB   sing N N 43  
ASN CA  HA   sing N N 44  
ASN C   O    doub N N 45  
ASN C   OXT  sing N N 46  
ASN CB  CG   sing N N 47  
ASN CB  HB2  sing N N 48  
ASN CB  HB3  sing N N 49  
ASN CG  OD1  doub N N 50  
ASN CG  ND2  sing N N 51  
ASN ND2 HD21 sing N N 52  
ASN ND2 HD22 sing N N 53  
ASN OXT HXT  sing N N 54  
ASP N   CA   sing N N 55  
ASP N   H    sing N N 56  
ASP N   H2   sing N N 57  
ASP CA  C    sing N N 58  
ASP CA  CB   sing N N 59  
ASP CA  HA   sing N N 60  
ASP C   O    doub N N 61  
ASP C   OXT  sing N N 62  
ASP CB  CG   sing N N 63  
ASP CB  HB2  sing N N 64  
ASP CB  HB3  sing N N 65  
ASP CG  OD1  doub N N 66  
ASP CG  OD2  sing N N 67  
ASP OD2 HD2  sing N N 68  
ASP OXT HXT  sing N N 69  
CYS N   CA   sing N N 70  
CYS N   H    sing N N 71  
CYS N   H2   sing N N 72  
CYS CA  C    sing N N 73  
CYS CA  CB   sing N N 74  
CYS CA  HA   sing N N 75  
CYS C   O    doub N N 76  
CYS C   OXT  sing N N 77  
CYS CB  SG   sing N N 78  
CYS CB  HB2  sing N N 79  
CYS CB  HB3  sing N N 80  
CYS SG  HG   sing N N 81  
CYS OXT HXT  sing N N 82  
GLN N   CA   sing N N 83  
GLN N   H    sing N N 84  
GLN N   H2   sing N N 85  
GLN CA  C    sing N N 86  
GLN CA  CB   sing N N 87  
GLN CA  HA   sing N N 88  
GLN C   O    doub N N 89  
GLN C   OXT  sing N N 90  
GLN CB  CG   sing N N 91  
GLN CB  HB2  sing N N 92  
GLN CB  HB3  sing N N 93  
GLN CG  CD   sing N N 94  
GLN CG  HG2  sing N N 95  
GLN CG  HG3  sing N N 96  
GLN CD  OE1  doub N N 97  
GLN CD  NE2  sing N N 98  
GLN NE2 HE21 sing N N 99  
GLN NE2 HE22 sing N N 100 
GLN OXT HXT  sing N N 101 
GLU N   CA   sing N N 102 
GLU N   H    sing N N 103 
GLU N   H2   sing N N 104 
GLU CA  C    sing N N 105 
GLU CA  CB   sing N N 106 
GLU CA  HA   sing N N 107 
GLU C   O    doub N N 108 
GLU C   OXT  sing N N 109 
GLU CB  CG   sing N N 110 
GLU CB  HB2  sing N N 111 
GLU CB  HB3  sing N N 112 
GLU CG  CD   sing N N 113 
GLU CG  HG2  sing N N 114 
GLU CG  HG3  sing N N 115 
GLU CD  OE1  doub N N 116 
GLU CD  OE2  sing N N 117 
GLU OE2 HE2  sing N N 118 
GLU OXT HXT  sing N N 119 
GLY N   CA   sing N N 120 
GLY N   H    sing N N 121 
GLY N   H2   sing N N 122 
GLY CA  C    sing N N 123 
GLY CA  HA2  sing N N 124 
GLY CA  HA3  sing N N 125 
GLY C   O    doub N N 126 
GLY C   OXT  sing N N 127 
GLY OXT HXT  sing N N 128 
HIS N   CA   sing N N 129 
HIS N   H    sing N N 130 
HIS N   H2   sing N N 131 
HIS CA  C    sing N N 132 
HIS CA  CB   sing N N 133 
HIS CA  HA   sing N N 134 
HIS C   O    doub N N 135 
HIS C   OXT  sing N N 136 
HIS CB  CG   sing N N 137 
HIS CB  HB2  sing N N 138 
HIS CB  HB3  sing N N 139 
HIS CG  ND1  sing Y N 140 
HIS CG  CD2  doub Y N 141 
HIS ND1 CE1  doub Y N 142 
HIS ND1 HD1  sing N N 143 
HIS CD2 NE2  sing Y N 144 
HIS CD2 HD2  sing N N 145 
HIS CE1 NE2  sing Y N 146 
HIS CE1 HE1  sing N N 147 
HIS NE2 HE2  sing N N 148 
HIS OXT HXT  sing N N 149 
HOH O   H1   sing N N 150 
HOH O   H2   sing N N 151 
ILE N   CA   sing N N 152 
ILE N   H    sing N N 153 
ILE N   H2   sing N N 154 
ILE CA  C    sing N N 155 
ILE CA  CB   sing N N 156 
ILE CA  HA   sing N N 157 
ILE C   O    doub N N 158 
ILE C   OXT  sing N N 159 
ILE CB  CG1  sing N N 160 
ILE CB  CG2  sing N N 161 
ILE CB  HB   sing N N 162 
ILE CG1 CD1  sing N N 163 
ILE CG1 HG12 sing N N 164 
ILE CG1 HG13 sing N N 165 
ILE CG2 HG21 sing N N 166 
ILE CG2 HG22 sing N N 167 
ILE CG2 HG23 sing N N 168 
ILE CD1 HD11 sing N N 169 
ILE CD1 HD12 sing N N 170 
ILE CD1 HD13 sing N N 171 
ILE OXT HXT  sing N N 172 
LEU N   CA   sing N N 173 
LEU N   H    sing N N 174 
LEU N   H2   sing N N 175 
LEU CA  C    sing N N 176 
LEU CA  CB   sing N N 177 
LEU CA  HA   sing N N 178 
LEU C   O    doub N N 179 
LEU C   OXT  sing N N 180 
LEU CB  CG   sing N N 181 
LEU CB  HB2  sing N N 182 
LEU CB  HB3  sing N N 183 
LEU CG  CD1  sing N N 184 
LEU CG  CD2  sing N N 185 
LEU CG  HG   sing N N 186 
LEU CD1 HD11 sing N N 187 
LEU CD1 HD12 sing N N 188 
LEU CD1 HD13 sing N N 189 
LEU CD2 HD21 sing N N 190 
LEU CD2 HD22 sing N N 191 
LEU CD2 HD23 sing N N 192 
LEU OXT HXT  sing N N 193 
LYS N   CA   sing N N 194 
LYS N   H    sing N N 195 
LYS N   H2   sing N N 196 
LYS CA  C    sing N N 197 
LYS CA  CB   sing N N 198 
LYS CA  HA   sing N N 199 
LYS C   O    doub N N 200 
LYS C   OXT  sing N N 201 
LYS CB  CG   sing N N 202 
LYS CB  HB2  sing N N 203 
LYS CB  HB3  sing N N 204 
LYS CG  CD   sing N N 205 
LYS CG  HG2  sing N N 206 
LYS CG  HG3  sing N N 207 
LYS CD  CE   sing N N 208 
LYS CD  HD2  sing N N 209 
LYS CD  HD3  sing N N 210 
LYS CE  NZ   sing N N 211 
LYS CE  HE2  sing N N 212 
LYS CE  HE3  sing N N 213 
LYS NZ  HZ1  sing N N 214 
LYS NZ  HZ2  sing N N 215 
LYS NZ  HZ3  sing N N 216 
LYS OXT HXT  sing N N 217 
MET N   CA   sing N N 218 
MET N   H    sing N N 219 
MET N   H2   sing N N 220 
MET CA  C    sing N N 221 
MET CA  CB   sing N N 222 
MET CA  HA   sing N N 223 
MET C   O    doub N N 224 
MET C   OXT  sing N N 225 
MET CB  CG   sing N N 226 
MET CB  HB2  sing N N 227 
MET CB  HB3  sing N N 228 
MET CG  SD   sing N N 229 
MET CG  HG2  sing N N 230 
MET CG  HG3  sing N N 231 
MET SD  CE   sing N N 232 
MET CE  HE1  sing N N 233 
MET CE  HE2  sing N N 234 
MET CE  HE3  sing N N 235 
MET OXT HXT  sing N N 236 
PHE N   CA   sing N N 237 
PHE N   H    sing N N 238 
PHE N   H2   sing N N 239 
PHE CA  C    sing N N 240 
PHE CA  CB   sing N N 241 
PHE CA  HA   sing N N 242 
PHE C   O    doub N N 243 
PHE C   OXT  sing N N 244 
PHE CB  CG   sing N N 245 
PHE CB  HB2  sing N N 246 
PHE CB  HB3  sing N N 247 
PHE CG  CD1  doub Y N 248 
PHE CG  CD2  sing Y N 249 
PHE CD1 CE1  sing Y N 250 
PHE CD1 HD1  sing N N 251 
PHE CD2 CE2  doub Y N 252 
PHE CD2 HD2  sing N N 253 
PHE CE1 CZ   doub Y N 254 
PHE CE1 HE1  sing N N 255 
PHE CE2 CZ   sing Y N 256 
PHE CE2 HE2  sing N N 257 
PHE CZ  HZ   sing N N 258 
PHE OXT HXT  sing N N 259 
PRO N   CA   sing N N 260 
PRO N   CD   sing N N 261 
PRO N   H    sing N N 262 
PRO CA  C    sing N N 263 
PRO CA  CB   sing N N 264 
PRO CA  HA   sing N N 265 
PRO C   O    doub N N 266 
PRO C   OXT  sing N N 267 
PRO CB  CG   sing N N 268 
PRO CB  HB2  sing N N 269 
PRO CB  HB3  sing N N 270 
PRO CG  CD   sing N N 271 
PRO CG  HG2  sing N N 272 
PRO CG  HG3  sing N N 273 
PRO CD  HD2  sing N N 274 
PRO CD  HD3  sing N N 275 
PRO OXT HXT  sing N N 276 
SER N   CA   sing N N 277 
SER N   H    sing N N 278 
SER N   H2   sing N N 279 
SER CA  C    sing N N 280 
SER CA  CB   sing N N 281 
SER CA  HA   sing N N 282 
SER C   O    doub N N 283 
SER C   OXT  sing N N 284 
SER CB  OG   sing N N 285 
SER CB  HB2  sing N N 286 
SER CB  HB3  sing N N 287 
SER OG  HG   sing N N 288 
SER OXT HXT  sing N N 289 
THR N   CA   sing N N 290 
THR N   H    sing N N 291 
THR N   H2   sing N N 292 
THR CA  C    sing N N 293 
THR CA  CB   sing N N 294 
THR CA  HA   sing N N 295 
THR C   O    doub N N 296 
THR C   OXT  sing N N 297 
THR CB  OG1  sing N N 298 
THR CB  CG2  sing N N 299 
THR CB  HB   sing N N 300 
THR OG1 HG1  sing N N 301 
THR CG2 HG21 sing N N 302 
THR CG2 HG22 sing N N 303 
THR CG2 HG23 sing N N 304 
THR OXT HXT  sing N N 305 
TRP N   CA   sing N N 306 
TRP N   H    sing N N 307 
TRP N   H2   sing N N 308 
TRP CA  C    sing N N 309 
TRP CA  CB   sing N N 310 
TRP CA  HA   sing N N 311 
TRP C   O    doub N N 312 
TRP C   OXT  sing N N 313 
TRP CB  CG   sing N N 314 
TRP CB  HB2  sing N N 315 
TRP CB  HB3  sing N N 316 
TRP CG  CD1  doub Y N 317 
TRP CG  CD2  sing Y N 318 
TRP CD1 NE1  sing Y N 319 
TRP CD1 HD1  sing N N 320 
TRP CD2 CE2  doub Y N 321 
TRP CD2 CE3  sing Y N 322 
TRP NE1 CE2  sing Y N 323 
TRP NE1 HE1  sing N N 324 
TRP CE2 CZ2  sing Y N 325 
TRP CE3 CZ3  doub Y N 326 
TRP CE3 HE3  sing N N 327 
TRP CZ2 CH2  doub Y N 328 
TRP CZ2 HZ2  sing N N 329 
TRP CZ3 CH2  sing Y N 330 
TRP CZ3 HZ3  sing N N 331 
TRP CH2 HH2  sing N N 332 
TRP OXT HXT  sing N N 333 
TYR N   CA   sing N N 334 
TYR N   H    sing N N 335 
TYR N   H2   sing N N 336 
TYR CA  C    sing N N 337 
TYR CA  CB   sing N N 338 
TYR CA  HA   sing N N 339 
TYR C   O    doub N N 340 
TYR C   OXT  sing N N 341 
TYR CB  CG   sing N N 342 
TYR CB  HB2  sing N N 343 
TYR CB  HB3  sing N N 344 
TYR CG  CD1  doub Y N 345 
TYR CG  CD2  sing Y N 346 
TYR CD1 CE1  sing Y N 347 
TYR CD1 HD1  sing N N 348 
TYR CD2 CE2  doub Y N 349 
TYR CD2 HD2  sing N N 350 
TYR CE1 CZ   doub Y N 351 
TYR CE1 HE1  sing N N 352 
TYR CE2 CZ   sing Y N 353 
TYR CE2 HE2  sing N N 354 
TYR CZ  OH   sing N N 355 
TYR OH  HH   sing N N 356 
TYR OXT HXT  sing N N 357 
VAL N   CA   sing N N 358 
VAL N   H    sing N N 359 
VAL N   H2   sing N N 360 
VAL CA  C    sing N N 361 
VAL CA  CB   sing N N 362 
VAL CA  HA   sing N N 363 
VAL C   O    doub N N 364 
VAL C   OXT  sing N N 365 
VAL CB  CG1  sing N N 366 
VAL CB  CG2  sing N N 367 
VAL CB  HB   sing N N 368 
VAL CG1 HG11 sing N N 369 
VAL CG1 HG12 sing N N 370 
VAL CG1 HG13 sing N N 371 
VAL CG2 HG21 sing N N 372 
VAL CG2 HG22 sing N N 373 
VAL CG2 HG23 sing N N 374 
VAL OXT HXT  sing N N 375 
# 
_atom_sites.entry_id                    2FZP 
_atom_sites.fract_transf_matrix[1][1]   -0.00293805 
_atom_sites.fract_transf_matrix[1][2]   -0.00276741 
_atom_sites.fract_transf_matrix[1][3]   -0.02845416 
_atom_sites.fract_transf_matrix[2][1]   0.02227788 
_atom_sites.fract_transf_matrix[2][2]   0.00274728 
_atom_sites.fract_transf_matrix[2][3]   -0.00256751 
_atom_sites.fract_transf_matrix[3][1]   0.00148673 
_atom_sites.fract_transf_matrix[3][2]   -0.01118300 
_atom_sites.fract_transf_matrix[3][3]   0.00093413 
_atom_sites.fract_transf_vector[1]      0.761776 
_atom_sites.fract_transf_vector[2]      0.843153 
_atom_sites.fract_transf_vector[3]      0.175867 
# 
loop_
_atom_type.symbol 
C 
N 
O 
S 
# 
loop_
_atom_site.group_PDB 
_atom_site.id 
_atom_site.type_symbol 
_atom_site.label_atom_id 
_atom_site.label_alt_id 
_atom_site.label_comp_id 
_atom_site.label_asym_id 
_atom_site.label_entity_id 
_atom_site.label_seq_id 
_atom_site.pdbx_PDB_ins_code 
_atom_site.Cartn_x 
_atom_site.Cartn_y 
_atom_site.Cartn_z 
_atom_site.occupancy 
_atom_site.B_iso_or_equiv 
_atom_site.pdbx_formal_charge 
_atom_site.auth_seq_id 
_atom_site.auth_comp_id 
_atom_site.auth_asym_id 
_atom_site.auth_atom_id 
_atom_site.pdbx_PDB_model_num 
ATOM   1    N N   . SER A 1 11  ? 7.354   -15.389 8.794   1.00 12.64 ? 184 SER A N   1 
ATOM   2    C CA  . SER A 1 11  ? 8.394   -14.740 7.873   1.00 10.16 ? 184 SER A CA  1 
ATOM   3    C C   . SER A 1 11  ? 9.697   -14.313 8.567   1.00 11.77 ? 184 SER A C   1 
ATOM   4    O O   . SER A 1 11  ? 9.668   -13.440 9.431   1.00 13.33 ? 184 SER A O   1 
ATOM   5    C CB  . SER A 1 11  ? 7.795   -13.482 7.186   1.00 10.25 ? 184 SER A CB  1 
ATOM   6    O OG  . SER A 1 11  ? 8.743   -12.923 6.259   1.00 11.42 ? 184 SER A OG  1 
ATOM   7    N N   . SER A 1 12  ? 10.842  -14.841 8.133   1.00 10.41 ? 185 SER A N   1 
ATOM   8    C CA  . SER A 1 12  ? 12.121  -14.475 8.747   1.00 10.44 ? 185 SER A CA  1 
ATOM   9    C C   . SER A 1 12  ? 12.735  -13.251 8.110   1.00 9.38  ? 185 SER A C   1 
ATOM   10   O O   . SER A 1 12  ? 13.616  -12.621 8.726   1.00 9.29  ? 185 SER A O   1 
ATOM   11   C CB  . SER A 1 12  ? 13.132  -15.603 8.607   1.00 10.20 ? 185 SER A CB  1 
ATOM   12   O OG  . SER A 1 12  ? 13.513  -15.721 7.233   1.00 11.93 ? 185 SER A OG  1 
ATOM   13   N N   . GLY A 1 13  ? 12.319  -12.933 6.880   1.00 6.29  ? 186 GLY A N   1 
ATOM   14   C CA  . GLY A 1 13  ? 12.894  -11.775 6.136   1.00 8.29  ? 186 GLY A CA  1 
ATOM   15   C C   . GLY A 1 13  ? 14.293  -12.029 5.579   1.00 9.27  ? 186 GLY A C   1 
ATOM   16   O O   . GLY A 1 13  ? 14.916  -11.111 5.023   1.00 7.37  ? 186 GLY A O   1 
ATOM   17   N N   . LEU A 1 14  ? 14.777  -13.269 5.679   1.00 11.14 ? 187 LEU A N   1 
ATOM   18   C CA  . LEU A 1 14  ? 16.185  -13.560 5.333   1.00 12.16 ? 187 LEU A CA  1 
ATOM   19   C C   . LEU A 1 14  ? 16.375  -13.905 3.851   1.00 13.22 ? 187 LEU A C   1 
ATOM   20   O O   . LEU A 1 14  ? 16.870  -14.994 3.482   1.00 14.30 ? 187 LEU A O   1 
ATOM   21   C CB  . LEU A 1 14  ? 16.756  -14.660 6.226   1.00 12.50 ? 187 LEU A CB  1 
ATOM   22   C CG  . LEU A 1 14  ? 16.617  -14.497 7.745   1.00 11.17 ? 187 LEU A CG  1 
ATOM   23   C CD1 . LEU A 1 14  ? 17.057  -15.791 8.434   1.00 13.18 ? 187 LEU A CD1 1 
ATOM   24   C CD2 . LEU A 1 14  ? 17.430  -13.338 8.223   1.00 12.42 ? 187 LEU A CD2 1 
ATOM   25   N N   . VAL A 1 15  ? 16.007  -12.952 3.011   1.00 10.06 ? 188 VAL A N   1 
ATOM   26   C CA  . VAL A 1 15  ? 15.968  -13.116 1.553   1.00 11.73 ? 188 VAL A CA  1 
ATOM   27   C C   . VAL A 1 15  ? 16.421  -11.802 0.910   1.00 11.26 ? 188 VAL A C   1 
ATOM   28   O O   . VAL A 1 15  ? 16.282  -10.747 1.535   1.00 9.24  ? 188 VAL A O   1 
ATOM   29   C CB  . VAL A 1 15  ? 14.539  -13.497 1.049   1.00 12.48 ? 188 VAL A CB  1 
ATOM   30   C CG1 . VAL A 1 15  ? 14.136  -14.911 1.493   1.00 15.53 ? 188 VAL A CG1 1 
ATOM   31   C CG2 . VAL A 1 15  ? 13.487  -12.451 1.513   1.00 11.77 ? 188 VAL A CG2 1 
ATOM   32   N N   . PRO A 1 16  ? 17.076  -11.872 -0.277  1.00 9.00  ? 189 PRO A N   1 
ATOM   33   C CA  . PRO A 1 16  ? 17.549  -10.656 -0.950  1.00 11.08 ? 189 PRO A CA  1 
ATOM   34   C C   . PRO A 1 16  ? 16.369  -9.836  -1.509  1.00 10.85 ? 189 PRO A C   1 
ATOM   35   O O   . PRO A 1 16  ? 15.455  -10.395 -2.114  1.00 9.22  ? 189 PRO A O   1 
ATOM   36   C CB  . PRO A 1 16  ? 18.458  -11.197 -2.096  1.00 8.10  ? 189 PRO A CB  1 
ATOM   37   C CG  . PRO A 1 16  ? 18.736  -12.669 -1.753  1.00 10.41 ? 189 PRO A CG  1 
ATOM   38   C CD  . PRO A 1 16  ? 17.491  -13.109 -0.975  1.00 10.20 ? 189 PRO A CD  1 
ATOM   39   N N   . ARG A 1 17  ? 16.376  -8.532  -1.281  1.00 8.70  ? 190 ARG A N   1 
ATOM   40   C CA  . ARG A 1 17  ? 15.411  -7.639  -1.911  1.00 9.51  ? 190 ARG A CA  1 
ATOM   41   C C   . ARG A 1 17  ? 15.446  -7.775  -3.440  1.00 9.82  ? 190 ARG A C   1 
ATOM   42   O O   . ARG A 1 17  ? 16.527  -7.804  -4.081  1.00 8.61  ? 190 ARG A O   1 
ATOM   43   C CB  . ARG A 1 17  ? 15.708  -6.171  -1.518  1.00 11.30 ? 190 ARG A CB  1 
ATOM   44   C CG  . ARG A 1 17  ? 15.582  -5.888  0.010   1.00 15.82 ? 190 ARG A CG  1 
ATOM   45   C CD  . ARG A 1 17  ? 14.163  -6.063  0.569   1.00 19.51 ? 190 ARG A CD  1 
ATOM   46   N NE  . ARG A 1 17  ? 13.169  -5.538  -0.357  1.00 19.00 ? 190 ARG A NE  1 
ATOM   47   C CZ  . ARG A 1 17  ? 12.905  -4.246  -0.479  1.00 30.10 ? 190 ARG A CZ  1 
ATOM   48   N NH1 . ARG A 1 17  ? 13.538  -3.362  0.295   1.00 33.37 ? 190 ARG A NH1 1 
ATOM   49   N NH2 . ARG A 1 17  ? 12.012  -3.836  -1.371  1.00 23.49 ? 190 ARG A NH2 1 
ATOM   50   N N   . GLY A 1 18  ? 14.266  -7.869  -4.039  1.00 10.12 ? 191 GLY A N   1 
ATOM   51   C CA  . GLY A 1 18  ? 14.157  -8.039  -5.501  1.00 11.06 ? 191 GLY A CA  1 
ATOM   52   C C   . GLY A 1 18  ? 14.469  -9.409  -6.126  1.00 10.57 ? 191 GLY A C   1 
ATOM   53   O O   . GLY A 1 18  ? 14.496  -9.522  -7.361  1.00 10.57 ? 191 GLY A O   1 
ATOM   54   N N   . SER A 1 19  ? 14.686  -10.443 -5.301  1.00 6.71  ? 192 SER A N   1 
ATOM   55   C CA  . SER A 1 19  ? 14.989  -11.785 -5.808  1.00 7.52  ? 192 SER A CA  1 
ATOM   56   C C   . SER A 1 19  ? 13.726  -12.542 -6.157  1.00 8.07  ? 192 SER A C   1 
ATOM   57   O O   . SER A 1 19  ? 12.626  -12.145 -5.764  1.00 9.00  ? 192 SER A O   1 
ATOM   58   C CB  . SER A 1 19  ? 15.749  -12.616 -4.773  1.00 5.90  ? 192 SER A CB  1 
ATOM   59   O OG  . SER A 1 19  ? 15.072  -12.606 -3.518  1.00 7.38  ? 192 SER A OG  1 
ATOM   60   N N   . THR A 1 20  ? 13.863  -13.637 -6.882  1.00 7.39  ? 193 THR A N   1 
ATOM   61   C CA  . THR A 1 20  ? 12.702  -14.522 -7.101  1.00 7.49  ? 193 THR A CA  1 
ATOM   62   C C   . THR A 1 20  ? 12.157  -15.079 -5.799  1.00 11.98 ? 193 THR A C   1 
ATOM   63   O O   . THR A 1 20  ? 10.916  -15.125 -5.616  1.00 10.41 ? 193 THR A O   1 
ATOM   64   C CB  . THR A 1 20  ? 13.048  -15.688 -8.079  1.00 8.49  ? 193 THR A CB  1 
ATOM   65   O OG1 . THR A 1 20  ? 13.153  -15.158 -9.414  1.00 8.67  ? 193 THR A OG1 1 
ATOM   66   C CG2 . THR A 1 20  ? 11.937  -16.805 -8.038  1.00 9.31  ? 193 THR A CG2 1 
ATOM   67   N N   . ILE A 1 21  ? 13.056  -15.496 -4.877  1.00 10.59 ? 194 ILE A N   1 
ATOM   68   C CA  . ILE A 1 21  ? 12.582  -16.094 -3.614  1.00 9.62  ? 194 ILE A CA  1 
ATOM   69   C C   . ILE A 1 21  ? 11.782  -15.045 -2.785  1.00 11.50 ? 194 ILE A C   1 
ATOM   70   O O   . ILE A 1 21  ? 10.693  -15.349 -2.226  1.00 9.28  ? 194 ILE A O   1 
ATOM   71   C CB  . ILE A 1 21  ? 13.780  -16.774 -2.839  1.00 10.72 ? 194 ILE A CB  1 
ATOM   72   C CG1 . ILE A 1 21  ? 13.270  -17.688 -1.712  1.00 16.22 ? 194 ILE A CG1 1 
ATOM   73   C CG2 . ILE A 1 21  ? 14.814  -15.728 -2.347  1.00 11.78 ? 194 ILE A CG2 1 
ATOM   74   C CD1 . ILE A 1 21  ? 14.301  -18.769 -1.306  1.00 17.47 ? 194 ILE A CD1 1 
ATOM   75   N N   . GLU A 1 22  ? 12.257  -13.787 -2.754  1.00 9.86  ? 195 GLU A N   1 
ATOM   76   C CA  . GLU A 1 22  ? 11.428  -12.750 -2.115  1.00 12.79 ? 195 GLU A CA  1 
ATOM   77   C C   . GLU A 1 22  ? 10.100  -12.537 -2.860  1.00 13.46 ? 195 GLU A C   1 
ATOM   78   O O   . GLU A 1 22  ? 9.035   -12.473 -2.213  1.00 16.16 ? 195 GLU A O   1 
ATOM   79   C CB  . GLU A 1 22  ? 12.159  -11.418 -2.005  1.00 11.69 ? 195 GLU A CB  1 
ATOM   80   C CG  . GLU A 1 22  ? 11.407  -10.383 -1.158  1.00 12.73 ? 195 GLU A CG  1 
ATOM   81   C CD  . GLU A 1 22  ? 11.914  -8.976  -1.315  1.00 10.03 ? 195 GLU A CD  1 
ATOM   82   O OE1 . GLU A 1 22  ? 12.071  -8.504  -2.466  1.00 12.94 ? 195 GLU A OE1 1 
ATOM   83   O OE2 . GLU A 1 22  ? 12.086  -8.275  -0.280  1.00 15.05 ? 195 GLU A OE2 1 
ATOM   84   N N   . TYR A 1 23  ? 10.139  -12.363 -4.186  1.00 12.92 ? 196 TYR A N   1 
ATOM   85   C CA  . TYR A 1 23  ? 8.881   -12.188 -4.970  1.00 12.88 ? 196 TYR A CA  1 
ATOM   86   C C   . TYR A 1 23  ? 7.862   -13.324 -4.752  1.00 12.01 ? 196 TYR A C   1 
ATOM   87   O O   . TYR A 1 23  ? 6.649   -13.089 -4.737  1.00 8.79  ? 196 TYR A O   1 
ATOM   88   C CB  . TYR A 1 23  ? 9.147   -12.050 -6.481  1.00 16.63 ? 196 TYR A CB  1 
ATOM   89   C CG  . TYR A 1 23  ? 9.891   -10.786 -6.914  1.00 22.68 ? 196 TYR A CG  1 
ATOM   90   C CD1 . TYR A 1 23  ? 9.696   -9.554  -6.257  1.00 24.08 ? 196 TYR A CD1 1 
ATOM   91   C CD2 . TYR A 1 23  ? 10.794  -10.826 -7.986  1.00 26.85 ? 196 TYR A CD2 1 
ATOM   92   C CE1 . TYR A 1 23  ? 10.382  -8.384  -6.664  1.00 27.25 ? 196 TYR A CE1 1 
ATOM   93   C CE2 . TYR A 1 23  ? 11.473  -9.659  -8.408  1.00 25.11 ? 196 TYR A CE2 1 
ATOM   94   C CZ  . TYR A 1 23  ? 11.268  -8.451  -7.735  1.00 23.55 ? 196 TYR A CZ  1 
ATOM   95   O OH  . TYR A 1 23  ? 11.974  -7.324  -8.155  1.00 25.59 ? 196 TYR A OH  1 
ATOM   96   N N   . ASN A 1 24  ? 8.348   -14.549 -4.608  1.00 8.22  ? 197 ASN A N   1 
ATOM   97   C CA  . ASN A 1 24  ? 7.468   -15.696 -4.438  1.00 11.36 ? 197 ASN A CA  1 
ATOM   98   C C   . ASN A 1 24  ? 6.690   -15.547 -3.105  1.00 11.23 ? 197 ASN A C   1 
ATOM   99   O O   . ASN A 1 24  ? 5.455   -15.794 -3.024  1.00 10.07 ? 197 ASN A O   1 
ATOM   100  C CB  . ASN A 1 24  ? 8.276   -17.002 -4.483  1.00 11.34 ? 197 ASN A CB  1 
ATOM   101  C CG  . ASN A 1 24  ? 8.702   -17.405 -5.909  1.00 13.76 ? 197 ASN A CG  1 
ATOM   102  O OD1 . ASN A 1 24  ? 8.242   -16.833 -6.904  1.00 15.48 ? 197 ASN A OD1 1 
ATOM   103  N ND2 . ASN A 1 24  ? 9.589   -18.407 -6.001  1.00 12.13 ? 197 ASN A ND2 1 
ATOM   104  N N   . GLU A 1 25  ? 7.403   -15.122 -2.066  1.00 11.21 ? 198 GLU A N   1 
ATOM   105  C CA  . GLU A 1 25  ? 6.808   -14.896 -0.738  1.00 11.22 ? 198 GLU A CA  1 
ATOM   106  C C   . GLU A 1 25  ? 5.844   -13.729 -0.773  1.00 9.07  ? 198 GLU A C   1 
ATOM   107  O O   . GLU A 1 25  ? 4.768   -13.810 -0.190  1.00 8.94  ? 198 GLU A O   1 
ATOM   108  C CB  . GLU A 1 25  ? 7.900   -14.638 0.321   1.00 11.91 ? 198 GLU A CB  1 
ATOM   109  C CG  . GLU A 1 25  ? 7.377   -14.776 1.770   1.00 16.76 ? 198 GLU A CG  1 
ATOM   110  C CD  . GLU A 1 25  ? 8.360   -14.305 2.858   1.00 15.64 ? 198 GLU A CD  1 
ATOM   111  O OE1 . GLU A 1 25  ? 9.548   -13.994 2.541   1.00 15.72 ? 198 GLU A OE1 1 
ATOM   112  O OE2 . GLU A 1 25  ? 7.898   -14.190 4.025   1.00 10.46 ? 198 GLU A OE2 1 
ATOM   113  N N   . ILE A 1 26  ? 6.217   -12.644 -1.438  1.00 7.80  ? 199 ILE A N   1 
ATOM   114  C CA  . ILE A 1 26  ? 5.273   -11.528 -1.645  1.00 6.77  ? 199 ILE A CA  1 
ATOM   115  C C   . ILE A 1 26  ? 3.977   -11.954 -2.361  1.00 10.93 ? 199 ILE A C   1 
ATOM   116  O O   . ILE A 1 26  ? 2.842   -11.580 -1.947  1.00 12.60 ? 199 ILE A O   1 
ATOM   117  C CB  . ILE A 1 26  ? 5.967   -10.364 -2.430  1.00 10.04 ? 199 ILE A CB  1 
ATOM   118  C CG1 . ILE A 1 26  ? 7.172   -9.824  -1.612  1.00 7.71  ? 199 ILE A CG1 1 
ATOM   119  C CG2 . ILE A 1 26  ? 4.993   -9.257  -2.662  1.00 9.73  ? 199 ILE A CG2 1 
ATOM   120  C CD1 . ILE A 1 26  ? 7.927   -8.632  -2.291  1.00 10.04 ? 199 ILE A CD1 1 
ATOM   121  N N   . LEU A 1 27  ? 4.125   -12.723 -3.436  1.00 8.27  ? 200 LEU A N   1 
ATOM   122  C CA  . LEU A 1 27  ? 2.957   -13.100 -4.235  1.00 10.32 ? 200 LEU A CA  1 
ATOM   123  C C   . LEU A 1 27  ? 1.985   -13.929 -3.392  1.00 10.48 ? 200 LEU A C   1 
ATOM   124  O O   . LEU A 1 27  ? 0.747   -13.708 -3.451  1.00 8.27  ? 200 LEU A O   1 
ATOM   125  C CB  . LEU A 1 27  ? 3.392   -13.818 -5.532  1.00 9.33  ? 200 LEU A CB  1 
ATOM   126  C CG  . LEU A 1 27  ? 3.720   -12.844 -6.695  1.00 18.44 ? 200 LEU A CG  1 
ATOM   127  C CD1 . LEU A 1 27  ? 4.422   -13.511 -7.874  1.00 17.10 ? 200 LEU A CD1 1 
ATOM   128  C CD2 . LEU A 1 27  ? 2.471   -12.092 -7.211  1.00 19.70 ? 200 LEU A CD2 1 
ATOM   129  N N   . GLU A 1 28  ? 2.552   -14.869 -2.614  1.00 10.37 ? 201 GLU A N   1 
ATOM   130  C CA  . GLU A 1 28  ? 1.795   -15.743 -1.720  1.00 12.16 ? 201 GLU A CA  1 
ATOM   131  C C   . GLU A 1 28  ? 1.004   -14.913 -0.718  1.00 12.98 ? 201 GLU A C   1 
ATOM   132  O O   . GLU A 1 28  ? -0.219  -15.141 -0.516  1.00 6.98  ? 201 GLU A O   1 
ATOM   133  C CB  . GLU A 1 28  ? 2.745   -16.742 -1.034  1.00 12.17 ? 201 GLU A CB  1 
ATOM   134  C CG  . GLU A 1 28  ? 2.111   -17.643 0.025   1.00 18.02 ? 201 GLU A CG  1 
ATOM   135  C CD  . GLU A 1 28  ? 3.115   -18.669 0.593   1.00 23.89 ? 201 GLU A CD  1 
ATOM   136  O OE1 . GLU A 1 28  ? 4.276   -18.283 0.933   1.00 32.99 ? 201 GLU A OE1 1 
ATOM   137  O OE2 . GLU A 1 28  ? 2.720   -19.849 0.714   1.00 31.20 ? 201 GLU A OE2 1 
ATOM   138  N N   . TRP A 1 29  ? 1.667   -13.904 -0.148  1.00 10.52 ? 202 TRP A N   1 
ATOM   139  C CA  . TRP A 1 29  ? 1.014   -12.971 0.776   1.00 10.56 ? 202 TRP A CA  1 
ATOM   140  C C   . TRP A 1 29  ? -0.104  -12.187 0.115   1.00 11.66 ? 202 TRP A C   1 
ATOM   141  O O   . TRP A 1 29  ? -1.239  -12.192 0.613   1.00 11.91 ? 202 TRP A O   1 
ATOM   142  C CB  . TRP A 1 29  ? 2.042   -12.013 1.404   1.00 10.58 ? 202 TRP A CB  1 
ATOM   143  C CG  . TRP A 1 29  ? 1.436   -10.991 2.300   1.00 11.99 ? 202 TRP A CG  1 
ATOM   144  C CD1 . TRP A 1 29  ? 0.723   -11.215 3.430   1.00 12.18 ? 202 TRP A CD1 1 
ATOM   145  C CD2 . TRP A 1 29  ? 1.436   -9.577  2.093   1.00 10.55 ? 202 TRP A CD2 1 
ATOM   146  N NE1 . TRP A 1 29  ? 0.303   -10.012 3.969   1.00 10.23 ? 202 TRP A NE1 1 
ATOM   147  C CE2 . TRP A 1 29  ? 0.701   -8.998  3.146   1.00 8.73  ? 202 TRP A CE2 1 
ATOM   148  C CE3 . TRP A 1 29  ? 2.000   -8.739  1.110   1.00 9.87  ? 202 TRP A CE3 1 
ATOM   149  C CZ2 . TRP A 1 29  ? 0.539   -7.584  3.282   1.00 9.89  ? 202 TRP A CZ2 1 
ATOM   150  C CZ3 . TRP A 1 29  ? 1.842   -7.352  1.227   1.00 8.85  ? 202 TRP A CZ3 1 
ATOM   151  C CH2 . TRP A 1 29  ? 1.125   -6.783  2.326   1.00 7.11  ? 202 TRP A CH2 1 
ATOM   152  N N   . VAL A 1 30  ? 0.196   -11.532 -1.009  1.00 11.18 ? 203 VAL A N   1 
ATOM   153  C CA  . VAL A 1 30  ? -0.777  -10.687 -1.701  1.00 12.68 ? 203 VAL A CA  1 
ATOM   154  C C   . VAL A 1 30  ? -1.999  -11.517 -2.097  1.00 14.93 ? 203 VAL A C   1 
ATOM   155  O O   . VAL A 1 30  ? -3.120  -11.034 -2.047  1.00 12.17 ? 203 VAL A O   1 
ATOM   156  C CB  . VAL A 1 30  ? -0.160  -10.004 -2.973  1.00 14.45 ? 203 VAL A CB  1 
ATOM   157  C CG1 . VAL A 1 30  ? -1.226  -9.295  -3.796  1.00 15.03 ? 203 VAL A CG1 1 
ATOM   158  C CG2 . VAL A 1 30  ? 0.929   -9.016  -2.593  1.00 11.75 ? 203 VAL A CG2 1 
ATOM   159  N N   . ASN A 1 31  ? -1.786  -12.786 -2.475  1.00 14.33 ? 204 ASN A N   1 
ATOM   160  C CA  . ASN A 1 31  ? -2.901  -13.655 -2.876  1.00 12.86 ? 204 ASN A CA  1 
ATOM   161  C C   . ASN A 1 31  ? -3.754  -14.102 -1.682  1.00 13.47 ? 204 ASN A C   1 
ATOM   162  O O   . ASN A 1 31  ? -4.895  -14.599 -1.861  1.00 12.60 ? 204 ASN A O   1 
ATOM   163  C CB  . ASN A 1 31  ? -2.386  -14.870 -3.673  1.00 12.13 ? 204 ASN A CB  1 
ATOM   164  C CG  . ASN A 1 31  ? -1.947  -14.499 -5.095  1.00 18.74 ? 204 ASN A CG  1 
ATOM   165  O OD1 . ASN A 1 31  ? -2.330  -13.441 -5.633  1.00 19.92 ? 204 ASN A OD1 1 
ATOM   166  N ND2 . ASN A 1 31  ? -1.157  -15.379 -5.721  1.00 16.87 ? 204 ASN A ND2 1 
ATOM   167  N N   . SER A 1 32  ? -3.216  -13.921 -0.465  1.00 10.27 ? 205 SER A N   1 
ATOM   168  C CA  . SER A 1 32  ? -3.957  -14.230 0.775   1.00 12.40 ? 205 SER A CA  1 
ATOM   169  C C   . SER A 1 32  ? -4.798  -13.045 1.254   1.00 12.01 ? 205 SER A C   1 
ATOM   170  O O   . SER A 1 32  ? -5.620  -13.194 2.178   1.00 11.67 ? 205 SER A O   1 
ATOM   171  C CB  . SER A 1 32  ? -3.007  -14.647 1.912   1.00 11.95 ? 205 SER A CB  1 
ATOM   172  O OG  . SER A 1 32  ? -2.367  -13.479 2.443   1.00 12.90 ? 205 SER A OG  1 
ATOM   173  N N   . LEU A 1 33  ? -4.618  -11.886 0.625   1.00 12.32 ? 206 LEU A N   1 
ATOM   174  C CA  . LEU A 1 33  ? -5.342  -10.672 1.017   1.00 10.97 ? 206 LEU A CA  1 
ATOM   175  C C   . LEU A 1 33  ? -6.685  -10.575 0.279   1.00 13.17 ? 206 LEU A C   1 
ATOM   176  O O   . LEU A 1 33  ? -6.891  -11.256 -0.744  1.00 10.82 ? 206 LEU A O   1 
ATOM   177  C CB  . LEU A 1 33  ? -4.471  -9.450  0.739   1.00 12.02 ? 206 LEU A CB  1 
ATOM   178  C CG  . LEU A 1 33  ? -3.154  -9.336  1.533   1.00 10.54 ? 206 LEU A CG  1 
ATOM   179  C CD1 . LEU A 1 33  ? -2.435  -8.050  1.161   1.00 10.77 ? 206 LEU A CD1 1 
ATOM   180  C CD2 . LEU A 1 33  ? -3.358  -9.416  3.070   1.00 10.23 ? 206 LEU A CD2 1 
ATOM   181  N N   . GLN A 1 34  ? -7.605  -9.755  0.798   1.00 12.33 ? 207 GLN A N   1 
ATOM   182  C CA  . GLN A 1 34  ? -8.925  -9.613  0.189   1.00 12.16 ? 207 GLN A CA  1 
ATOM   183  C C   . GLN A 1 34  ? -8.849  -8.382  -0.722  1.00 11.86 ? 207 GLN A C   1 
ATOM   184  O O   . GLN A 1 34  ? -8.298  -7.381  -0.320  1.00 12.12 ? 207 GLN A O   1 
ATOM   185  C CB  . GLN A 1 34  ? -10.017 -9.394  1.255   1.00 13.24 ? 207 GLN A CB  1 
ATOM   186  C CG  . GLN A 1 34  ? -10.256 -10.589 2.138   1.00 14.98 ? 207 GLN A CG  1 
ATOM   187  C CD  . GLN A 1 34  ? -10.773 -11.794 1.372   1.00 24.91 ? 207 GLN A CD  1 
ATOM   188  O OE1 . GLN A 1 34  ? -11.739 -11.691 0.619   1.00 31.18 ? 207 GLN A OE1 1 
ATOM   189  N NE2 . GLN A 1 34  ? -10.137 -12.948 1.570   1.00 28.63 ? 207 GLN A NE2 1 
ATOM   190  N N   . PRO A 1 35  ? -9.382  -8.472  -1.954  1.00 13.32 ? 208 PRO A N   1 
ATOM   191  C CA  . PRO A 1 35  ? -9.456  -7.279  -2.832  1.00 13.03 ? 208 PRO A CA  1 
ATOM   192  C C   . PRO A 1 35  ? -10.167 -6.140  -2.128  1.00 14.48 ? 208 PRO A C   1 
ATOM   193  O O   . PRO A 1 35  ? -11.025 -6.379  -1.261  1.00 14.55 ? 208 PRO A O   1 
ATOM   194  C CB  . PRO A 1 35  ? -10.336 -7.748  -4.009  1.00 14.86 ? 208 PRO A CB  1 
ATOM   195  C CG  . PRO A 1 35  ? -10.256 -9.250  -4.002  1.00 14.62 ? 208 PRO A CG  1 
ATOM   196  C CD  . PRO A 1 35  ? -9.901  -9.696  -2.605  1.00 13.53 ? 208 PRO A CD  1 
ATOM   197  N N   . ALA A 1 36  ? -9.826  -4.911  -2.491  1.00 12.38 ? 209 ALA A N   1 
ATOM   198  C CA  . ALA A 1 36  ? -10.577 -3.751  -1.971  1.00 13.21 ? 209 ALA A CA  1 
ATOM   199  C C   . ALA A 1 36  ? -11.020 -2.844  -3.106  1.00 12.79 ? 209 ALA A C   1 
ATOM   200  O O   . ALA A 1 36  ? -10.431 -2.843  -4.176  1.00 12.16 ? 209 ALA A O   1 
ATOM   201  C CB  . ALA A 1 36  ? -9.751  -2.955  -0.975  1.00 14.12 ? 209 ALA A CB  1 
ATOM   202  N N   . ARG A 1 37  ? -12.062 -2.070  -2.823  1.00 11.49 ? 210 ARG A N   1 
ATOM   203  C CA  . ARG A 1 37  ? -12.585 -1.036  -3.691  1.00 13.41 ? 210 ARG A CA  1 
ATOM   204  C C   . ARG A 1 37  ? -12.560 0.210   -2.805  1.00 14.08 ? 210 ARG A C   1 
ATOM   205  O O   . ARG A 1 37  ? -12.980 0.166   -1.654  1.00 14.86 ? 210 ARG A O   1 
ATOM   206  C CB  . ARG A 1 37  ? -14.025 -1.427  -4.091  1.00 14.55 ? 210 ARG A CB  1 
ATOM   207  C CG  . ARG A 1 37  ? -14.849 -0.386  -4.755  1.00 14.30 ? 210 ARG A CG  1 
ATOM   208  C CD  . ARG A 1 37  ? -16.168 -0.999  -5.242  1.00 16.95 ? 210 ARG A CD  1 
ATOM   209  N NE  . ARG A 1 37  ? -17.251 -0.928  -4.249  1.00 16.20 ? 210 ARG A NE  1 
ATOM   210  C CZ  . ARG A 1 37  ? -18.183 0.024   -4.197  1.00 15.82 ? 210 ARG A CZ  1 
ATOM   211  N NH1 . ARG A 1 37  ? -18.205 1.043   -5.055  1.00 12.53 ? 210 ARG A NH1 1 
ATOM   212  N NH2 . ARG A 1 37  ? -19.114 -0.050  -3.276  1.00 14.95 ? 210 ARG A NH2 1 
ATOM   213  N N   . VAL A 1 38  ? -12.015 1.305   -3.319  1.00 13.91 ? 211 VAL A N   1 
ATOM   214  C CA  . VAL A 1 38  ? -11.886 2.524   -2.541  1.00 15.22 ? 211 VAL A CA  1 
ATOM   215  C C   . VAL A 1 38  ? -12.914 3.514   -3.088  1.00 17.15 ? 211 VAL A C   1 
ATOM   216  O O   . VAL A 1 38  ? -12.839 3.898   -4.252  1.00 16.02 ? 211 VAL A O   1 
ATOM   217  C CB  . VAL A 1 38  ? -10.473 3.157   -2.692  1.00 18.18 ? 211 VAL A CB  1 
ATOM   218  C CG1 . VAL A 1 38  ? -10.413 4.479   -1.951  1.00 16.01 ? 211 VAL A CG1 1 
ATOM   219  C CG2 . VAL A 1 38  ? -9.394  2.223   -2.212  1.00 15.33 ? 211 VAL A CG2 1 
ATOM   220  N N   . THR A 1 39  ? -13.884 3.892   -2.263  1.00 17.24 ? 212 THR A N   1 
ATOM   221  C CA  . THR A 1 39  ? -15.008 4.681   -2.748  1.00 19.22 ? 212 THR A CA  1 
ATOM   222  C C   . THR A 1 39  ? -14.875 6.177   -2.456  1.00 20.91 ? 212 THR A C   1 
ATOM   223  O O   . THR A 1 39  ? -15.634 6.974   -3.024  1.00 19.26 ? 212 THR A O   1 
ATOM   224  C CB  . THR A 1 39  ? -16.320 4.179   -2.188  1.00 21.43 ? 212 THR A CB  1 
ATOM   225  O OG1 . THR A 1 39  ? -16.337 4.388   -0.774  1.00 19.08 ? 212 THR A OG1 1 
ATOM   226  C CG2 . THR A 1 39  ? -16.496 2.705   -2.508  1.00 23.16 ? 212 THR A CG2 1 
ATOM   227  N N   . ARG A 1 40  ? -13.936 6.550   -1.576  1.00 22.13 ? 213 ARG A N   1 
ATOM   228  C CA  . ARG A 1 40  ? -13.733 7.962   -1.191  1.00 24.40 ? 213 ARG A CA  1 
ATOM   229  C C   . ARG A 1 40  ? -12.256 8.298   -1.156  1.00 24.30 ? 213 ARG A C   1 
ATOM   230  O O   . ARG A 1 40  ? -11.644 8.362   -0.082  1.00 27.66 ? 213 ARG A O   1 
ATOM   231  C CB  . ARG A 1 40  ? -14.411 8.321   0.158   1.00 21.87 ? 213 ARG A CB  1 
ATOM   232  C CG  . ARG A 1 40  ? -15.869 7.867   0.230   1.00 23.29 ? 213 ARG A CG  1 
ATOM   233  C CD  . ARG A 1 40  ? -16.509 8.066   1.581   1.00 28.11 ? 213 ARG A CD  1 
ATOM   234  N NE  . ARG A 1 40  ? -16.784 9.476   1.855   1.00 35.33 ? 213 ARG A NE  1 
ATOM   235  C CZ  . ARG A 1 40  ? -17.596 9.920   2.813   1.00 37.52 ? 213 ARG A CZ  1 
ATOM   236  N NH1 . ARG A 1 40  ? -18.235 9.065   3.605   1.00 39.06 ? 213 ARG A NH1 1 
ATOM   237  N NH2 . ARG A 1 40  ? -17.780 11.224  2.971   1.00 36.42 ? 213 ARG A NH2 1 
ATOM   238  N N   . TRP A 1 41  ? -11.688 8.548   -2.329  1.00 23.10 ? 214 TRP A N   1 
ATOM   239  C CA  . TRP A 1 41  ? -10.305 9.052   -2.434  1.00 22.32 ? 214 TRP A CA  1 
ATOM   240  C C   . TRP A 1 41  ? -10.064 10.345  -1.635  1.00 24.25 ? 214 TRP A C   1 
ATOM   241  O O   . TRP A 1 41  ? -8.949  10.586  -1.127  1.00 23.49 ? 214 TRP A O   1 
ATOM   242  C CB  . TRP A 1 41  ? -9.878  9.128   -3.914  1.00 21.02 ? 214 TRP A CB  1 
ATOM   243  C CG  . TRP A 1 41  ? -9.804  7.702   -4.482  1.00 19.38 ? 214 TRP A CG  1 
ATOM   244  C CD1 . TRP A 1 41  ? -10.797 7.004   -5.130  1.00 22.39 ? 214 TRP A CD1 1 
ATOM   245  C CD2 . TRP A 1 41  ? -8.705  6.791   -4.349  1.00 20.96 ? 214 TRP A CD2 1 
ATOM   246  N NE1 . TRP A 1 41  ? -10.357 5.719   -5.443  1.00 20.51 ? 214 TRP A NE1 1 
ATOM   247  C CE2 . TRP A 1 41  ? -9.083  5.566   -4.968  1.00 17.43 ? 214 TRP A CE2 1 
ATOM   248  C CE3 . TRP A 1 41  ? -7.426  6.897   -3.795  1.00 20.67 ? 214 TRP A CE3 1 
ATOM   249  C CZ2 . TRP A 1 41  ? -8.234  4.469   -5.023  1.00 18.17 ? 214 TRP A CZ2 1 
ATOM   250  C CZ3 . TRP A 1 41  ? -6.583  5.797   -3.856  1.00 20.65 ? 214 TRP A CZ3 1 
ATOM   251  C CH2 . TRP A 1 41  ? -6.989  4.607   -4.463  1.00 19.46 ? 214 TRP A CH2 1 
ATOM   252  N N   . GLY A 1 42  ? -11.117 11.142  -1.455  1.00 23.18 ? 215 GLY A N   1 
ATOM   253  C CA  . GLY A 1 42  ? -11.007 12.387  -0.668  1.00 22.66 ? 215 GLY A CA  1 
ATOM   254  C C   . GLY A 1 42  ? -10.834 12.169  0.833   1.00 22.18 ? 215 GLY A C   1 
ATOM   255  O O   . GLY A 1 42  ? -10.564 13.124  1.584   1.00 22.09 ? 215 GLY A O   1 
ATOM   256  N N   . GLY A 1 43  ? -10.978 10.918  1.271   1.00 20.11 ? 216 GLY A N   1 
ATOM   257  C CA  . GLY A 1 43  ? -10.843 10.543  2.681   1.00 18.70 ? 216 GLY A CA  1 
ATOM   258  C C   . GLY A 1 43  ? -9.442  10.100  3.061   1.00 16.84 ? 216 GLY A C   1 
ATOM   259  O O   . GLY A 1 43  ? -9.196  9.700   4.199   1.00 19.01 ? 216 GLY A O   1 
ATOM   260  N N   . MET A 1 44  ? -8.516  10.166  2.112   1.00 18.05 ? 217 MET A N   1 
ATOM   261  C CA  . MET A 1 44  ? -7.153  9.718   2.336   1.00 18.18 ? 217 MET A CA  1 
ATOM   262  C C   . MET A 1 44  ? -6.458  10.498  3.457   1.00 18.47 ? 217 MET A C   1 
ATOM   263  O O   . MET A 1 44  ? -6.655  11.723  3.609   1.00 15.23 ? 217 MET A O   1 
ATOM   264  C CB  . MET A 1 44  ? -6.361  9.903   1.059   1.00 20.17 ? 217 MET A CB  1 
ATOM   265  C CG  . MET A 1 44  ? -5.152  8.992   0.884   1.00 19.17 ? 217 MET A CG  1 
ATOM   266  S SD  . MET A 1 44  ? -4.206  9.686   -0.521  1.00 26.99 ? 217 MET A SD  1 
ATOM   267  C CE  . MET A 1 44  ? -5.243  9.495   -1.982  1.00 24.68 ? 217 MET A CE  1 
ATOM   268  N N   . ILE A 1 45  ? -5.631  9.775   4.219   1.00 15.55 ? 218 ILE A N   1 
ATOM   269  C CA  . ILE A 1 45  ? -4.848  10.351  5.292   1.00 14.33 ? 218 ILE A CA  1 
ATOM   270  C C   . ILE A 1 45  ? -3.387  10.369  4.791   1.00 16.03 ? 218 ILE A C   1 
ATOM   271  O O   . ILE A 1 45  ? -2.676  9.341   4.826   1.00 13.05 ? 218 ILE A O   1 
ATOM   272  C CB  . ILE A 1 45  ? -4.980  9.556   6.624   1.00 13.72 ? 218 ILE A CB  1 
ATOM   273  C CG1 . ILE A 1 45  ? -6.455  9.531   7.085   1.00 13.87 ? 218 ILE A CG1 1 
ATOM   274  C CG2 . ILE A 1 45  ? -4.105  10.240  7.724   1.00 13.92 ? 218 ILE A CG2 1 
ATOM   275  C CD1 . ILE A 1 45  ? -6.702  8.763   8.386   1.00 14.97 ? 218 ILE A CD1 1 
ATOM   276  N N   . SER A 1 46  ? -2.947  11.514  4.296   1.00 11.80 ? 219 SER A N   1 
ATOM   277  C CA  . SER A 1 46  ? -1.616  11.536  3.600   1.00 12.19 ? 219 SER A CA  1 
ATOM   278  C C   . SER A 1 46  ? -0.455  11.716  4.565   1.00 12.66 ? 219 SER A C   1 
ATOM   279  O O   . SER A 1 46  ? 0.735   11.555  4.212   1.00 12.20 ? 219 SER A O   1 
ATOM   280  C CB  . SER A 1 46  ? -1.554  12.655  2.576   1.00 11.97 ? 219 SER A CB  1 
ATOM   281  O OG  . SER A 1 46  ? -1.675  13.924  3.220   1.00 19.10 ? 219 SER A OG  1 
ATOM   282  N N   . THR A 1 47  ? -0.778  12.088  5.793   1.00 12.78 ? 220 THR A N   1 
ATOM   283  C CA  . THR A 1 47  ? 0.276   12.363  6.777   1.00 14.58 ? 220 THR A CA  1 
ATOM   284  C C   . THR A 1 47  ? 0.067   11.571  8.085   1.00 16.27 ? 220 THR A C   1 
ATOM   285  O O   . THR A 1 47  ? -0.045  12.178  9.143   1.00 15.76 ? 220 THR A O   1 
ATOM   286  C CB  . THR A 1 47  ? 0.375   13.894  7.100   1.00 15.71 ? 220 THR A CB  1 
ATOM   287  O OG1 . THR A 1 47  ? -0.889  14.374  7.558   1.00 13.57 ? 220 THR A OG1 1 
ATOM   288  C CG2 . THR A 1 47  ? 0.779   14.717  5.870   1.00 13.73 ? 220 THR A CG2 1 
ATOM   289  N N   . PRO A 1 48  ? 0.022   10.215  8.020   1.00 15.92 ? 221 PRO A N   1 
ATOM   290  C CA  . PRO A 1 48  ? -0.330  9.517   9.261   1.00 16.41 ? 221 PRO A CA  1 
ATOM   291  C C   . PRO A 1 48  ? 0.771   9.757   10.297  1.00 16.57 ? 221 PRO A C   1 
ATOM   292  O O   . PRO A 1 48  ? 1.975   9.706   9.952   1.00 16.82 ? 221 PRO A O   1 
ATOM   293  C CB  . PRO A 1 48  ? -0.271  8.038   8.868   1.00 14.52 ? 221 PRO A CB  1 
ATOM   294  C CG  . PRO A 1 48  ? 0.643   7.996   7.681   1.00 13.65 ? 221 PRO A CG  1 
ATOM   295  C CD  . PRO A 1 48  ? 0.303   9.271   6.927   1.00 15.18 ? 221 PRO A CD  1 
ATOM   296  N N   . ASP A 1 49  ? 0.387   9.968   11.546  1.00 15.82 ? 222 ASP A N   1 
ATOM   297  C CA  . ASP A 1 49  ? 1.397   10.149  12.577  1.00 13.02 ? 222 ASP A CA  1 
ATOM   298  C C   . ASP A 1 49  ? 1.996   8.807   12.993  1.00 13.09 ? 222 ASP A C   1 
ATOM   299  O O   . ASP A 1 49  ? 1.547   7.742   12.536  1.00 10.91 ? 222 ASP A O   1 
ATOM   300  C CB  . ASP A 1 49  ? 0.863   10.959  13.747  1.00 16.06 ? 222 ASP A CB  1 
ATOM   301  C CG  . ASP A 1 49  ? -0.246  10.274  14.516  1.00 23.14 ? 222 ASP A CG  1 
ATOM   302  O OD1 . ASP A 1 49  ? -0.473  9.037   14.402  1.00 23.04 ? 222 ASP A OD1 1 
ATOM   303  O OD2 . ASP A 1 49  ? -0.898  11.018  15.289  1.00 29.07 ? 222 ASP A OD2 1 
ATOM   304  N N   . ALA A 1 50  ? 3.008   8.857   13.851  1.00 11.62 ? 223 ALA A N   1 
ATOM   305  C CA  . ALA A 1 50  ? 3.760   7.651   14.275  1.00 12.90 ? 223 ALA A CA  1 
ATOM   306  C C   . ALA A 1 50  ? 2.890   6.537   14.848  1.00 11.71 ? 223 ALA A C   1 
ATOM   307  O O   . ALA A 1 50  ? 3.121   5.343   14.578  1.00 9.92  ? 223 ALA A O   1 
ATOM   308  C CB  . ALA A 1 50  ? 4.840   8.038   15.285  1.00 16.71 ? 223 ALA A CB  1 
ATOM   309  N N   . VAL A 1 51  ? 1.895   6.905   15.646  1.00 10.89 ? 224 VAL A N   1 
ATOM   310  C CA  . VAL A 1 51  ? 1.015   5.882   16.197  1.00 12.12 ? 224 VAL A CA  1 
ATOM   311  C C   . VAL A 1 51  ? 0.290   5.176   15.067  1.00 11.44 ? 224 VAL A C   1 
ATOM   312  O O   . VAL A 1 51  ? 0.301   3.945   15.013  1.00 9.23  ? 224 VAL A O   1 
ATOM   313  C CB  . VAL A 1 51  ? 0.016   6.418   17.276  1.00 11.17 ? 224 VAL A CB  1 
ATOM   314  C CG1 . VAL A 1 51  ? -1.020  5.350   17.673  1.00 11.45 ? 224 VAL A CG1 1 
ATOM   315  C CG2 . VAL A 1 51  ? 0.759   6.803   18.507  1.00 15.42 ? 224 VAL A CG2 1 
ATOM   316  N N   . LEU A 1 52  ? -0.302  5.948   14.145  1.00 9.28  ? 225 LEU A N   1 
ATOM   317  C CA  . LEU A 1 52  ? -1.064  5.356   13.074  1.00 9.90  ? 225 LEU A CA  1 
ATOM   318  C C   . LEU A 1 52  ? -0.199  4.437   12.202  1.00 7.77  ? 225 LEU A C   1 
ATOM   319  O O   . LEU A 1 52  ? -0.627  3.349   11.812  1.00 9.98  ? 225 LEU A O   1 
ATOM   320  C CB  . LEU A 1 52  ? -1.737  6.455   12.247  1.00 11.36 ? 225 LEU A CB  1 
ATOM   321  C CG  . LEU A 1 52  ? -2.685  5.993   11.152  1.00 14.88 ? 225 LEU A CG  1 
ATOM   322  C CD1 . LEU A 1 52  ? -3.599  4.814   11.605  1.00 15.82 ? 225 LEU A CD1 1 
ATOM   323  C CD2 . LEU A 1 52  ? -3.499  7.187   10.674  1.00 10.85 ? 225 LEU A CD2 1 
ATOM   324  N N   . GLN A 1 53  ? 1.042   4.844   11.919  1.00 8.99  ? 226 GLN A N   1 
ATOM   325  C CA  . GLN A 1 53  ? 1.945   3.984   11.143  1.00 6.91  ? 226 GLN A CA  1 
ATOM   326  C C   . GLN A 1 53  ? 2.227   2.661   11.896  1.00 9.35  ? 226 GLN A C   1 
ATOM   327  O O   . GLN A 1 53  ? 2.263   1.563   11.295  1.00 10.57 ? 226 GLN A O   1 
ATOM   328  C CB  . GLN A 1 53  ? 3.239   4.746   10.840  1.00 9.87  ? 226 GLN A CB  1 
ATOM   329  C CG  . GLN A 1 53  ? 3.141   5.669   9.654   1.00 12.21 ? 226 GLN A CG  1 
ATOM   330  C CD  . GLN A 1 53  ? 4.417   6.434   9.398   1.00 23.77 ? 226 GLN A CD  1 
ATOM   331  O OE1 . GLN A 1 53  ? 4.822   7.284   10.210  1.00 22.34 ? 226 GLN A OE1 1 
ATOM   332  N NE2 . GLN A 1 53  ? 5.049   6.171   8.244   1.00 19.71 ? 226 GLN A NE2 1 
ATOM   333  N N   . ALA A 1 54  ? 2.428   2.757   13.209  1.00 10.18 ? 227 ALA A N   1 
ATOM   334  C CA  . ALA A 1 54  ? 2.748   1.577   14.015  1.00 10.02 ? 227 ALA A CA  1 
ATOM   335  C C   . ALA A 1 54  ? 1.546   0.611   14.103  1.00 11.59 ? 227 ALA A C   1 
ATOM   336  O O   . ALA A 1 54  ? 1.679   -0.646  14.107  1.00 7.64  ? 227 ALA A O   1 
ATOM   337  C CB  . ALA A 1 54  ? 3.170   2.030   15.368  1.00 10.06 ? 227 ALA A CB  1 
ATOM   338  N N   . VAL A 1 55  ? 0.369   1.193   14.203  1.00 8.88  ? 228 VAL A N   1 
ATOM   339  C CA  . VAL A 1 55  ? -0.880  0.419   14.221  1.00 9.85  ? 228 VAL A CA  1 
ATOM   340  C C   . VAL A 1 55  ? -1.086  -0.387  12.902  1.00 10.62 ? 228 VAL A C   1 
ATOM   341  O O   . VAL A 1 55  ? -1.486  -1.579  12.900  1.00 11.09 ? 228 VAL A O   1 
ATOM   342  C CB  . VAL A 1 55  ? -2.010  1.387   14.517  1.00 12.72 ? 228 VAL A CB  1 
ATOM   343  C CG1 . VAL A 1 55  ? -3.324  0.823   14.148  1.00 12.25 ? 228 VAL A CG1 1 
ATOM   344  C CG2 . VAL A 1 55  ? -1.959  1.786   16.008  1.00 8.55  ? 228 VAL A CG2 1 
ATOM   345  N N   . ILE A 1 56  ? -0.848  0.277   11.787  1.00 8.25  ? 229 ILE A N   1 
ATOM   346  C CA  . ILE A 1 56  ? -0.865  -0.370  10.468  1.00 9.36  ? 229 ILE A CA  1 
ATOM   347  C C   . ILE A 1 56  ? 0.236   -1.429  10.341  1.00 9.81  ? 229 ILE A C   1 
ATOM   348  O O   . ILE A 1 56  ? 0.003   -2.550  9.825   1.00 9.35  ? 229 ILE A O   1 
ATOM   349  C CB  . ILE A 1 56  ? -0.687  0.660   9.282   1.00 11.26 ? 229 ILE A CB  1 
ATOM   350  C CG1 . ILE A 1 56  ? -1.763  1.769   9.311   1.00 10.05 ? 229 ILE A CG1 1 
ATOM   351  C CG2 . ILE A 1 56  ? -0.743  -0.098  7.947   1.00 11.61 ? 229 ILE A CG2 1 
ATOM   352  C CD1 . ILE A 1 56  ? -3.194  1.271   9.114   1.00 10.99 ? 229 ILE A CD1 1 
ATOM   353  N N   . LYS A 1 57  ? 1.436   -1.100  10.809  1.00 7.95  ? 230 LYS A N   1 
ATOM   354  C CA  . LYS A 1 57  ? 2.509   -2.103  10.818  1.00 9.33  ? 230 LYS A CA  1 
ATOM   355  C C   . LYS A 1 57  ? 2.117   -3.434  11.492  1.00 11.54 ? 230 LYS A C   1 
ATOM   356  O O   . LYS A 1 57  ? 2.347   -4.531  10.954  1.00 11.03 ? 230 LYS A O   1 
ATOM   357  C CB  . LYS A 1 57  ? 3.784   -1.526  11.428  1.00 10.08 ? 230 LYS A CB  1 
ATOM   358  C CG  . LYS A 1 57  ? 4.972   -2.465  11.242  1.00 14.90 ? 230 LYS A CG  1 
ATOM   359  C CD  . LYS A 1 57  ? 6.257   -1.871  11.755  1.00 17.98 ? 230 LYS A CD  1 
ATOM   360  C CE  . LYS A 1 57  ? 7.339   -2.953  11.618  1.00 25.65 ? 230 LYS A CE  1 
ATOM   361  N NZ  . LYS A 1 57  ? 8.659   -2.707  12.327  1.00 26.91 ? 230 LYS A NZ  1 
ATOM   362  N N   . ARG A 1 58  ? 1.469   -3.346  12.648  1.00 9.29  ? 231 ARG A N   1 
ATOM   363  C CA  . ARG A 1 58  ? 1.022   -4.546  13.343  1.00 9.02  ? 231 ARG A CA  1 
ATOM   364  C C   . ARG A 1 58  ? 0.023   -5.368  12.510  1.00 8.75  ? 231 ARG A C   1 
ATOM   365  O O   . ARG A 1 58  ? 0.095   -6.614  12.484  1.00 8.30  ? 231 ARG A O   1 
ATOM   366  C CB  . ARG A 1 58  ? 0.380   -4.158  14.686  1.00 8.69  ? 231 ARG A CB  1 
ATOM   367  C CG  . ARG A 1 58  ? -0.202  -5.376  15.435  1.00 12.37 ? 231 ARG A CG  1 
ATOM   368  C CD  . ARG A 1 58  ? -0.439  -5.048  16.859  1.00 16.91 ? 231 ARG A CD  1 
ATOM   369  N NE  . ARG A 1 58  ? -1.145  -6.117  17.550  1.00 19.28 ? 231 ARG A NE  1 
ATOM   370  C CZ  . ARG A 1 58  ? -1.418  -6.095  18.843  1.00 20.49 ? 231 ARG A CZ  1 
ATOM   371  N NH1 . ARG A 1 58  ? -1.048  -5.048  19.576  1.00 17.99 ? 231 ARG A NH1 1 
ATOM   372  N NH2 . ARG A 1 58  ? -2.081  -7.109  19.400  1.00 14.37 ? 231 ARG A NH2 1 
ATOM   373  N N   . SER A 1 59  ? -0.884  -4.694  11.811  1.00 8.06  ? 232 SER A N   1 
ATOM   374  C CA  . SER A 1 59  ? -1.875  -5.403  11.027  1.00 9.77  ? 232 SER A CA  1 
ATOM   375  C C   . SER A 1 59  ? -1.194  -6.086  9.838   1.00 9.07  ? 232 SER A C   1 
ATOM   376  O O   . SER A 1 59  ? -1.526  -7.225  9.523   1.00 7.61  ? 232 SER A O   1 
ATOM   377  C CB  . SER A 1 59  ? -3.004  -4.468  10.589  1.00 13.98 ? 232 SER A CB  1 
ATOM   378  O OG  . SER A 1 59  ? -3.571  -3.811  11.725  1.00 16.95 ? 232 SER A OG  1 
ATOM   379  N N   . LEU A 1 60  ? -0.225  -5.409  9.212   1.00 8.71  ? 233 LEU A N   1 
ATOM   380  C CA  . LEU A 1 60  ? 0.550   -6.015  8.149   1.00 9.06  ? 233 LEU A CA  1 
ATOM   381  C C   . LEU A 1 60  ? 1.272   -7.270  8.643   1.00 9.62  ? 233 LEU A C   1 
ATOM   382  O O   . LEU A 1 60  ? 1.170   -8.333  8.029   1.00 9.05  ? 233 LEU A O   1 
ATOM   383  C CB  . LEU A 1 60  ? 1.559   -5.012  7.534   1.00 10.23 ? 233 LEU A CB  1 
ATOM   384  C CG  . LEU A 1 60  ? 0.952   -3.888  6.686   1.00 8.05  ? 233 LEU A CG  1 
ATOM   385  C CD1 . LEU A 1 60  ? 2.069   -2.974  6.141   1.00 10.24 ? 233 LEU A CD1 1 
ATOM   386  C CD2 . LEU A 1 60  ? 0.175   -4.437  5.507   1.00 13.03 ? 233 LEU A CD2 1 
ATOM   387  N N   . VAL A 1 61  ? 2.021   -7.130  9.726   1.00 7.97  ? 234 VAL A N   1 
ATOM   388  C CA  . VAL A 1 61  ? 2.758   -8.260  10.295  1.00 11.04 ? 234 VAL A CA  1 
ATOM   389  C C   . VAL A 1 61  ? 1.801   -9.426  10.638  1.00 11.99 ? 234 VAL A C   1 
ATOM   390  O O   . VAL A 1 61  ? 2.085   -10.575 10.273  1.00 11.48 ? 234 VAL A O   1 
ATOM   391  C CB  . VAL A 1 61  ? 3.609   -7.822  11.515  1.00 10.51 ? 234 VAL A CB  1 
ATOM   392  C CG1 . VAL A 1 61  ? 4.235   -9.078  12.229  1.00 12.29 ? 234 VAL A CG1 1 
ATOM   393  C CG2 . VAL A 1 61  ? 4.707   -6.835  11.042  1.00 11.53 ? 234 VAL A CG2 1 
ATOM   394  N N   . GLU A 1 62  ? 0.654   -9.132  11.284  1.00 10.50 ? 235 GLU A N   1 
ATOM   395  C CA  . GLU A 1 62  ? -0.355  -10.166 11.588  1.00 14.10 ? 235 GLU A CA  1 
ATOM   396  C C   . GLU A 1 62  ? -0.967  -10.873 10.349  1.00 14.32 ? 235 GLU A C   1 
ATOM   397  O O   . GLU A 1 62  ? -1.286  -12.060 10.423  1.00 13.56 ? 235 GLU A O   1 
ATOM   398  C CB  . GLU A 1 62  ? -1.480  -9.602  12.474  1.00 16.06 ? 235 GLU A CB  1 
ATOM   399  C CG  . GLU A 1 62  ? -1.074  -9.316  13.924  1.00 15.97 ? 235 GLU A CG  1 
ATOM   400  C CD  . GLU A 1 62  ? -2.165  -8.528  14.685  1.00 22.61 ? 235 GLU A CD  1 
ATOM   401  O OE1 . GLU A 1 62  ? -3.055  -7.919  14.018  1.00 25.35 ? 235 GLU A OE1 1 
ATOM   402  O OE2 . GLU A 1 62  ? -2.122  -8.503  15.942  1.00 24.43 ? 235 GLU A OE2 1 
ATOM   403  N N   . SER A 1 63  ? -1.117  -10.154 9.222   1.00 12.61 ? 236 SER A N   1 
ATOM   404  C CA  . SER A 1 63  ? -1.622  -10.742 7.965   1.00 10.83 ? 236 SER A CA  1 
ATOM   405  C C   . SER A 1 63  ? -0.566  -11.616 7.242   1.00 10.97 ? 236 SER A C   1 
ATOM   406  O O   . SER A 1 63  ? -0.857  -12.222 6.205   1.00 11.55 ? 236 SER A O   1 
ATOM   407  C CB  . SER A 1 63  ? -2.069  -9.609  7.008   1.00 7.99  ? 236 SER A CB  1 
ATOM   408  O OG  . SER A 1 63  ? -0.888  -8.975  6.466   1.00 8.73  ? 236 SER A OG  1 
ATOM   409  N N   . GLY A 1 64  ? 0.672   -11.646 7.736   1.00 10.98 ? 237 GLY A N   1 
ATOM   410  C CA  . GLY A 1 64  ? 1.713   -12.515 7.132   1.00 10.87 ? 237 GLY A CA  1 
ATOM   411  C C   . GLY A 1 64  ? 2.613   -11.769 6.156   1.00 10.24 ? 237 GLY A C   1 
ATOM   412  O O   . GLY A 1 64  ? 3.254   -12.378 5.311   1.00 10.33 ? 237 GLY A O   1 
ATOM   413  N N   . CYS A 1 65  ? 2.705   -10.450 6.302   1.00 10.08 ? 238 CYS A N   1 
ATOM   414  C CA  . CYS A 1 65  ? 3.461   -9.632  5.321   1.00 11.45 ? 238 CYS A CA  1 
ATOM   415  C C   . CYS A 1 65  ? 4.930   -10.063 5.390   1.00 10.27 ? 238 CYS A C   1 
ATOM   416  O O   . CYS A 1 65  ? 5.430   -10.256 6.478   1.00 13.17 ? 238 CYS A O   1 
ATOM   417  C CB  . CYS A 1 65  ? 3.383   -8.156  5.698   1.00 9.83  ? 238 CYS A CB  1 
ATOM   418  S SG  . CYS A 1 65  ? 4.196   -7.148  4.448   1.00 13.41 ? 238 CYS A SG  1 
ATOM   419  N N   . PRO A 1 66  ? 5.583   -10.317 4.254   1.00 10.32 ? 239 PRO A N   1 
ATOM   420  C CA  . PRO A 1 66  ? 7.041   -10.633 4.288   1.00 10.46 ? 239 PRO A CA  1 
ATOM   421  C C   . PRO A 1 66  ? 7.841   -9.607  5.091   1.00 11.09 ? 239 PRO A C   1 
ATOM   422  O O   . PRO A 1 66  ? 7.700   -8.394  4.889   1.00 11.13 ? 239 PRO A O   1 
ATOM   423  C CB  . PRO A 1 66  ? 7.435   -10.608 2.816   1.00 9.86  ? 239 PRO A CB  1 
ATOM   424  C CG  . PRO A 1 66  ? 6.107   -11.109 2.125   1.00 9.41  ? 239 PRO A CG  1 
ATOM   425  C CD  . PRO A 1 66  ? 5.026   -10.396 2.888   1.00 10.31 ? 239 PRO A CD  1 
ATOM   426  N N   . ALA A 1 67  ? 8.636   -10.095 6.037   1.00 10.92 ? 240 ALA A N   1 
ATOM   427  C CA  . ALA A 1 67  ? 9.417   -9.203  6.921   1.00 11.61 ? 240 ALA A CA  1 
ATOM   428  C C   . ALA A 1 67  ? 10.375  -8.310  6.155   1.00 9.38  ? 240 ALA A C   1 
ATOM   429  O O   . ALA A 1 67  ? 10.652  -7.182  6.606   1.00 10.95 ? 240 ALA A O   1 
ATOM   430  C CB  . ALA A 1 67  ? 10.195  -10.008 7.967   1.00 9.38  ? 240 ALA A CB  1 
ATOM   431  N N   . SER A 1 68  ? 10.878  -8.780  5.007   1.00 8.87  ? 241 SER A N   1 
ATOM   432  C CA  . SER A 1 68  ? 11.836  -7.961  4.251   1.00 11.15 ? 241 SER A CA  1 
ATOM   433  C C   . SER A 1 68  ? 11.193  -6.735  3.624   1.00 11.23 ? 241 SER A C   1 
ATOM   434  O O   . SER A 1 68  ? 11.914  -5.848  3.149   1.00 8.29  ? 241 SER A O   1 
ATOM   435  C CB  . SER A 1 68  ? 12.537  -8.770  3.137   1.00 14.17 ? 241 SER A CB  1 
ATOM   436  O OG  . SER A 1 68  ? 11.555  -9.222  2.208   1.00 11.83 ? 241 SER A OG  1 
ATOM   437  N N   . ILE A 1 69  ? 9.852   -6.680  3.570   1.00 9.70  ? 242 ILE A N   1 
ATOM   438  C CA  . ILE A 1 69  ? 9.212   -5.483  3.003   1.00 9.69  ? 242 ILE A CA  1 
ATOM   439  C C   . ILE A 1 69  ? 8.337   -4.633  3.913   1.00 10.02 ? 242 ILE A C   1 
ATOM   440  O O   . ILE A 1 69  ? 7.937   -3.561  3.495   1.00 12.29 ? 242 ILE A O   1 
ATOM   441  C CB  . ILE A 1 69  ? 8.386   -5.765  1.724   1.00 7.90  ? 242 ILE A CB  1 
ATOM   442  C CG1 . ILE A 1 69  ? 7.136   -6.623  2.018   1.00 11.69 ? 242 ILE A CG1 1 
ATOM   443  C CG2 . ILE A 1 69  ? 9.251   -6.398  0.630   1.00 12.20 ? 242 ILE A CG2 1 
ATOM   444  C CD1 . ILE A 1 69  ? 6.097   -6.613  0.852   1.00 11.04 ? 242 ILE A CD1 1 
ATOM   445  N N   . VAL A 1 70  ? 7.978   -5.122  5.099   1.00 10.46 ? 243 VAL A N   1 
ATOM   446  C CA  . VAL A 1 70  ? 6.981   -4.423  5.929   1.00 12.20 ? 243 VAL A CA  1 
ATOM   447  C C   . VAL A 1 70  ? 7.450   -2.999  6.293   1.00 12.71 ? 243 VAL A C   1 
ATOM   448  O O   . VAL A 1 70  ? 6.671   -2.060  6.221   1.00 9.61  ? 243 VAL A O   1 
ATOM   449  C CB  . VAL A 1 70  ? 6.578   -5.262  7.163   1.00 14.04 ? 243 VAL A CB  1 
ATOM   450  C CG1 . VAL A 1 70  ? 7.819   -5.629  8.018   1.00 17.04 ? 243 VAL A CG1 1 
ATOM   451  C CG2 . VAL A 1 70  ? 5.473   -4.540  8.039   1.00 14.93 ? 243 VAL A CG2 1 
ATOM   452  N N   . ASN A 1 71  ? 8.737   -2.816  6.626   1.00 9.17  ? 244 ASN A N   1 
ATOM   453  C CA  . ASN A 1 71  ? 9.175   -1.468  7.016   1.00 9.43  ? 244 ASN A CA  1 
ATOM   454  C C   . ASN A 1 71  ? 9.104   -0.495  5.837   1.00 10.42 ? 244 ASN A C   1 
ATOM   455  O O   . ASN A 1 71  ? 8.821   0.667   6.019   1.00 9.07  ? 244 ASN A O   1 
ATOM   456  C CB  . ASN A 1 71  ? 10.588  -1.486  7.617   1.00 9.80  ? 244 ASN A CB  1 
ATOM   457  C CG  . ASN A 1 71  ? 10.630  -2.209  8.947   1.00 15.37 ? 244 ASN A CG  1 
ATOM   458  O OD1 . ASN A 1 71  ? 11.542  -2.985  9.213   1.00 20.46 ? 244 ASN A OD1 1 
ATOM   459  N ND2 . ASN A 1 71  ? 9.632   -1.965  9.783   1.00 12.30 ? 244 ASN A ND2 1 
ATOM   460  N N   . GLU A 1 72  ? 9.338   -1.000  4.635   1.00 8.16  ? 245 GLU A N   1 
ATOM   461  C CA  . GLU A 1 72  ? 9.313   -0.161  3.436   1.00 8.57  ? 245 GLU A CA  1 
ATOM   462  C C   . GLU A 1 72  ? 7.892   0.223   3.082   1.00 9.72  ? 245 GLU A C   1 
ATOM   463  O O   . GLU A 1 72  ? 7.636   1.380   2.719   1.00 9.06  ? 245 GLU A O   1 
ATOM   464  C CB  . GLU A 1 72  ? 9.989   -0.925  2.288   1.00 11.04 ? 245 GLU A CB  1 
ATOM   465  C CG  . GLU A 1 72  ? 11.518  -1.054  2.428   1.00 12.83 ? 245 GLU A CG  1 
ATOM   466  C CD  . GLU A 1 72  ? 12.052  -2.220  3.336   1.00 21.52 ? 245 GLU A CD  1 
ATOM   467  O OE1 . GLU A 1 72  ? 11.278  -2.968  3.986   1.00 13.87 ? 245 GLU A OE1 1 
ATOM   468  O OE2 . GLU A 1 72  ? 13.305  -2.363  3.415   1.00 22.53 ? 245 GLU A OE2 1 
ATOM   469  N N   . LEU A 1 73  ? 6.956   -0.729  3.190   1.00 7.79  ? 246 LEU A N   1 
ATOM   470  C CA  . LEU A 1 73  ? 5.533   -0.388  2.978   1.00 10.64 ? 246 LEU A CA  1 
ATOM   471  C C   . LEU A 1 73  ? 5.050   0.690   3.955   1.00 10.94 ? 246 LEU A C   1 
ATOM   472  O O   . LEU A 1 73  ? 4.273   1.605   3.599   1.00 12.15 ? 246 LEU A O   1 
ATOM   473  C CB  . LEU A 1 73  ? 4.649   -1.640  3.133   1.00 11.06 ? 246 LEU A CB  1 
ATOM   474  C CG  . LEU A 1 73  ? 4.759   -2.669  2.010   1.00 9.49  ? 246 LEU A CG  1 
ATOM   475  C CD1 . LEU A 1 73  ? 3.835   -3.872  2.376   1.00 7.71  ? 246 LEU A CD1 1 
ATOM   476  C CD2 . LEU A 1 73  ? 4.314   -1.998  0.678   1.00 10.64 ? 246 LEU A CD2 1 
ATOM   477  N N   . ILE A 1 74  ? 5.509   0.586   5.201   1.00 10.83 ? 247 ILE A N   1 
ATOM   478  C CA  . ILE A 1 74  ? 5.121   1.548   6.219   1.00 9.62  ? 247 ILE A CA  1 
ATOM   479  C C   . ILE A 1 74  ? 5.738   2.942   5.976   1.00 11.90 ? 247 ILE A C   1 
ATOM   480  O O   . ILE A 1 74  ? 5.050   3.958   6.180   1.00 9.95  ? 247 ILE A O   1 
ATOM   481  C CB  . ILE A 1 74  ? 5.383   1.016   7.641   1.00 10.04 ? 247 ILE A CB  1 
ATOM   482  C CG1 . ILE A 1 74  ? 4.530   -0.237  7.893   1.00 8.98  ? 247 ILE A CG1 1 
ATOM   483  C CG2 . ILE A 1 74  ? 5.028   2.102   8.684   1.00 9.35  ? 247 ILE A CG2 1 
ATOM   484  C CD1 . ILE A 1 74  ? 2.959   0.069   7.887   1.00 12.71 ? 247 ILE A CD1 1 
ATOM   485  N N   . GLU A 1 75  ? 7.007   3.002   5.542   1.00 10.36 ? 248 GLU A N   1 
ATOM   486  C CA  . GLU A 1 75  ? 7.610   4.267   5.131   1.00 13.23 ? 248 GLU A CA  1 
ATOM   487  C C   . GLU A 1 75  ? 6.756   4.869   4.020   1.00 11.59 ? 248 GLU A C   1 
ATOM   488  O O   . GLU A 1 75  ? 6.524   6.072   3.996   1.00 10.99 ? 248 GLU A O   1 
ATOM   489  C CB  . GLU A 1 75  ? 9.067   4.100   4.654   1.00 12.88 ? 248 GLU A CB  1 
ATOM   490  C CG  . GLU A 1 75  ? 10.027  3.495   5.687   1.00 21.95 ? 248 GLU A CG  1 
ATOM   491  C CD  . GLU A 1 75  ? 11.487  3.281   5.157   1.00 23.42 ? 248 GLU A CD  1 
ATOM   492  O OE1 . GLU A 1 75  ? 11.728  3.438   3.933   1.00 28.25 ? 248 GLU A OE1 1 
ATOM   493  O OE2 . GLU A 1 75  ? 12.395  2.945   5.972   1.00 27.06 ? 248 GLU A OE2 1 
ATOM   494  N N   . ASN A 1 76  ? 6.277   4.013   3.118   1.00 10.72 ? 249 ASN A N   1 
ATOM   495  C CA  . ASN A 1 76  ? 5.493   4.397   1.943   1.00 10.20 ? 249 ASN A CA  1 
ATOM   496  C C   . ASN A 1 76  ? 3.993   4.526   2.290   1.00 10.78 ? 249 ASN A C   1 
ATOM   497  O O   . ASN A 1 76  ? 3.157   4.404   1.422   1.00 13.95 ? 249 ASN A O   1 
ATOM   498  C CB  . ASN A 1 76  ? 5.679   3.380   0.784   1.00 7.51  ? 249 ASN A CB  1 
ATOM   499  C CG  . ASN A 1 76  ? 7.067   3.371   0.230   1.00 12.67 ? 249 ASN A CG  1 
ATOM   500  O OD1 . ASN A 1 76  ? 7.904   4.199   0.634   1.00 8.81  ? 249 ASN A OD1 1 
ATOM   501  N ND2 . ASN A 1 76  ? 7.365   2.399   -0.651  1.00 7.04  ? 249 ASN A ND2 1 
ATOM   502  N N   . ALA A 1 77  ? 3.671   4.795   3.555   1.00 11.71 ? 250 ALA A N   1 
ATOM   503  C CA  . ALA A 1 77  ? 2.307   5.102   3.961   1.00 10.68 ? 250 ALA A CA  1 
ATOM   504  C C   . ALA A 1 77  ? 2.102   6.626   4.116   1.00 11.98 ? 250 ALA A C   1 
ATOM   505  O O   . ALA A 1 77  ? 1.002   7.077   4.440   1.00 13.75 ? 250 ALA A O   1 
ATOM   506  C CB  . ALA A 1 77  ? 1.991   4.411   5.287   1.00 10.16 ? 250 ALA A CB  1 
ATOM   507  N N   . HIS A 1 78  ? 3.168   7.395   3.926   1.00 11.69 ? 251 HIS A N   1 
ATOM   508  C CA  . HIS A 1 78  ? 3.133   8.851   4.208   1.00 10.57 ? 251 HIS A CA  1 
ATOM   509  C C   . HIS A 1 78  ? 3.610   9.618   2.961   1.00 10.78 ? 251 HIS A C   1 
ATOM   510  O O   . HIS A 1 78  ? 4.544   9.178   2.283   1.00 8.94  ? 251 HIS A O   1 
ATOM   511  C CB  . HIS A 1 78  ? 4.003   9.136   5.460   1.00 9.93  ? 251 HIS A CB  1 
ATOM   512  C CG  . HIS A 1 78  ? 3.978   10.565  5.959   1.00 7.40  ? 251 HIS A CG  1 
ATOM   513  N ND1 . HIS A 1 78  ? 4.463   11.622  5.226   1.00 7.25  ? 251 HIS A ND1 1 
ATOM   514  C CD2 . HIS A 1 78  ? 3.609   11.083  7.155   1.00 10.31 ? 251 HIS A CD2 1 
ATOM   515  C CE1 . HIS A 1 78  ? 4.361   12.741  5.926   1.00 13.29 ? 251 HIS A CE1 1 
ATOM   516  N NE2 . HIS A 1 78  ? 3.838   12.441  7.103   1.00 11.50 ? 251 HIS A NE2 1 
ATOM   517  N N   . GLU A 1 79  ? 2.977   10.757  2.641   1.00 8.62  ? 252 GLU A N   1 
ATOM   518  C CA  . GLU A 1 79  ? 3.306   11.480  1.403   1.00 9.12  ? 252 GLU A CA  1 
ATOM   519  C C   . GLU A 1 79  ? 4.774   11.889  1.304   1.00 10.05 ? 252 GLU A C   1 
ATOM   520  O O   . GLU A 1 79  ? 5.241   12.209  0.203   1.00 11.01 ? 252 GLU A O   1 
ATOM   521  C CB  . GLU A 1 79  ? 2.423   12.737  1.242   1.00 8.17  ? 252 GLU A CB  1 
ATOM   522  C CG  . GLU A 1 79  ? 2.649   13.735  2.385   1.00 9.79  ? 252 GLU A CG  1 
ATOM   523  C CD  . GLU A 1 79  ? 1.812   15.032  2.299   1.00 14.94 ? 252 GLU A CD  1 
ATOM   524  O OE1 . GLU A 1 79  ? 0.727   15.060  1.686   1.00 15.26 ? 252 GLU A OE1 1 
ATOM   525  O OE2 . GLU A 1 79  ? 2.229   16.046  2.894   1.00 14.46 ? 252 GLU A OE2 1 
ATOM   526  N N   . ARG A 1 80  ? 5.505   11.943  2.423   1.00 8.47  ? 253 ARG A N   1 
ATOM   527  C CA  . ARG A 1 80  ? 6.935   12.265  2.297   1.00 11.56 ? 253 ARG A CA  1 
ATOM   528  C C   . ARG A 1 80  ? 7.701   11.152  1.545   1.00 11.20 ? 253 ARG A C   1 
ATOM   529  O O   . ARG A 1 80  ? 8.796   11.380  1.047   1.00 12.65 ? 253 ARG A O   1 
ATOM   530  C CB  . ARG A 1 80  ? 7.541   12.565  3.645   1.00 8.70  ? 253 ARG A CB  1 
ATOM   531  C CG  . ARG A 1 80  ? 8.006   11.354  4.424   1.00 12.22 ? 253 ARG A CG  1 
ATOM   532  C CD  . ARG A 1 80  ? 8.174   11.744  5.922   1.00 19.45 ? 253 ARG A CD  1 
ATOM   533  N NE  . ARG A 1 80  ? 7.854   10.569  6.712   1.00 21.08 ? 253 ARG A NE  1 
ATOM   534  C CZ  . ARG A 1 80  ? 7.243   10.576  7.878   1.00 20.87 ? 253 ARG A CZ  1 
ATOM   535  N NH1 . ARG A 1 80  ? 6.881   11.719  8.452   1.00 15.33 ? 253 ARG A NH1 1 
ATOM   536  N NH2 . ARG A 1 80  ? 7.018   9.411   8.470   1.00 22.26 ? 253 ARG A NH2 1 
ATOM   537  N N   . SER A 1 81  ? 7.121   9.961   1.462   1.00 10.27 ? 254 SER A N   1 
ATOM   538  C CA  . SER A 1 81  ? 7.741   8.853   0.720   1.00 11.24 ? 254 SER A CA  1 
ATOM   539  C C   . SER A 1 81  ? 6.825   8.288   -0.343  1.00 15.46 ? 254 SER A C   1 
ATOM   540  O O   . SER A 1 81  ? 6.916   7.085   -0.686  1.00 18.17 ? 254 SER A O   1 
ATOM   541  C CB  . SER A 1 81  ? 8.123   7.711   1.656   1.00 11.56 ? 254 SER A CB  1 
ATOM   542  O OG  . SER A 1 81  ? 9.084   8.144   2.570   1.00 17.37 ? 254 SER A OG  1 
ATOM   543  N N   . TRP A 1 82  ? 5.932   9.121   -0.870  1.00 13.63 ? 255 TRP A N   1 
ATOM   544  C CA  . TRP A 1 82  ? 5.052   8.670   -1.949  1.00 9.93  ? 255 TRP A CA  1 
ATOM   545  C C   . TRP A 1 82  ? 5.623   9.129   -3.301  1.00 12.34 ? 255 TRP A C   1 
ATOM   546  O O   . TRP A 1 82  ? 6.302   10.143  -3.378  1.00 12.69 ? 255 TRP A O   1 
ATOM   547  C CB  . TRP A 1 82  ? 3.664   9.251   -1.771  1.00 9.07  ? 255 TRP A CB  1 
ATOM   548  C CG  . TRP A 1 82  ? 2.767   8.486   -0.872  1.00 9.59  ? 255 TRP A CG  1 
ATOM   549  C CD1 . TRP A 1 82  ? 2.963   7.211   -0.380  1.00 6.88  ? 255 TRP A CD1 1 
ATOM   550  C CD2 . TRP A 1 82  ? 1.493   8.915   -0.390  1.00 7.93  ? 255 TRP A CD2 1 
ATOM   551  N NE1 . TRP A 1 82  ? 1.875   6.827   0.378   1.00 10.48 ? 255 TRP A NE1 1 
ATOM   552  C CE2 . TRP A 1 82  ? 0.962   7.856   0.390   1.00 11.02 ? 255 TRP A CE2 1 
ATOM   553  C CE3 . TRP A 1 82  ? 0.745   10.105  -0.537  1.00 9.12  ? 255 TRP A CE3 1 
ATOM   554  C CZ2 . TRP A 1 82  ? -0.264  7.937   1.014   1.00 12.32 ? 255 TRP A CZ2 1 
ATOM   555  C CZ3 . TRP A 1 82  ? -0.478  10.187  0.079   1.00 9.59  ? 255 TRP A CZ3 1 
ATOM   556  C CH2 . TRP A 1 82  ? -0.987  9.096   0.852   1.00 10.16 ? 255 TRP A CH2 1 
ATOM   557  N N   . PRO A 1 83  ? 5.360   8.382   -4.375  1.00 13.69 ? 256 PRO A N   1 
ATOM   558  C CA  . PRO A 1 83  ? 5.873   8.831   -5.677  1.00 13.89 ? 256 PRO A CA  1 
ATOM   559  C C   . PRO A 1 83  ? 5.184   10.134  -6.143  1.00 12.27 ? 256 PRO A C   1 
ATOM   560  O O   . PRO A 1 83  ? 4.222   10.575  -5.501  1.00 10.56 ? 256 PRO A O   1 
ATOM   561  C CB  . PRO A 1 83  ? 5.515   7.665   -6.602  1.00 15.67 ? 256 PRO A CB  1 
ATOM   562  C CG  . PRO A 1 83  ? 4.321   6.981   -5.946  1.00 14.98 ? 256 PRO A CG  1 
ATOM   563  C CD  . PRO A 1 83  ? 4.619   7.113   -4.466  1.00 15.05 ? 256 PRO A CD  1 
ATOM   564  N N   . GLN A 1 84  ? 5.689   10.742  -7.225  1.00 11.70 ? 257 GLN A N   1 
ATOM   565  C CA  . GLN A 1 84  ? 5.248   12.076  -7.646  1.00 12.94 ? 257 GLN A CA  1 
ATOM   566  C C   . GLN A 1 84  ? 3.737   12.173  -7.872  1.00 14.52 ? 257 GLN A C   1 
ATOM   567  O O   . GLN A 1 84  ? 3.159   13.214  -7.586  1.00 15.30 ? 257 GLN A O   1 
ATOM   568  C CB  . GLN A 1 84  ? 5.974   12.534  -8.915  1.00 14.40 ? 257 GLN A CB  1 
ATOM   569  C CG  . GLN A 1 84  ? 7.386   13.024  -8.669  1.00 18.72 ? 257 GLN A CG  1 
ATOM   570  C CD  . GLN A 1 84  ? 8.122   13.388  -9.962  1.00 22.56 ? 257 GLN A CD  1 
ATOM   571  O OE1 . GLN A 1 84  ? 7.635   14.195  -10.775 1.00 27.88 ? 257 GLN A OE1 1 
ATOM   572  N NE2 . GLN A 1 84  ? 9.312   12.798  -10.152 1.00 25.79 ? 257 GLN A NE2 1 
ATOM   573  N N   . GLY A 1 85  ? 3.098   11.108  -8.373  1.00 12.58 ? 258 GLY A N   1 
ATOM   574  C CA  . GLY A 1 85  ? 1.642   11.201  -8.654  1.00 14.53 ? 258 GLY A CA  1 
ATOM   575  C C   . GLY A 1 85  ? 0.734   11.235  -7.426  1.00 12.15 ? 258 GLY A C   1 
ATOM   576  O O   . GLY A 1 85  ? -0.492  11.416  -7.553  1.00 11.46 ? 258 GLY A O   1 
ATOM   577  N N   . LEU A 1 86  ? 1.321   11.051  -6.236  1.00 13.54 ? 259 LEU A N   1 
ATOM   578  C CA  . LEU A 1 86  ? 0.596   11.073  -4.949  1.00 12.50 ? 259 LEU A CA  1 
ATOM   579  C C   . LEU A 1 86  ? 1.090   12.123  -3.951  1.00 14.50 ? 259 LEU A C   1 
ATOM   580  O O   . LEU A 1 86  ? 0.459   12.339  -2.909  1.00 11.68 ? 259 LEU A O   1 
ATOM   581  C CB  . LEU A 1 86  ? 0.736   9.697   -4.258  1.00 12.77 ? 259 LEU A CB  1 
ATOM   582  C CG  . LEU A 1 86  ? -0.322  8.697   -4.675  1.00 13.99 ? 259 LEU A CG  1 
ATOM   583  C CD1 . LEU A 1 86  ? 0.105   7.288   -4.325  1.00 15.53 ? 259 LEU A CD1 1 
ATOM   584  C CD2 . LEU A 1 86  ? -1.639  8.984   -4.000  1.00 18.20 ? 259 LEU A CD2 1 
ATOM   585  N N   . ALA A 1 87  ? 2.244   12.737  -4.238  1.00 13.51 ? 260 ALA A N   1 
ATOM   586  C CA  . ALA A 1 87  ? 3.015   13.378  -3.178  1.00 15.22 ? 260 ALA A CA  1 
ATOM   587  C C   . ALA A 1 87  ? 2.445   14.700  -2.644  1.00 14.97 ? 260 ALA A C   1 
ATOM   588  O O   . ALA A 1 87  ? 2.631   15.008  -1.470  1.00 15.03 ? 260 ALA A O   1 
ATOM   589  C CB  . ALA A 1 87  ? 4.496   13.543  -3.605  1.00 16.67 ? 260 ALA A CB  1 
ATOM   590  N N   . THR A 1 88  ? 1.759   15.477  -3.481  1.00 13.68 ? 261 THR A N   1 
ATOM   591  C CA  . THR A 1 88  ? 1.279   16.780  -3.050  1.00 14.65 ? 261 THR A CA  1 
ATOM   592  C C   . THR A 1 88  ? -0.251  16.929  -3.092  1.00 13.32 ? 261 THR A C   1 
ATOM   593  O O   . THR A 1 88  ? -0.935  16.184  -3.793  1.00 14.29 ? 261 THR A O   1 
ATOM   594  C CB  . THR A 1 88  ? 1.918   17.924  -3.869  1.00 16.42 ? 261 THR A CB  1 
ATOM   595  O OG1 . THR A 1 88  ? 1.248   18.030  -5.123  1.00 17.59 ? 261 THR A OG1 1 
ATOM   596  C CG2 . THR A 1 88  ? 3.413   17.701  -4.097  1.00 16.31 ? 261 THR A CG2 1 
ATOM   597  N N   . LEU A 1 89  ? -0.773  17.911  -2.358  1.00 14.13 ? 262 LEU A N   1 
ATOM   598  C CA  . LEU A 1 89  ? -2.213  18.197  -2.353  1.00 14.07 ? 262 LEU A CA  1 
ATOM   599  C C   . LEU A 1 89  ? -2.730  18.406  -3.765  1.00 14.78 ? 262 LEU A C   1 
ATOM   600  O O   . LEU A 1 89  ? -3.792  17.896  -4.135  1.00 11.73 ? 262 LEU A O   1 
ATOM   601  C CB  . LEU A 1 89  ? -2.519  19.487  -1.564  1.00 13.81 ? 262 LEU A CB  1 
ATOM   602  C CG  . LEU A 1 89  ? -2.532  19.395  -0.062  1.00 18.74 ? 262 LEU A CG  1 
ATOM   603  C CD1 . LEU A 1 89  ? -2.529  20.828  0.523   1.00 16.40 ? 262 LEU A CD1 1 
ATOM   604  C CD2 . LEU A 1 89  ? -3.731  18.581  0.406   1.00 18.69 ? 262 LEU A CD2 1 
ATOM   605  N N   . GLU A 1 90  ? -1.984  19.210  -4.517  1.00 12.68 ? 263 GLU A N   1 
ATOM   606  C CA  . GLU A 1 90  ? -2.336  19.540  -5.889  1.00 13.21 ? 263 GLU A CA  1 
ATOM   607  C C   . GLU A 1 90  ? -2.340  18.324  -6.799  1.00 13.80 ? 263 GLU A C   1 
ATOM   608  O O   . GLU A 1 90  ? -3.297  18.103  -7.548  1.00 12.86 ? 263 GLU A O   1 
ATOM   609  C CB  . GLU A 1 90  ? -1.356  20.562  -6.450  1.00 15.31 ? 263 GLU A CB  1 
ATOM   610  C CG  . GLU A 1 90  ? -1.823  21.198  -7.744  1.00 17.30 ? 263 GLU A CG  1 
ATOM   611  C CD  . GLU A 1 90  ? -0.887  22.311  -8.166  1.00 24.42 ? 263 GLU A CD  1 
ATOM   612  O OE1 . GLU A 1 90  ? -1.023  23.437  -7.629  1.00 17.01 ? 263 GLU A OE1 1 
ATOM   613  O OE2 . GLU A 1 90  ? -0.004  22.056  -9.024  1.00 26.83 ? 263 GLU A OE2 1 
ATOM   614  N N   . THR A 1 91  ? -1.274  17.527  -6.753  1.00 15.55 ? 264 THR A N   1 
ATOM   615  C CA  . THR A 1 91  ? -1.247  16.328  -7.591  1.00 13.98 ? 264 THR A CA  1 
ATOM   616  C C   . THR A 1 91  ? -2.364  15.341  -7.233  1.00 14.83 ? 264 THR A C   1 
ATOM   617  O O   . THR A 1 91  ? -2.895  14.675  -8.139  1.00 11.78 ? 264 THR A O   1 
ATOM   618  C CB  . THR A 1 91  ? 0.098   15.640  -7.549  1.00 15.35 ? 264 THR A CB  1 
ATOM   619  O OG1 . THR A 1 91  ? 1.100   16.569  -8.044  1.00 20.19 ? 264 THR A OG1 1 
ATOM   620  C CG2 . THR A 1 91  ? 0.060   14.420  -8.406  1.00 17.67 ? 264 THR A CG2 1 
ATOM   621  N N   . ARG A 1 92  ? -2.712  15.242  -5.940  1.00 12.62 ? 265 ARG A N   1 
ATOM   622  C CA  . ARG A 1 92  ? -3.822  14.352  -5.525  1.00 12.19 ? 265 ARG A CA  1 
ATOM   623  C C   . ARG A 1 92  ? -5.164  14.846  -6.045  1.00 11.93 ? 265 ARG A C   1 
ATOM   624  O O   . ARG A 1 92  ? -6.037  14.069  -6.355  1.00 11.60 ? 265 ARG A O   1 
ATOM   625  C CB  . ARG A 1 92  ? -3.833  14.120  -4.016  1.00 13.24 ? 265 ARG A CB  1 
ATOM   626  C CG  . ARG A 1 92  ? -2.594  13.347  -3.516  1.00 6.35  ? 265 ARG A CG  1 
ATOM   627  C CD  . ARG A 1 92  ? -2.701  12.935  -2.078  1.00 12.09 ? 265 ARG A CD  1 
ATOM   628  N NE  . ARG A 1 92  ? -2.723  14.001  -1.076  1.00 9.72  ? 265 ARG A NE  1 
ATOM   629  C CZ  . ARG A 1 92  ? -1.636  14.533  -0.515  1.00 13.11 ? 265 ARG A CZ  1 
ATOM   630  N NH1 . ARG A 1 92  ? -0.409  14.176  -0.923  1.00 4.94  ? 265 ARG A NH1 1 
ATOM   631  N NH2 . ARG A 1 92  ? -1.780  15.482  0.411   1.00 8.93  ? 265 ARG A NH2 1 
ATOM   632  N N   . GLN A 1 93  ? -5.318  16.148  -6.184  1.00 11.21 ? 266 GLN A N   1 
ATOM   633  C CA  . GLN A 1 93  ? -6.538  16.682  -6.840  1.00 13.01 ? 266 GLN A CA  1 
ATOM   634  C C   . GLN A 1 93  ? -6.563  16.329  -8.306  1.00 12.06 ? 266 GLN A C   1 
ATOM   635  O O   . GLN A 1 93  ? -7.572  15.866  -8.810  1.00 10.91 ? 266 GLN A O   1 
ATOM   636  C CB  . GLN A 1 93  ? -6.623  18.196  -6.662  1.00 12.29 ? 266 GLN A CB  1 
ATOM   637  C CG  . GLN A 1 93  ? -7.074  18.511  -5.283  1.00 15.74 ? 266 GLN A CG  1 
ATOM   638  C CD  . GLN A 1 93  ? -7.616  19.888  -5.173  1.00 22.71 ? 266 GLN A CD  1 
ATOM   639  O OE1 . GLN A 1 93  ? -8.743  20.169  -5.607  1.00 23.37 ? 266 GLN A OE1 1 
ATOM   640  N NE2 . GLN A 1 93  ? -6.828  20.768  -4.571  1.00 24.40 ? 266 GLN A NE2 1 
ATOM   641  N N   . MET A 1 94  ? -5.428  16.495  -8.974  1.00 10.22 ? 267 MET A N   1 
ATOM   642  C CA  . MET A 1 94  ? -5.325  16.196  -10.393 1.00 9.44  ? 267 MET A CA  1 
ATOM   643  C C   . MET A 1 94  ? -5.613  14.728  -10.672 1.00 10.51 ? 267 MET A C   1 
ATOM   644  O O   . MET A 1 94  ? -6.338  14.419  -11.616 1.00 10.06 ? 267 MET A O   1 
ATOM   645  C CB  . MET A 1 94  ? -3.921  16.559  -10.909 1.00 12.64 ? 267 MET A CB  1 
ATOM   646  C CG  . MET A 1 94  ? -3.721  16.312  -12.412 1.00 12.52 ? 267 MET A CG  1 
ATOM   647  S SD  . MET A 1 94  ? -1.977  16.552  -12.861 1.00 17.40 ? 267 MET A SD  1 
ATOM   648  C CE  . MET A 1 94  ? -1.135  15.252  -11.962 1.00 15.40 ? 267 MET A CE  1 
ATOM   649  N N   . ASN A 1 95  ? -5.028  13.830  -9.876  1.00 9.08  ? 268 ASN A N   1 
ATOM   650  C CA  . ASN A 1 95  ? -5.135  12.401  -10.114 1.00 9.17  ? 268 ASN A CA  1 
ATOM   651  C C   . ASN A 1 95  ? -6.257  11.671  -9.398  1.00 8.44  ? 268 ASN A C   1 
ATOM   652  O O   . ASN A 1 95  ? -6.289  10.432  -9.388  1.00 8.01  ? 268 ASN A O   1 
ATOM   653  C CB  . ASN A 1 95  ? -3.805  11.738  -9.746  1.00 6.49  ? 268 ASN A CB  1 
ATOM   654  C CG  . ASN A 1 95  ? -2.732  12.006  -10.762 1.00 14.06 ? 268 ASN A CG  1 
ATOM   655  O OD1 . ASN A 1 95  ? -3.017  12.300  -11.930 1.00 14.52 ? 268 ASN A OD1 1 
ATOM   656  N ND2 . ASN A 1 95  ? -1.479  11.926  -10.327 1.00 11.31 ? 268 ASN A ND2 1 
ATOM   657  N N   . ARG A 1 96  ? -7.169  12.400  -8.780  1.00 6.73  ? 269 ARG A N   1 
ATOM   658  C CA  . ARG A 1 96  ? -8.223  11.765  -7.992  1.00 9.93  ? 269 ARG A CA  1 
ATOM   659  C C   . ARG A 1 96  ? -8.961  10.622  -8.722  1.00 11.05 ? 269 ARG A C   1 
ATOM   660  O O   . ARG A 1 96  ? -9.227  9.554   -8.138  1.00 10.92 ? 269 ARG A O   1 
ATOM   661  C CB  . ARG A 1 96  ? -9.255  12.793  -7.522  1.00 10.34 ? 269 ARG A CB  1 
ATOM   662  C CG  . ARG A 1 96  ? -10.279 12.210  -6.550  1.00 17.22 ? 269 ARG A CG  1 
ATOM   663  C CD  . ARG A 1 96  ? -11.343 13.252  -6.242  1.00 23.68 ? 269 ARG A CD  1 
ATOM   664  N NE  . ARG A 1 96  ? -10.943 14.111  -5.140  1.00 34.49 ? 269 ARG A NE  1 
ATOM   665  C CZ  . ARG A 1 96  ? -11.648 14.279  -4.019  1.00 39.13 ? 269 ARG A CZ  1 
ATOM   666  N NH1 . ARG A 1 96  ? -12.808 13.648  -3.839  1.00 38.59 ? 269 ARG A NH1 1 
ATOM   667  N NH2 . ARG A 1 96  ? -11.190 15.087  -3.071  1.00 41.20 ? 269 ARG A NH2 1 
ATOM   668  N N   . ARG A 1 97  ? -9.352  10.858  -9.975  1.00 9.07  ? 270 ARG A N   1 
ATOM   669  C CA  . ARG A 1 97  ? -10.097 9.831   -10.733 1.00 8.42  ? 270 ARG A CA  1 
ATOM   670  C C   . ARG A 1 97  ? -9.179  8.696   -11.187 1.00 10.97 ? 270 ARG A C   1 
ATOM   671  O O   . ARG A 1 97  ? -9.556  7.528   -11.214 1.00 7.87  ? 270 ARG A O   1 
ATOM   672  C CB  . ARG A 1 97  ? -10.870 10.437  -11.928 1.00 9.09  ? 270 ARG A CB  1 
ATOM   673  C CG  . ARG A 1 97  ? -11.983 11.471  -11.544 1.00 6.11  ? 270 ARG A CG  1 
ATOM   674  C CD  . ARG A 1 97  ? -13.129 10.862  -10.718 1.00 8.11  ? 270 ARG A CD  1 
ATOM   675  N NE  . ARG A 1 97  ? -13.420 9.524   -11.225 1.00 12.35 ? 270 ARG A NE  1 
ATOM   676  C CZ  . ARG A 1 97  ? -14.052 9.274   -12.367 1.00 15.83 ? 270 ARG A CZ  1 
ATOM   677  N NH1 . ARG A 1 97  ? -14.504 10.271  -13.131 1.00 14.45 ? 270 ARG A NH1 1 
ATOM   678  N NH2 . ARG A 1 97  ? -14.215 8.011   -12.753 1.00 14.44 ? 270 ARG A NH2 1 
ATOM   679  N N   . TYR A 1 98  ? -7.959  9.065   -11.545 1.00 9.59  ? 271 TYR A N   1 
ATOM   680  C CA  . TYR A 1 98  ? -6.985  8.142   -12.074 1.00 9.46  ? 271 TYR A CA  1 
ATOM   681  C C   . TYR A 1 98  ? -6.602  7.110   -11.030 1.00 9.78  ? 271 TYR A C   1 
ATOM   682  O O   . TYR A 1 98  ? -6.292  5.981   -11.366 1.00 10.40 ? 271 TYR A O   1 
ATOM   683  C CB  . TYR A 1 98  ? -5.785  8.949   -12.496 1.00 13.70 ? 271 TYR A CB  1 
ATOM   684  C CG  . TYR A 1 98  ? -4.782  8.246   -13.377 1.00 17.87 ? 271 TYR A CG  1 
ATOM   685  C CD1 . TYR A 1 98  ? -5.082  7.883   -14.700 1.00 23.29 ? 271 TYR A CD1 1 
ATOM   686  C CD2 . TYR A 1 98  ? -3.505  7.978   -12.899 1.00 24.69 ? 271 TYR A CD2 1 
ATOM   687  C CE1 . TYR A 1 98  ? -4.114  7.237   -15.508 1.00 22.61 ? 271 TYR A CE1 1 
ATOM   688  C CE2 . TYR A 1 98  ? -2.534  7.325   -13.694 1.00 22.92 ? 271 TYR A CE2 1 
ATOM   689  C CZ  . TYR A 1 98  ? -2.838  6.976   -14.976 1.00 24.10 ? 271 TYR A CZ  1 
ATOM   690  O OH  . TYR A 1 98  ? -1.839  6.365   -15.718 1.00 26.82 ? 271 TYR A OH  1 
ATOM   691  N N   . TYR A 1 99  ? -6.644  7.479   -9.754  1.00 8.15  ? 272 TYR A N   1 
ATOM   692  C CA  . TYR A 1 99  ? -6.382  6.498   -8.671  1.00 8.72  ? 272 TYR A CA  1 
ATOM   693  C C   . TYR A 1 99  ? -7.301  5.296   -8.711  1.00 7.28  ? 272 TYR A C   1 
ATOM   694  O O   . TYR A 1 99  ? -6.957  4.230   -8.179  1.00 7.09  ? 272 TYR A O   1 
ATOM   695  C CB  . TYR A 1 99  ? -6.485  7.155   -7.278  1.00 7.74  ? 272 TYR A CB  1 
ATOM   696  C CG  . TYR A 1 99  ? -5.483  8.270   -7.029  1.00 5.52  ? 272 TYR A CG  1 
ATOM   697  C CD1 . TYR A 1 99  ? -4.172  8.200   -7.544  1.00 5.52  ? 272 TYR A CD1 1 
ATOM   698  C CD2 . TYR A 1 99  ? -5.813  9.361   -6.230  1.00 7.69  ? 272 TYR A CD2 1 
ATOM   699  C CE1 . TYR A 1 99  ? -3.237  9.257   -7.321  1.00 8.12  ? 272 TYR A CE1 1 
ATOM   700  C CE2 . TYR A 1 99  ? -4.876  10.393  -5.974  1.00 6.54  ? 272 TYR A CE2 1 
ATOM   701  C CZ  . TYR A 1 99  ? -3.591  10.312  -6.506  1.00 3.87  ? 272 TYR A CZ  1 
ATOM   702  O OH  . TYR A 1 99  ? -2.692  11.335  -6.268  1.00 7.17  ? 272 TYR A OH  1 
ATOM   703  N N   . GLU A 1 100 ? -8.480  5.465   -9.322  1.00 4.69  ? 273 GLU A N   1 
ATOM   704  C CA  . GLU A 1 100 ? -9.435  4.317   -9.443  1.00 3.35  ? 273 GLU A CA  1 
ATOM   705  C C   . GLU A 1 100 ? -8.864  3.160   -10.271 1.00 4.46  ? 273 GLU A C   1 
ATOM   706  O O   . GLU A 1 100 ? -9.380  2.020   -10.239 1.00 6.66  ? 273 GLU A O   1 
ATOM   707  C CB  . GLU A 1 100 ? -10.719 4.816   -10.056 1.00 5.73  ? 273 GLU A CB  1 
ATOM   708  C CG  . GLU A 1 100 ? -11.412 5.814   -9.116  1.00 11.07 ? 273 GLU A CG  1 
ATOM   709  C CD  . GLU A 1 100 ? -12.706 6.393   -9.709  1.00 15.68 ? 273 GLU A CD  1 
ATOM   710  O OE1 . GLU A 1 100 ? -13.281 5.769   -10.630 1.00 13.66 ? 273 GLU A OE1 1 
ATOM   711  O OE2 . GLU A 1 100 ? -13.155 7.463   -9.221  1.00 14.68 ? 273 GLU A OE2 1 
ATOM   712  N N   . ASN A 1 101 ? -7.793  3.453   -11.024 1.00 4.41  ? 274 ASN A N   1 
ATOM   713  C CA  . ASN A 1 101 ? -7.097  2.425   -11.796 1.00 6.07  ? 274 ASN A CA  1 
ATOM   714  C C   . ASN A 1 101 ? -6.231  1.511   -10.939 1.00 4.39  ? 274 ASN A C   1 
ATOM   715  O O   . ASN A 1 101 ? -5.841  0.447   -11.404 1.00 5.64  ? 274 ASN A O   1 
ATOM   716  C CB  . ASN A 1 101 ? -6.196  3.075   -12.880 1.00 5.30  ? 274 ASN A CB  1 
ATOM   717  C CG  . ASN A 1 101 ? -7.004  3.706   -13.984 1.00 6.01  ? 274 ASN A CG  1 
ATOM   718  O OD1 . ASN A 1 101 ? -6.814  4.876   -14.320 1.00 15.34 ? 274 ASN A OD1 1 
ATOM   719  N ND2 . ASN A 1 101 ? -7.912  2.938   -14.557 1.00 3.30  ? 274 ASN A ND2 1 
ATOM   720  N N   . TYR A 1 102 ? -5.920  1.901   -9.707  1.00 6.11  ? 275 TYR A N   1 
ATOM   721  C CA  . TYR A 1 102 ? -5.056  1.051   -8.853  1.00 7.07  ? 275 TYR A CA  1 
ATOM   722  C C   . TYR A 1 102 ? -5.760  -0.267  -8.519  1.00 9.94  ? 275 TYR A C   1 
ATOM   723  O O   . TYR A 1 102 ? -7.015  -0.328  -8.408  1.00 8.51  ? 275 TYR A O   1 
ATOM   724  C CB  . TYR A 1 102 ? -4.783  1.706   -7.507  1.00 9.17  ? 275 TYR A CB  1 
ATOM   725  C CG  . TYR A 1 102 ? -3.709  2.777   -7.423  1.00 8.83  ? 275 TYR A CG  1 
ATOM   726  C CD1 . TYR A 1 102 ? -2.423  2.555   -7.883  1.00 9.08  ? 275 TYR A CD1 1 
ATOM   727  C CD2 . TYR A 1 102 ? -3.984  3.994   -6.771  1.00 7.56  ? 275 TYR A CD2 1 
ATOM   728  C CE1 . TYR A 1 102 ? -1.420  3.548   -7.726  1.00 10.32 ? 275 TYR A CE1 1 
ATOM   729  C CE2 . TYR A 1 102 ? -3.031  4.978   -6.633  1.00 6.86  ? 275 TYR A CE2 1 
ATOM   730  C CZ  . TYR A 1 102 ? -1.750  4.750   -7.119  1.00 5.08  ? 275 TYR A CZ  1 
ATOM   731  O OH  . TYR A 1 102 ? -0.789  5.720   -6.967  1.00 10.33 ? 275 TYR A OH  1 
ATOM   732  N N   . VAL A 1 103 ? -4.947  -1.310  -8.336  1.00 9.94  ? 276 VAL A N   1 
ATOM   733  C CA  . VAL A 1 103 ? -5.415  -2.599  -7.828  1.00 9.57  ? 276 VAL A CA  1 
ATOM   734  C C   . VAL A 1 103 ? -4.967  -2.686  -6.380  1.00 12.00 ? 276 VAL A C   1 
ATOM   735  O O   . VAL A 1 103 ? -3.770  -2.664  -6.093  1.00 11.21 ? 276 VAL A O   1 
ATOM   736  C CB  . VAL A 1 103 ? -4.856  -3.763  -8.673  1.00 10.56 ? 276 VAL A CB  1 
ATOM   737  C CG1 . VAL A 1 103 ? -5.097  -5.115  -7.970  1.00 9.08  ? 276 VAL A CG1 1 
ATOM   738  C CG2 . VAL A 1 103 ? -5.433  -3.716  -10.100 1.00 10.36 ? 276 VAL A CG2 1 
ATOM   739  N N   . ALA A 1 104 ? -5.930  -2.736  -5.455  1.00 11.92 ? 277 ALA A N   1 
ATOM   740  C CA  . ALA A 1 104 ? -5.644  -2.565  -4.021  1.00 11.23 ? 277 ALA A CA  1 
ATOM   741  C C   . ALA A 1 104 ? -6.111  -3.797  -3.252  1.00 12.30 ? 277 ALA A C   1 
ATOM   742  O O   . ALA A 1 104 ? -7.101  -4.452  -3.665  1.00 9.36  ? 277 ALA A O   1 
ATOM   743  C CB  . ALA A 1 104 ? -6.361  -1.282  -3.490  1.00 9.55  ? 277 ALA A CB  1 
ATOM   744  N N   . LYS A 1 105 ? -5.392  -4.140  -2.176  1.00 9.33  ? 278 LYS A N   1 
ATOM   745  C CA  . LYS A 1 105 ? -5.796  -5.206  -1.262  1.00 8.98  ? 278 LYS A CA  1 
ATOM   746  C C   . LYS A 1 105 ? -6.028  -4.590  0.086   1.00 8.61  ? 278 LYS A C   1 
ATOM   747  O O   . LYS A 1 105 ? -5.346  -3.637  0.467   1.00 11.11 ? 278 LYS A O   1 
ATOM   748  C CB  . LYS A 1 105 ? -4.754  -6.341  -1.145  1.00 8.88  ? 278 LYS A CB  1 
ATOM   749  C CG  . LYS A 1 105 ? -4.458  -7.029  -2.467  1.00 11.64 ? 278 LYS A CG  1 
ATOM   750  C CD  . LYS A 1 105 ? -5.590  -7.974  -2.892  1.00 16.03 ? 278 LYS A CD  1 
ATOM   751  C CE  . LYS A 1 105 ? -5.112  -8.945  -3.967  1.00 19.06 ? 278 LYS A CE  1 
ATOM   752  N NZ  . LYS A 1 105 ? -5.130  -8.288  -5.285  1.00 22.79 ? 278 LYS A NZ  1 
ATOM   753  N N   . ARG A 1 106 ? -7.006  -5.121  0.805   1.00 8.66  ? 279 ARG A N   1 
ATOM   754  C CA  . ARG A 1 106 ? -7.396  -4.578  2.077   1.00 6.05  ? 279 ARG A CA  1 
ATOM   755  C C   . ARG A 1 106 ? -6.404  -4.971  3.171   1.00 11.13 ? 279 ARG A C   1 
ATOM   756  O O   . ARG A 1 106 ? -6.020  -6.148  3.257   1.00 9.75  ? 279 ARG A O   1 
ATOM   757  C CB  . ARG A 1 106 ? -8.799  -5.090  2.409   1.00 11.79 ? 279 ARG A CB  1 
ATOM   758  C CG  . ARG A 1 106 ? -9.295  -4.760  3.781   1.00 12.28 ? 279 ARG A CG  1 
ATOM   759  C CD  . ARG A 1 106 ? -9.647  -3.313  3.825   1.00 23.23 ? 279 ARG A CD  1 
ATOM   760  N NE  . ARG A 1 106 ? -10.376 -2.972  5.051   1.00 26.27 ? 279 ARG A NE  1 
ATOM   761  C CZ  . ARG A 1 106 ? -11.699 -2.992  5.179   1.00 31.34 ? 279 ARG A CZ  1 
ATOM   762  N NH1 . ARG A 1 106 ? -12.471 -3.379  4.162   1.00 31.83 ? 279 ARG A NH1 1 
ATOM   763  N NH2 . ARG A 1 106 ? -12.250 -2.641  6.339   1.00 29.13 ? 279 ARG A NH2 1 
ATOM   764  N N   . ILE A 1 107 ? -5.999  -3.999  4.006   1.00 5.59  ? 280 ILE A N   1 
ATOM   765  C CA  . ILE A 1 107 ? -5.335  -4.328  5.266   1.00 9.26  ? 280 ILE A CA  1 
ATOM   766  C C   . ILE A 1 107 ? -6.386  -4.747  6.315   1.00 8.84  ? 280 ILE A C   1 
ATOM   767  O O   . ILE A 1 107 ? -7.256  -3.944  6.670   1.00 10.55 ? 280 ILE A O   1 
ATOM   768  C CB  . ILE A 1 107 ? -4.420  -3.158  5.753   1.00 9.36  ? 280 ILE A CB  1 
ATOM   769  C CG1 . ILE A 1 107 ? -3.351  -2.838  4.687   1.00 7.11  ? 280 ILE A CG1 1 
ATOM   770  C CG2 . ILE A 1 107 ? -3.775  -3.495  7.109   1.00 9.83  ? 280 ILE A CG2 1 
ATOM   771  C CD1 . ILE A 1 107 ? -2.482  -1.559  4.971   1.00 5.67  ? 280 ILE A CD1 1 
ATOM   772  N N   . PRO A 1 108 ? -6.328  -6.006  6.807   1.00 9.64  ? 281 PRO A N   1 
ATOM   773  C CA  . PRO A 1 108 ? -7.371  -6.484  7.727   1.00 9.60  ? 281 PRO A CA  1 
ATOM   774  C C   . PRO A 1 108 ? -7.629  -5.581  8.938   1.00 9.96  ? 281 PRO A C   1 
ATOM   775  O O   . PRO A 1 108 ? -6.681  -5.091  9.595   1.00 11.26 ? 281 PRO A O   1 
ATOM   776  C CB  . PRO A 1 108 ? -6.834  -7.833  8.237   1.00 9.86  ? 281 PRO A CB  1 
ATOM   777  C CG  . PRO A 1 108 ? -5.861  -8.257  7.202   1.00 9.54  ? 281 PRO A CG  1 
ATOM   778  C CD  . PRO A 1 108 ? -5.318  -7.040  6.521   1.00 8.35  ? 281 PRO A CD  1 
ATOM   779  N N   . GLY A 1 109 ? -8.910  -5.390  9.238   1.00 9.79  ? 282 GLY A N   1 
ATOM   780  C CA  . GLY A 1 109 ? -9.328  -4.667  10.441  1.00 9.73  ? 282 GLY A CA  1 
ATOM   781  C C   . GLY A 1 109 ? -9.038  -3.167  10.360  1.00 10.94 ? 282 GLY A C   1 
ATOM   782  O O   . GLY A 1 109 ? -9.029  -2.490  11.394  1.00 10.79 ? 282 GLY A O   1 
ATOM   783  N N   . LYS A 1 110 ? -8.783  -2.652  9.154   1.00 10.36 ? 283 LYS A N   1 
ATOM   784  C CA  . LYS A 1 110 ? -8.377  -1.248  8.984   1.00 10.14 ? 283 LYS A CA  1 
ATOM   785  C C   . LYS A 1 110 ? -8.994  -0.638  7.733   1.00 11.04 ? 283 LYS A C   1 
ATOM   786  O O   . LYS A 1 110 ? -9.211  -1.323  6.732   1.00 8.63  ? 283 LYS A O   1 
ATOM   787  C CB  . LYS A 1 110 ? -6.845  -1.122  8.829   1.00 12.03 ? 283 LYS A CB  1 
ATOM   788  C CG  . LYS A 1 110 ? -5.988  -1.599  10.019  1.00 7.93  ? 283 LYS A CG  1 
ATOM   789  C CD  . LYS A 1 110 ? -5.971  -0.590  11.190  1.00 10.14 ? 283 LYS A CD  1 
ATOM   790  C CE  . LYS A 1 110 ? -5.557  -1.290  12.487  1.00 12.70 ? 283 LYS A CE  1 
ATOM   791  N NZ  . LYS A 1 110 ? -6.639  -2.214  13.099  1.00 9.91  ? 283 LYS A NZ  1 
ATOM   792  N N   . GLN A 1 111 ? -9.226  0.671   7.775   1.00 10.06 ? 284 GLN A N   1 
ATOM   793  C CA  . GLN A 1 111 ? -9.584  1.435   6.573   1.00 11.62 ? 284 GLN A CA  1 
ATOM   794  C C   . GLN A 1 111 ? -8.263  1.802   5.883   1.00 8.22  ? 284 GLN A C   1 
ATOM   795  O O   . GLN A 1 111 ? -7.820  2.934   5.903   1.00 8.32  ? 284 GLN A O   1 
ATOM   796  C CB  . GLN A 1 111 ? -10.382 2.691   6.930   1.00 8.95  ? 284 GLN A CB  1 
ATOM   797  C CG  . GLN A 1 111 ? -11.845 2.429   7.241   1.00 8.30  ? 284 GLN A CG  1 
ATOM   798  C CD  . GLN A 1 111 ? -12.616 2.127   5.977   1.00 15.21 ? 284 GLN A CD  1 
ATOM   799  O OE1 . GLN A 1 111 ? -12.633 2.925   5.033   1.00 12.87 ? 284 GLN A OE1 1 
ATOM   800  N NE2 . GLN A 1 111 ? -13.207 0.941   5.924   1.00 14.38 ? 284 GLN A NE2 1 
ATOM   801  N N   . ALA A 1 112 ? -7.628  0.807   5.288   1.00 8.66  ? 285 ALA A N   1 
ATOM   802  C CA  . ALA A 1 112 ? -6.331  1.037   4.666   1.00 7.14  ? 285 ALA A CA  1 
ATOM   803  C C   . ALA A 1 112 ? -6.148  -0.041  3.612   1.00 10.34 ? 285 ALA A C   1 
ATOM   804  O O   . ALA A 1 112 ? -6.720  -1.170  3.740   1.00 8.93  ? 285 ALA A O   1 
ATOM   805  C CB  . ALA A 1 112 ? -5.236  0.921   5.731   1.00 6.66  ? 285 ALA A CB  1 
ATOM   806  N N   . VAL A 1 113 ? -5.323  0.264   2.610   1.00 9.23  ? 286 VAL A N   1 
ATOM   807  C CA  . VAL A 1 113 ? -5.044  -0.680  1.519   1.00 8.16  ? 286 VAL A CA  1 
ATOM   808  C C   . VAL A 1 113 ? -3.550  -0.729  1.234   1.00 7.91  ? 286 VAL A C   1 
ATOM   809  O O   . VAL A 1 113 ? -2.830  0.238   1.527   1.00 8.94  ? 286 VAL A O   1 
ATOM   810  C CB  . VAL A 1 113 ? -5.788  -0.298  0.188   1.00 6.05  ? 286 VAL A CB  1 
ATOM   811  C CG1 . VAL A 1 113 ? -7.336  -0.301  0.359   1.00 8.42  ? 286 VAL A CG1 1 
ATOM   812  C CG2 . VAL A 1 113 ? -5.282  1.016   -0.416  1.00 4.68  ? 286 VAL A CG2 1 
ATOM   813  N N   . VAL A 1 114 ? -3.091  -1.864  0.695   1.00 9.51  ? 287 VAL A N   1 
ATOM   814  C CA  . VAL A 1 114 ? -1.767  -1.912  0.040   1.00 7.76  ? 287 VAL A CA  1 
ATOM   815  C C   . VAL A 1 114 ? -1.973  -1.861  -1.501  1.00 9.97  ? 287 VAL A C   1 
ATOM   816  O O   . VAL A 1 114 ? -2.924  -2.436  -2.041  1.00 9.99  ? 287 VAL A O   1 
ATOM   817  C CB  . VAL A 1 114 ? -0.919  -3.147  0.440   1.00 9.02  ? 287 VAL A CB  1 
ATOM   818  C CG1 . VAL A 1 114 ? -0.603  -3.080  1.934   1.00 10.92 ? 287 VAL A CG1 1 
ATOM   819  C CG2 . VAL A 1 114 ? -1.656  -4.485  0.059   1.00 9.97  ? 287 VAL A CG2 1 
ATOM   820  N N   . VAL A 1 115 ? -1.108  -1.114  -2.167  1.00 8.24  ? 288 VAL A N   1 
ATOM   821  C CA  . VAL A 1 115 ? -1.066  -0.999  -3.622  1.00 7.98  ? 288 VAL A CA  1 
ATOM   822  C C   . VAL A 1 115 ? 0.322   -1.558  -3.917  1.00 10.05 ? 288 VAL A C   1 
ATOM   823  O O   . VAL A 1 115 ? 1.359   -0.886  -3.748  1.00 8.12  ? 288 VAL A O   1 
ATOM   824  C CB  . VAL A 1 115 ? -1.251  0.474   -4.079  1.00 12.79 ? 288 VAL A CB  1 
ATOM   825  C CG1 . VAL A 1 115 ? -0.930  0.625   -5.549  1.00 12.10 ? 288 VAL A CG1 1 
ATOM   826  C CG2 . VAL A 1 115 ? -2.703  0.894   -3.822  1.00 10.42 ? 288 VAL A CG2 1 
ATOM   827  N N   . MET A 1 116 ? 0.348   -2.831  -4.302  1.00 9.53  ? 289 MET A N   1 
ATOM   828  C CA  . MET A 1 116 ? 1.638   -3.545  -4.504  1.00 6.82  ? 289 MET A CA  1 
ATOM   829  C C   . MET A 1 116 ? 2.183   -3.325  -5.906  1.00 8.05  ? 289 MET A C   1 
ATOM   830  O O   . MET A 1 116 ? 1.425   -3.365  -6.891  1.00 7.29  ? 289 MET A O   1 
ATOM   831  C CB  . MET A 1 116 ? 1.445   -5.051  -4.218  1.00 8.86  ? 289 MET A CB  1 
ATOM   832  C CG  . MET A 1 116 ? 1.117   -5.333  -2.748  1.00 12.89 ? 289 MET A CG  1 
ATOM   833  S SD  . MET A 1 116 ? 2.313   -4.559  -1.581  1.00 14.33 ? 289 MET A SD  1 
ATOM   834  C CE  . MET A 1 116 ? 3.742   -5.523  -1.953  1.00 8.99  ? 289 MET A CE  1 
ATOM   835  N N   . ALA A 1 117 ? 3.492   -3.087  -6.038  1.00 8.97  ? 290 ALA A N   1 
ATOM   836  C CA  . ALA A 1 117 ? 4.064   -2.847  -7.378  1.00 8.29  ? 290 ALA A CA  1 
ATOM   837  C C   . ALA A 1 117 ? 3.802   -4.030  -8.329  1.00 12.06 ? 290 ALA A C   1 
ATOM   838  O O   . ALA A 1 117 ? 3.540   -3.820  -9.513  1.00 11.16 ? 290 ALA A O   1 
ATOM   839  C CB  . ALA A 1 117 ? 5.548   -2.528  -7.305  1.00 11.13 ? 290 ALA A CB  1 
ATOM   840  N N   . CYS A 1 118 ? 3.810   -5.261  -7.804  1.00 12.41 ? 291 CYS A N   1 
ATOM   841  C CA  . CYS A 1 118 ? 3.605   -6.459  -8.623  1.00 14.11 ? 291 CYS A CA  1 
ATOM   842  C C   . CYS A 1 118 ? 2.185   -6.582  -9.184  1.00 15.89 ? 291 CYS A C   1 
ATOM   843  O O   . CYS A 1 118 ? 1.978   -7.311  -10.151 1.00 17.38 ? 291 CYS A O   1 
ATOM   844  C CB  . CYS A 1 118 ? 3.974   -7.749  -7.862  1.00 12.61 ? 291 CYS A CB  1 
ATOM   845  S SG  . CYS A 1 118 ? 2.925   -8.129  -6.420  1.00 18.88 ? 291 CYS A SG  1 
ATOM   846  N N   . GLU A 1 119 ? 1.219   -5.876  -8.597  1.00 14.11 ? 292 GLU A N   1 
ATOM   847  C CA  . GLU A 1 119 ? -0.141  -5.896  -9.124  1.00 14.05 ? 292 GLU A CA  1 
ATOM   848  C C   . GLU A 1 119 ? -0.496  -4.620  -9.852  1.00 12.04 ? 292 GLU A C   1 
ATOM   849  O O   . GLU A 1 119 ? -1.636  -4.454  -10.299 1.00 12.96 ? 292 GLU A O   1 
ATOM   850  C CB  . GLU A 1 119 ? -1.127  -6.056  -7.994  1.00 14.68 ? 292 GLU A CB  1 
ATOM   851  C CG  . GLU A 1 119 ? -0.960  -7.295  -7.206  1.00 15.21 ? 292 GLU A CG  1 
ATOM   852  C CD  . GLU A 1 119 ? -2.211  -7.597  -6.470  1.00 22.51 ? 292 GLU A CD  1 
ATOM   853  O OE1 . GLU A 1 119 ? -2.626  -6.752  -5.639  1.00 19.01 ? 292 GLU A OE1 1 
ATOM   854  O OE2 . GLU A 1 119 ? -2.778  -8.680  -6.721  1.00 22.43 ? 292 GLU A OE2 1 
ATOM   855  N N   . ASN A 1 120 ? 0.479   -3.731  -9.983  1.00 10.45 ? 293 ASN A N   1 
ATOM   856  C CA  . ASN A 1 120 ? 0.220   -2.413  -10.546 1.00 11.57 ? 293 ASN A CA  1 
ATOM   857  C C   . ASN A 1 120 ? 1.245   -1.992  -11.588 1.00 11.06 ? 293 ASN A C   1 
ATOM   858  O O   . ASN A 1 120 ? 1.554   -0.825  -11.735 1.00 8.36  ? 293 ASN A O   1 
ATOM   859  C CB  . ASN A 1 120 ? 0.085   -1.378  -9.422  1.00 9.79  ? 293 ASN A CB  1 
ATOM   860  C CG  . ASN A 1 120 ? -1.218  -1.544  -8.627  1.00 8.32  ? 293 ASN A CG  1 
ATOM   861  O OD1 . ASN A 1 120 ? -2.246  -0.997  -9.004  1.00 6.90  ? 293 ASN A OD1 1 
ATOM   862  N ND2 . ASN A 1 120 ? -1.165  -2.291  -7.506  1.00 6.19  ? 293 ASN A ND2 1 
ATOM   863  N N   . GLN A 1 121 ? 1.745   -2.949  -12.340 1.00 13.56 ? 294 GLN A N   1 
ATOM   864  C CA  . GLN A 1 121 ? 2.676   -2.603  -13.412 1.00 15.79 ? 294 GLN A CA  1 
ATOM   865  C C   . GLN A 1 121 ? 2.026   -1.759  -14.496 1.00 16.73 ? 294 GLN A C   1 
ATOM   866  O O   . GLN A 1 121 ? 2.717   -1.148  -15.286 1.00 18.22 ? 294 GLN A O   1 
ATOM   867  C CB  . GLN A 1 121 ? 3.292   -3.836  -14.040 1.00 19.15 ? 294 GLN A CB  1 
ATOM   868  C CG  . GLN A 1 121 ? 3.829   -4.824  -13.037 1.00 21.92 ? 294 GLN A CG  1 
ATOM   869  C CD  . GLN A 1 121 ? 2.846   -5.964  -12.851 1.00 31.76 ? 294 GLN A CD  1 
ATOM   870  O OE1 . GLN A 1 121 ? 1.628   -5.743  -12.636 1.00 30.94 ? 294 GLN A OE1 1 
ATOM   871  N NE2 . GLN A 1 121 ? 3.350   -7.193  -12.982 1.00 26.12 ? 294 GLN A NE2 1 
ATOM   872  N N   . HIS A 1 122 ? 0.702   -1.713  -14.530 1.00 13.53 ? 295 HIS A N   1 
ATOM   873  C CA  . HIS A 1 122 ? 0.029   -0.873  -15.490 1.00 13.50 ? 295 HIS A CA  1 
ATOM   874  C C   . HIS A 1 122 ? 0.076   0.590   -15.130 1.00 15.18 ? 295 HIS A C   1 
ATOM   875  O O   . HIS A 1 122 ? -0.177  1.424   -15.993 1.00 15.23 ? 295 HIS A O   1 
ATOM   876  C CB  . HIS A 1 122 ? -1.431  -1.290  -15.659 1.00 12.26 ? 295 HIS A CB  1 
ATOM   877  C CG  . HIS A 1 122 ? -2.219  -1.219  -14.399 1.00 13.17 ? 295 HIS A CG  1 
ATOM   878  N ND1 . HIS A 1 122 ? -2.080  -2.148  -13.394 1.00 15.08 ? 295 HIS A ND1 1 
ATOM   879  C CD2 . HIS A 1 122 ? -3.202  -0.380  -14.002 1.00 13.51 ? 295 HIS A CD2 1 
ATOM   880  C CE1 . HIS A 1 122 ? -2.924  -1.874  -12.418 1.00 15.73 ? 295 HIS A CE1 1 
ATOM   881  N NE2 . HIS A 1 122 ? -3.625  -0.811  -12.767 1.00 14.31 ? 295 HIS A NE2 1 
ATOM   882  N N   . MET A 1 123 ? 0.407   0.912   -13.872 1.00 14.69 ? 296 MET A N   1 
ATOM   883  C CA  . MET A 1 123 ? 0.419   2.280   -13.410 1.00 17.09 ? 296 MET A CA  1 
ATOM   884  C C   . MET A 1 123 ? 1.858   2.830   -13.607 1.00 21.35 ? 296 MET A C   1 
ATOM   885  O O   . MET A 1 123 ? 2.837   2.087   -13.496 1.00 23.97 ? 296 MET A O   1 
ATOM   886  C CB  . MET A 1 123 ? 0.101   2.299   -11.924 1.00 14.31 ? 296 MET A CB  1 
ATOM   887  C CG  . MET A 1 123 ? -1.244  1.654   -11.497 1.00 14.46 ? 296 MET A CG  1 
ATOM   888  S SD  . MET A 1 123 ? -2.682  2.531   -12.132 1.00 15.53 ? 296 MET A SD  1 
ATOM   889  C CE  . MET A 1 123 ? -2.558  4.195   -11.462 1.00 11.75 ? 296 MET A CE  1 
ATOM   890  N N   . GLY A 1 124 ? 2.012   4.120   -13.865 1.00 23.84 ? 297 GLY A N   1 
ATOM   891  C CA  . GLY A 1 124 ? 3.406   4.643   -14.074 1.00 23.45 ? 297 GLY A CA  1 
ATOM   892  C C   . GLY A 1 124 ? 4.368   4.414   -12.892 1.00 22.58 ? 297 GLY A C   1 
ATOM   893  O O   . GLY A 1 124 ? 3.930   4.140   -11.769 1.00 19.30 ? 297 GLY A O   1 
ATOM   894  N N   . ASP A 1 125 ? 5.685   4.559   -13.081 1.00 22.05 ? 298 ASP A N   1 
ATOM   895  C CA  . ASP A 1 125 ? 6.534   4.571   -11.868 1.00 22.29 ? 298 ASP A CA  1 
ATOM   896  C C   . ASP A 1 125 ? 6.269   5.826   -11.057 1.00 21.19 ? 298 ASP A C   1 
ATOM   897  O O   . ASP A 1 125 ? 6.626   5.895   -9.879  1.00 22.20 ? 298 ASP A O   1 
ATOM   898  C CB  . ASP A 1 125 ? 8.029   4.364   -12.118 1.00 22.53 ? 298 ASP A CB  1 
ATOM   899  C CG  . ASP A 1 125 ? 8.490   4.987   -13.387 1.00 27.78 ? 298 ASP A CG  1 
ATOM   900  O OD1 . ASP A 1 125 ? 7.909   6.026   -13.777 1.00 32.46 ? 298 ASP A OD1 1 
ATOM   901  O OD2 . ASP A 1 125 ? 9.430   4.431   -14.004 1.00 30.34 ? 298 ASP A OD2 1 
ATOM   902  N N   . ASP A 1 126 ? 5.613   6.812   -11.664 1.00 16.61 ? 299 ASP A N   1 
ATOM   903  C CA  . ASP A 1 126 ? 5.214   7.963   -10.871 1.00 16.89 ? 299 ASP A CA  1 
ATOM   904  C C   . ASP A 1 126 ? 3.976   7.685   -10.001 1.00 14.19 ? 299 ASP A C   1 
ATOM   905  O O   . ASP A 1 126 ? 3.549   8.550   -9.230  1.00 13.73 ? 299 ASP A O   1 
ATOM   906  C CB  . ASP A 1 126 ? 5.022   9.208   -11.741 1.00 20.64 ? 299 ASP A CB  1 
ATOM   907  C CG  . ASP A 1 126 ? 3.821   9.115   -12.641 1.00 24.75 ? 299 ASP A CG  1 
ATOM   908  O OD1 . ASP A 1 126 ? 3.421   7.986   -13.043 1.00 27.69 ? 299 ASP A OD1 1 
ATOM   909  O OD2 . ASP A 1 126 ? 3.288   10.196  -12.972 1.00 34.63 ? 299 ASP A OD2 1 
ATOM   910  N N   . MET A 1 127 ? 3.391   6.501   -10.143 1.00 10.28 ? 300 MET A N   1 
ATOM   911  C CA  . MET A 1 127 ? 2.195   6.146   -9.369  1.00 11.52 ? 300 MET A CA  1 
ATOM   912  C C   . MET A 1 127 ? 2.423   5.017   -8.361  1.00 11.74 ? 300 MET A C   1 
ATOM   913  O O   . MET A 1 127 ? 1.611   4.817   -7.437  1.00 11.76 ? 300 MET A O   1 
ATOM   914  C CB  . MET A 1 127 ? 1.052   5.724   -10.277 1.00 12.42 ? 300 MET A CB  1 
ATOM   915  C CG  . MET A 1 127 ? 0.695   6.709   -11.286 1.00 10.46 ? 300 MET A CG  1 
ATOM   916  S SD  . MET A 1 127 ? -0.078  8.202   -10.606 1.00 12.63 ? 300 MET A SD  1 
ATOM   917  C CE  . MET A 1 127 ? -1.674  7.597   -10.022 1.00 11.50 ? 300 MET A CE  1 
ATOM   918  N N   . VAL A 1 128 ? 3.535   4.296   -8.504  1.00 9.43  ? 301 VAL A N   1 
ATOM   919  C CA  . VAL A 1 128 ? 3.831   3.263   -7.547  1.00 12.69 ? 301 VAL A CA  1 
ATOM   920  C C   . VAL A 1 128 ? 5.290   2.952   -7.678  1.00 15.04 ? 301 VAL A C   1 
ATOM   921  O O   . VAL A 1 128 ? 5.869   3.097   -8.752  1.00 15.20 ? 301 VAL A O   1 
ATOM   922  C CB  . VAL A 1 128 ? 2.964   1.990   -7.722  1.00 14.16 ? 301 VAL A CB  1 
ATOM   923  C CG1 . VAL A 1 128 ? 3.250   1.307   -9.067  1.00 13.77 ? 301 VAL A CG1 1 
ATOM   924  C CG2 . VAL A 1 128 ? 3.152   0.994   -6.495  1.00 17.27 ? 301 VAL A CG2 1 
ATOM   925  N N   . GLN A 1 129 ? 5.907   2.593   -6.564  1.00 15.06 ? 302 GLN A N   1 
ATOM   926  C CA  . GLN A 1 129 ? 7.241   1.996   -6.671  1.00 16.68 ? 302 GLN A CA  1 
ATOM   927  C C   . GLN A 1 129 ? 7.399   0.822   -5.773  1.00 14.59 ? 302 GLN A C   1 
ATOM   928  O O   . GLN A 1 129 ? 6.604   0.612   -4.871  1.00 17.07 ? 302 GLN A O   1 
ATOM   929  C CB  . GLN A 1 129 ? 8.366   2.984   -6.454  1.00 19.78 ? 302 GLN A CB  1 
ATOM   930  C CG  . GLN A 1 129 ? 7.968   4.295   -5.884  1.00 25.80 ? 302 GLN A CG  1 
ATOM   931  C CD  . GLN A 1 129 ? 8.833   5.390   -6.433  1.00 29.59 ? 302 GLN A CD  1 
ATOM   932  O OE1 . GLN A 1 129 ? 8.605   5.878   -7.543  1.00 32.23 ? 302 GLN A OE1 1 
ATOM   933  N NE2 . GLN A 1 129 ? 9.848   5.780   -5.673  1.00 30.37 ? 302 GLN A NE2 1 
ATOM   934  N N   . GLU A 1 130 ? 8.418   0.041   -6.075  1.00 14.01 ? 303 GLU A N   1 
ATOM   935  C CA  . GLU A 1 130 ? 8.688   -1.195  -5.394  1.00 16.23 ? 303 GLU A CA  1 
ATOM   936  C C   . GLU A 1 130 ? 9.022   -0.916  -3.924  1.00 14.45 ? 303 GLU A C   1 
ATOM   937  O O   . GLU A 1 130 ? 9.769   0.019   -3.639  1.00 11.26 ? 303 GLU A O   1 
ATOM   938  C CB  . GLU A 1 130 ? 9.863   -1.901  -6.119  1.00 13.78 ? 303 GLU A CB  1 
ATOM   939  C CG  . GLU A 1 130 ? 9.465   -2.589  -7.438  1.00 27.70 ? 303 GLU A CG  1 
ATOM   940  C CD  . GLU A 1 130 ? 9.387   -1.654  -8.694  1.00 38.49 ? 303 GLU A CD  1 
ATOM   941  O OE1 . GLU A 1 130 ? 9.494   -0.399  -8.562  1.00 42.47 ? 303 GLU A OE1 1 
ATOM   942  O OE2 . GLU A 1 130 ? 9.215   -2.194  -9.831  1.00 38.73 ? 303 GLU A OE2 1 
ATOM   943  N N   . PRO A 1 131 ? 8.512   -1.752  -2.988  1.00 15.69 ? 304 PRO A N   1 
ATOM   944  C CA  . PRO A 1 131 ? 7.659   -2.927  -3.256  1.00 15.28 ? 304 PRO A CA  1 
ATOM   945  C C   . PRO A 1 131 ? 6.170   -2.580  -3.369  1.00 10.82 ? 304 PRO A C   1 
ATOM   946  O O   . PRO A 1 131 ? 5.370   -3.382  -3.851  1.00 12.12 ? 304 PRO A O   1 
ATOM   947  C CB  . PRO A 1 131 ? 7.855   -3.775  -1.997  1.00 14.45 ? 304 PRO A CB  1 
ATOM   948  C CG  . PRO A 1 131 ? 7.996   -2.744  -0.905  1.00 15.22 ? 304 PRO A CG  1 
ATOM   949  C CD  . PRO A 1 131 ? 8.841   -1.635  -1.543  1.00 13.82 ? 304 PRO A CD  1 
ATOM   950  N N   . GLY A 1 132 ? 5.807   -1.406  -2.888  1.00 8.29  ? 305 GLY A N   1 
ATOM   951  C CA  . GLY A 1 132 ? 4.402   -0.986  -2.901  1.00 8.88  ? 305 GLY A CA  1 
ATOM   952  C C   . GLY A 1 132 ? 4.204   0.266   -2.054  1.00 7.95  ? 305 GLY A C   1 
ATOM   953  O O   . GLY A 1 132 ? 5.153   0.866   -1.580  1.00 7.58  ? 305 GLY A O   1 
ATOM   954  N N   . LEU A 1 133 ? 2.958   0.672   -1.878  1.00 8.81  ? 306 LEU A N   1 
ATOM   955  C CA  . LEU A 1 133 ? 2.628   1.849   -1.075  1.00 8.96  ? 306 LEU A CA  1 
ATOM   956  C C   . LEU A 1 133 ? 1.439   1.431   -0.234  1.00 9.13  ? 306 LEU A C   1 
ATOM   957  O O   . LEU A 1 133 ? 0.741   0.485   -0.575  1.00 8.88  ? 306 LEU A O   1 
ATOM   958  C CB  . LEU A 1 133 ? 2.108   3.017   -1.936  1.00 13.93 ? 306 LEU A CB  1 
ATOM   959  C CG  . LEU A 1 133 ? 2.796   3.513   -3.172  1.00 21.53 ? 306 LEU A CG  1 
ATOM   960  C CD1 . LEU A 1 133 ? 1.821   4.246   -4.023  1.00 18.74 ? 306 LEU A CD1 1 
ATOM   961  C CD2 . LEU A 1 133 ? 3.938   4.416   -2.769  1.00 28.45 ? 306 LEU A CD2 1 
ATOM   962  N N   . VAL A 1 134 ? 1.196   2.183   0.839   1.00 8.87  ? 307 VAL A N   1 
ATOM   963  C CA  . VAL A 1 134 ? 0.042   1.967   1.698   1.00 8.87  ? 307 VAL A CA  1 
ATOM   964  C C   . VAL A 1 134 ? -0.729  3.257   1.667   1.00 9.67  ? 307 VAL A C   1 
ATOM   965  O O   . VAL A 1 134 ? -0.106  4.305   1.783   1.00 8.03  ? 307 VAL A O   1 
ATOM   966  C CB  . VAL A 1 134 ? 0.525   1.638   3.144   1.00 10.24 ? 307 VAL A CB  1 
ATOM   967  C CG1 . VAL A 1 134 ? -0.604  1.824   4.220   1.00 14.50 ? 307 VAL A CG1 1 
ATOM   968  C CG2 . VAL A 1 134 ? 1.144   0.233   3.196   1.00 8.11  ? 307 VAL A CG2 1 
ATOM   969  N N   . MET A 1 135 ? -2.069  3.177   1.517   1.00 7.34  ? 308 MET A N   1 
ATOM   970  C CA  . MET A 1 135 ? -2.914  4.331   1.669   1.00 10.27 ? 308 MET A CA  1 
ATOM   971  C C   . MET A 1 135 ? -3.925  4.089   2.747   1.00 9.41  ? 308 MET A C   1 
ATOM   972  O O   . MET A 1 135 ? -4.596  3.052   2.772   1.00 8.98  ? 308 MET A O   1 
ATOM   973  C CB  . MET A 1 135 ? -3.585  4.699   0.354   1.00 8.05  ? 308 MET A CB  1 
ATOM   974  C CG  . MET A 1 135 ? -2.573  5.097   -0.731  1.00 13.35 ? 308 MET A CG  1 
ATOM   975  S SD  . MET A 1 135 ? -3.387  5.441   -2.280  1.00 18.14 ? 308 MET A SD  1 
ATOM   976  C CE  . MET A 1 135 ? -3.315  3.818   -2.986  1.00 21.49 ? 308 MET A CE  1 
ATOM   977  N N   . ILE A 1 136 ? -3.985  5.043   3.667   1.00 9.07  ? 309 ILE A N   1 
ATOM   978  C CA  . ILE A 1 136 ? -4.897  4.982   4.816   1.00 9.73  ? 309 ILE A CA  1 
ATOM   979  C C   . ILE A 1 136 ? -6.005  6.003   4.589   1.00 11.40 ? 309 ILE A C   1 
ATOM   980  O O   . ILE A 1 136 ? -5.752  7.077   4.054   1.00 12.96 ? 309 ILE A O   1 
ATOM   981  C CB  . ILE A 1 136 ? -4.163  5.277   6.125   1.00 9.68  ? 309 ILE A CB  1 
ATOM   982  C CG1 . ILE A 1 136 ? -2.911  4.395   6.284   1.00 12.53 ? 309 ILE A CG1 1 
ATOM   983  C CG2 . ILE A 1 136 ? -5.130  5.093   7.343   1.00 11.99 ? 309 ILE A CG2 1 
ATOM   984  C CD1 . ILE A 1 136 ? -1.831  5.021   7.227   1.00 12.06 ? 309 ILE A CD1 1 
ATOM   985  N N   . PHE A 1 137 ? -7.219  5.647   5.001   1.00 13.74 ? 310 PHE A N   1 
ATOM   986  C CA  . PHE A 1 137 ? -8.407  6.471   4.782   1.00 14.05 ? 310 PHE A CA  1 
ATOM   987  C C   . PHE A 1 137 ? -9.221  6.580   6.066   1.00 12.66 ? 310 PHE A C   1 
ATOM   988  O O   . PHE A 1 137 ? -9.175  5.694   6.932   1.00 12.31 ? 310 PHE A O   1 
ATOM   989  C CB  . PHE A 1 137 ? -9.317  5.862   3.698   1.00 11.47 ? 310 PHE A CB  1 
ATOM   990  C CG  . PHE A 1 137 ? -8.659  5.738   2.384   1.00 13.82 ? 310 PHE A CG  1 
ATOM   991  C CD1 . PHE A 1 137 ? -7.856  4.631   2.102   1.00 15.90 ? 310 PHE A CD1 1 
ATOM   992  C CD2 . PHE A 1 137 ? -8.786  6.737   1.424   1.00 12.67 ? 310 PHE A CD2 1 
ATOM   993  C CE1 . PHE A 1 137 ? -7.219  4.505   0.874   1.00 14.09 ? 310 PHE A CE1 1 
ATOM   994  C CE2 . PHE A 1 137 ? -8.119  6.623   0.192   1.00 14.82 ? 310 PHE A CE2 1 
ATOM   995  C CZ  . PHE A 1 137 ? -7.333  5.514   -0.077  1.00 10.95 ? 310 PHE A CZ  1 
ATOM   996  N N   . ALA A 1 138 ? -9.967  7.676   6.175   1.00 13.40 ? 311 ALA A N   1 
ATOM   997  C CA  . ALA A 1 138 ? -10.859 7.880   7.317   1.00 12.15 ? 311 ALA A CA  1 
ATOM   998  C C   . ALA A 1 138 ? -12.099 7.008   7.105   1.00 12.28 ? 311 ALA A C   1 
ATOM   999  O O   . ALA A 1 138 ? -12.792 6.668   8.062   1.00 14.28 ? 311 ALA A O   1 
ATOM   1000 C CB  . ALA A 1 138 ? -11.258 9.309   7.440   1.00 13.19 ? 311 ALA A CB  1 
ATOM   1001 N N   . HIS A 1 139 ? -12.375 6.652   5.852   1.00 13.02 ? 312 HIS A N   1 
ATOM   1002 C CA  . HIS A 1 139 ? -13.639 5.954   5.457   1.00 15.03 ? 312 HIS A CA  1 
ATOM   1003 C C   . HIS A 1 139 ? -13.628 5.556   3.980   1.00 13.88 ? 312 HIS A C   1 
ATOM   1004 O O   . HIS A 1 139 ? -12.812 6.010   3.224   1.00 10.86 ? 312 HIS A O   1 
ATOM   1005 C CB  . HIS A 1 139 ? -14.881 6.842   5.679   1.00 14.77 ? 312 HIS A CB  1 
ATOM   1006 C CG  . HIS A 1 139 ? -14.705 8.260   5.220   1.00 21.73 ? 312 HIS A CG  1 
ATOM   1007 N ND1 . HIS A 1 139 ? -15.004 9.345   6.016   1.00 24.42 ? 312 HIS A ND1 1 
ATOM   1008 C CD2 . HIS A 1 139 ? -14.207 8.773   4.066   1.00 24.40 ? 312 HIS A CD2 1 
ATOM   1009 C CE1 . HIS A 1 139 ? -14.736 10.462  5.359   1.00 25.06 ? 312 HIS A CE1 1 
ATOM   1010 N NE2 . HIS A 1 139 ? -14.244 10.141  4.175   1.00 21.41 ? 312 HIS A NE2 1 
ATOM   1011 N N   . GLY A 1 140 ? -14.565 4.715   3.573   1.00 19.63 ? 313 GLY A N   1 
ATOM   1012 C CA  . GLY A 1 140 ? -14.828 4.518   2.139   1.00 21.77 ? 313 GLY A CA  1 
ATOM   1013 C C   . GLY A 1 140 ? -14.191 3.264   1.564   1.00 23.71 ? 313 GLY A C   1 
ATOM   1014 O O   . GLY A 1 140 ? -14.468 2.900   0.421   1.00 24.73 ? 313 GLY A O   1 
ATOM   1015 N N   . VAL A 1 141 ? -13.358 2.578   2.348   1.00 23.22 ? 314 VAL A N   1 
ATOM   1016 C CA  . VAL A 1 141 ? -12.682 1.358   1.859   1.00 22.19 ? 314 VAL A CA  1 
ATOM   1017 C C   . VAL A 1 141 ? -13.608 0.166   2.030   1.00 22.71 ? 314 VAL A C   1 
ATOM   1018 O O   . VAL A 1 141 ? -14.038 -0.116  3.144   1.00 23.48 ? 314 VAL A O   1 
ATOM   1019 C CB  . VAL A 1 141 ? -11.310 1.090   2.595   1.00 20.39 ? 314 VAL A CB  1 
ATOM   1020 C CG1 . VAL A 1 141 ? -10.725 -0.259  2.171   1.00 19.99 ? 314 VAL A CG1 1 
ATOM   1021 C CG2 . VAL A 1 141 ? -10.315 2.231   2.317   1.00 18.41 ? 314 VAL A CG2 1 
ATOM   1022 N N   . GLU A 1 142 ? -13.907 -0.531  0.930   1.00 22.27 ? 315 GLU A N   1 
ATOM   1023 C CA  . GLU A 1 142 ? -14.859 -1.664  0.954   1.00 24.66 ? 315 GLU A CA  1 
ATOM   1024 C C   . GLU A 1 142 ? -14.229 -2.931  0.381   1.00 25.59 ? 315 GLU A C   1 
ATOM   1025 O O   . GLU A 1 142 ? -13.435 -2.867  -0.534  1.00 23.45 ? 315 GLU A O   1 
ATOM   1026 C CB  . GLU A 1 142 ? -16.100 -1.337  0.117   1.00 25.29 ? 315 GLU A CB  1 
ATOM   1027 C CG  . GLU A 1 142 ? -16.676 0.038   0.339   1.00 29.63 ? 315 GLU A CG  1 
ATOM   1028 C CD  . GLU A 1 142 ? -18.095 0.145   -0.162  1.00 39.11 ? 315 GLU A CD  1 
ATOM   1029 O OE1 . GLU A 1 142 ? -18.606 -0.842  -0.751  1.00 41.99 ? 315 GLU A OE1 1 
ATOM   1030 O OE2 . GLU A 1 142 ? -18.704 1.219   0.031   1.00 43.55 ? 315 GLU A OE2 1 
ATOM   1031 N N   . GLU A 1 143 ? -14.628 -4.091  0.884   1.00 27.80 ? 316 GLU A N   1 
ATOM   1032 C CA  . GLU A 1 143 ? -14.183 -5.349  0.284   1.00 31.41 ? 316 GLU A CA  1 
ATOM   1033 C C   . GLU A 1 143 ? -15.113 -5.773  -0.855  1.00 31.40 ? 316 GLU A C   1 
ATOM   1034 O O   . GLU A 1 143 ? -16.278 -5.410  -0.854  1.00 32.09 ? 316 GLU A O   1 
ATOM   1035 C CB  . GLU A 1 143 ? -14.055 -6.449  1.357   1.00 32.15 ? 316 GLU A CB  1 
ATOM   1036 C CG  . GLU A 1 143 ? -12.839 -6.233  2.256   1.00 34.15 ? 316 GLU A CG  1 
ATOM   1037 C CD  . GLU A 1 143 ? -12.672 -7.294  3.335   1.00 34.12 ? 316 GLU A CD  1 
ATOM   1038 O OE1 . GLU A 1 143 ? -13.169 -8.447  3.181   1.00 33.43 ? 316 GLU A OE1 1 
ATOM   1039 O OE2 . GLU A 1 143 ? -12.029 -6.963  4.347   1.00 34.65 ? 316 GLU A OE2 1 
ATOM   1040 N N   . ILE A 1 144 ? -14.590 -6.530  -1.823  1.00 32.86 ? 317 ILE A N   1 
ATOM   1041 C CA  . ILE A 1 144 ? -15.414 -7.103  -2.912  1.00 32.79 ? 317 ILE A CA  1 
ATOM   1042 C C   . ILE A 1 144 ? -15.180 -8.604  -3.146  1.00 33.42 ? 317 ILE A C   1 
ATOM   1043 O O   . ILE A 1 144 ? -14.058 -9.106  -3.062  1.00 33.19 ? 317 ILE A O   1 
ATOM   1044 C CB  . ILE A 1 144 ? -15.314 -6.326  -4.280  1.00 32.86 ? 317 ILE A CB  1 
ATOM   1045 C CG1 . ILE A 1 144 ? -13.867 -6.189  -4.758  1.00 31.21 ? 317 ILE A CG1 1 
ATOM   1046 C CG2 . ILE A 1 144 ? -16.045 -4.978  -4.226  1.00 32.81 ? 317 ILE A CG2 1 
ATOM   1047 C CD1 . ILE A 1 144 ? -13.102 -5.134  -4.054  1.00 33.94 ? 317 ILE A CD1 1 
HETATM 1048 O O   . HOH B 2 .   ? -2.145  -4.382  -4.664  1.00 13.68 ? 1   HOH A O   1 
HETATM 1049 O O   . HOH B 2 .   ? 10.721  -11.396 3.571   1.00 13.74 ? 2   HOH A O   1 
HETATM 1050 O O   . HOH B 2 .   ? -12.016 9.074   -7.638  1.00 15.72 ? 3   HOH A O   1 
HETATM 1051 O O   . HOH B 2 .   ? -1.806  6.906   4.012   1.00 11.18 ? 4   HOH A O   1 
HETATM 1052 O O   . HOH B 2 .   ? 18.718  -7.673  0.189   1.00 13.19 ? 5   HOH A O   1 
HETATM 1053 O O   . HOH B 2 .   ? 4.178   -15.276 2.090   1.00 16.75 ? 6   HOH A O   1 
HETATM 1054 O O   . HOH B 2 .   ? -7.715  12.118  -12.464 1.00 15.16 ? 7   HOH A O   1 
HETATM 1055 O O   . HOH B 2 .   ? -7.308  -8.659  3.436   1.00 17.33 ? 8   HOH A O   1 
HETATM 1056 O O   . HOH B 2 .   ? -4.721  13.700  3.937   1.00 18.30 ? 9   HOH A O   1 
HETATM 1057 O O   . HOH B 2 .   ? -2.991  -12.811 5.055   1.00 18.54 ? 10  HOH A O   1 
HETATM 1058 O O   . HOH B 2 .   ? -3.160  -2.961  14.810  1.00 15.19 ? 11  HOH A O   1 
HETATM 1059 O O   . HOH B 2 .   ? -15.224 8.640   -15.623 1.00 25.16 ? 12  HOH A O   1 
HETATM 1060 O O   . HOH B 2 .   ? -5.646  -2.022  15.721  1.00 14.86 ? 13  HOH A O   1 
HETATM 1061 O O   . HOH B 2 .   ? -6.167  -4.786  12.270  1.00 24.36 ? 14  HOH A O   1 
HETATM 1062 O O   . HOH B 2 .   ? -8.765  -2.757  -6.285  1.00 19.50 ? 15  HOH A O   1 
HETATM 1063 O O   . HOH B 2 .   ? -15.506 4.591   -11.039 1.00 21.65 ? 16  HOH A O   1 
HETATM 1064 O O   . HOH B 2 .   ? 9.070   1.892   8.610   1.00 22.73 ? 17  HOH A O   1 
HETATM 1065 O O   . HOH B 2 .   ? 5.384   -5.694  -5.249  1.00 26.01 ? 18  HOH A O   1 
HETATM 1066 O O   . HOH B 2 .   ? 6.110   -16.691 10.482  1.00 34.90 ? 19  HOH A O   1 
HETATM 1067 O O   . HOH B 2 .   ? 15.237  -13.784 -9.909  1.00 28.11 ? 20  HOH A O   1 
HETATM 1068 O O   . HOH B 2 .   ? 11.170  -4.557  6.265   1.00 19.49 ? 21  HOH A O   1 
HETATM 1069 O O   . HOH B 2 .   ? -1.566  -17.294 -0.747  1.00 19.44 ? 22  HOH A O   1 
HETATM 1070 O O   . HOH B 2 .   ? 3.618   -1.964  15.406  1.00 26.64 ? 23  HOH A O   1 
HETATM 1071 O O   . HOH B 2 .   ? -5.738  17.161  -2.529  1.00 22.38 ? 24  HOH A O   1 
HETATM 1072 O O   . HOH B 2 .   ? 0.179   21.260  -3.587  1.00 26.62 ? 25  HOH A O   1 
HETATM 1073 O O   . HOH B 2 .   ? 18.944  -6.905  -3.639  1.00 23.19 ? 26  HOH A O   1 
HETATM 1074 O O   . HOH B 2 .   ? -12.364 -0.826  8.657   1.00 35.15 ? 27  HOH A O   1 
HETATM 1075 O O   . HOH B 2 .   ? -10.974 -6.970  7.660   1.00 32.63 ? 28  HOH A O   1 
HETATM 1076 O O   . HOH B 2 .   ? 14.313  -4.780  4.258   1.00 23.75 ? 29  HOH A O   1 
HETATM 1077 O O   . HOH B 2 .   ? 7.044   5.379   -2.834  1.00 30.08 ? 30  HOH A O   1 
HETATM 1078 O O   . HOH B 2 .   ? -5.324  14.998  -0.860  1.00 29.11 ? 31  HOH A O   1 
HETATM 1079 O O   . HOH B 2 .   ? -5.722  -11.308 -3.247  1.00 31.08 ? 32  HOH A O   1 
HETATM 1080 O O   . HOH B 2 .   ? 5.635   3.227   -3.855  1.00 31.89 ? 33  HOH A O   1 
HETATM 1081 O O   . HOH B 2 .   ? -5.027  12.195  -14.078 1.00 26.59 ? 34  HOH A O   1 
HETATM 1082 O O   . HOH B 2 .   ? -9.518  -8.052  4.991   1.00 26.97 ? 35  HOH A O   1 
HETATM 1083 O O   . HOH B 2 .   ? -16.228 3.468   5.590   1.00 29.82 ? 36  HOH A O   1 
HETATM 1084 O O   . HOH B 2 .   ? 10.495  -17.023 6.100   1.00 24.89 ? 37  HOH A O   1 
HETATM 1085 O O   . HOH B 2 .   ? -4.069  15.617  2.041   1.00 21.41 ? 38  HOH A O   1 
HETATM 1086 O O   . HOH B 2 .   ? 8.241   0.225   10.418  1.00 27.28 ? 39  HOH A O   1 
HETATM 1087 O O   . HOH B 2 .   ? -14.390 4.942   -6.316  1.00 32.16 ? 40  HOH A O   1 
HETATM 1088 O O   . HOH B 2 .   ? -8.190  13.794  2.604   1.00 24.13 ? 41  HOH A O   1 
HETATM 1089 O O   . HOH B 2 .   ? 9.934   2.301   -2.037  1.00 24.31 ? 42  HOH A O   1 
HETATM 1090 O O   . HOH B 2 .   ? 11.333  -5.912  -2.782  1.00 30.97 ? 43  HOH A O   1 
HETATM 1091 O O   . HOH B 2 .   ? -0.129  -15.192 4.136   1.00 31.09 ? 44  HOH A O   1 
HETATM 1092 O O   . HOH B 2 .   ? -12.038 5.482   0.682   1.00 28.24 ? 45  HOH A O   1 
HETATM 1093 O O   . HOH B 2 .   ? 7.898   8.070   5.474   1.00 27.87 ? 46  HOH A O   1 
HETATM 1094 O O   . HOH B 2 .   ? -6.847  -10.821 4.788   1.00 31.14 ? 47  HOH A O   1 
HETATM 1095 O O   . HOH B 2 .   ? 2.484   19.479  -7.114  1.00 29.71 ? 48  HOH A O   1 
HETATM 1096 O O   . HOH B 2 .   ? -14.079 11.373  -1.585  1.00 37.35 ? 49  HOH A O   1 
HETATM 1097 O O   . HOH B 2 .   ? -17.889 4.238   -5.626  1.00 39.98 ? 50  HOH A O   1 
HETATM 1098 O O   . HOH B 2 .   ? -7.845  5.907   -16.913 1.00 38.76 ? 51  HOH A O   1 
HETATM 1099 O O   . HOH B 2 .   ? 3.393   14.186  9.373   1.00 33.91 ? 52  HOH A O   1 
HETATM 1100 O O   . HOH B 2 .   ? 8.080   9.571   -8.601  1.00 34.76 ? 53  HOH A O   1 
HETATM 1101 O O   . HOH B 2 .   ? 7.129   -18.270 -1.096  1.00 40.33 ? 54  HOH A O   1 
HETATM 1102 O O   . HOH B 2 .   ? -4.060  -5.695  14.967  1.00 32.29 ? 55  HOH A O   1 
HETATM 1103 O O   . HOH B 2 .   ? 11.391  -14.476 4.675   1.00 28.61 ? 56  HOH A O   1 
HETATM 1104 O O   . HOH B 2 .   ? 3.960   11.492  14.664  1.00 31.28 ? 57  HOH A O   1 
HETATM 1105 O O   . HOH B 2 .   ? 10.958  -15.365 1.017   1.00 31.99 ? 58  HOH A O   1 
HETATM 1106 O O   . HOH B 2 .   ? -3.878  -8.423  10.053  1.00 27.03 ? 59  HOH A O   1 
HETATM 1107 O O   . HOH B 2 .   ? -4.727  -10.912 9.323   1.00 30.21 ? 60  HOH A O   1 
HETATM 1108 O O   . HOH B 2 .   ? 2.638   1.602   -17.570 1.00 38.74 ? 61  HOH A O   1 
HETATM 1109 O O   . HOH B 2 .   ? 4.483   -17.588 -4.899  1.00 33.47 ? 62  HOH A O   1 
HETATM 1110 O O   . HOH B 2 .   ? 9.863   -17.809 -1.435  1.00 25.45 ? 63  HOH A O   1 
HETATM 1111 O O   . HOH B 2 .   ? 2.086   -14.471 3.715   1.00 31.48 ? 64  HOH A O   1 
HETATM 1112 O O   . HOH B 2 .   ? 3.413   15.699  -6.843  1.00 32.88 ? 65  HOH A O   1 
HETATM 1113 O O   . HOH B 2 .   ? -18.142 6.224   3.383   1.00 44.01 ? 66  HOH A O   1 
HETATM 1114 O O   . HOH B 2 .   ? -15.489 7.949   -8.823  1.00 35.29 ? 67  HOH A O   1 
HETATM 1115 O O   . HOH B 2 .   ? 6.970   14.558  8.316   1.00 39.60 ? 68  HOH A O   1 
HETATM 1116 O O   . HOH B 2 .   ? 10.512  -4.591  -4.838  1.00 48.25 ? 69  HOH A O   1 
HETATM 1117 O O   . HOH B 2 .   ? 5.528   4.647   13.844  1.00 33.80 ? 70  HOH A O   1 
HETATM 1118 O O   . HOH B 2 .   ? 6.809   4.351   -16.035 1.00 38.78 ? 71  HOH A O   1 
HETATM 1119 O O   . HOH B 2 .   ? 13.601  -3.353  7.196   1.00 28.09 ? 72  HOH A O   1 
HETATM 1120 O O   . HOH B 2 .   ? -2.863  -6.503  -11.426 1.00 28.53 ? 73  HOH A O   1 
HETATM 1121 O O   . HOH B 2 .   ? 5.594   7.910   -14.891 1.00 45.15 ? 74  HOH A O   1 
HETATM 1122 O O   . HOH B 2 .   ? -1.524  11.196  -14.116 1.00 46.10 ? 75  HOH A O   1 
HETATM 1123 O O   . HOH B 2 .   ? 6.134   1.713   12.699  1.00 33.88 ? 76  HOH A O   1 
HETATM 1124 O O   . HOH B 2 .   ? -0.735  -15.595 7.260   1.00 33.11 ? 77  HOH A O   1 
HETATM 1125 O O   . HOH B 2 .   ? -14.774 5.181   9.107   1.00 41.33 ? 78  HOH A O   1 
HETATM 1126 O O   . HOH B 2 .   ? 4.485   -4.496  14.283  1.00 35.39 ? 79  HOH A O   1 
HETATM 1127 O O   . HOH B 2 .   ? 8.487   -1.959  14.791  1.00 32.30 ? 80  HOH A O   1 
HETATM 1128 O O   . HOH B 2 .   ? 9.340   -5.335  11.014  1.00 55.90 ? 81  HOH A O   1 
HETATM 1129 O O   . HOH B 2 .   ? -19.845 3.747   -3.972  1.00 49.05 ? 82  HOH A O   1 
HETATM 1130 O O   . HOH B 2 .   ? -14.255 11.840  2.021   1.00 39.88 ? 83  HOH A O   1 
HETATM 1131 O O   . HOH B 2 .   ? -7.769  -6.109  -5.857  1.00 39.65 ? 84  HOH A O   1 
HETATM 1132 O O   . HOH B 2 .   ? 4.198   16.255  4.611   1.00 37.39 ? 85  HOH A O   1 
HETATM 1133 O O   . HOH B 2 .   ? 3.262   13.260  -10.964 1.00 43.23 ? 86  HOH A O   1 
HETATM 1134 O O   . HOH B 2 .   ? -0.695  -17.787 -4.171  1.00 41.64 ? 87  HOH A O   1 
HETATM 1135 O O   . HOH B 2 .   ? 11.496  1.267   -0.408  1.00 34.81 ? 88  HOH A O   1 
HETATM 1136 O O   . HOH B 2 .   ? 4.265   16.824  0.231   1.00 40.15 ? 89  HOH A O   1 
HETATM 1137 O O   . HOH B 2 .   ? -18.440 4.709   1.075   1.00 42.36 ? 90  HOH A O   1 
HETATM 1138 O O   . HOH B 2 .   ? 5.337   -14.005 4.083   1.00 35.12 ? 91  HOH A O   1 
HETATM 1139 O O   . HOH B 2 .   ? -15.113 -2.483  4.726   1.00 50.19 ? 92  HOH A O   1 
HETATM 1140 O O   . HOH B 2 .   ? -16.930 1.299   4.131   1.00 41.40 ? 93  HOH A O   1 
HETATM 1141 O O   . HOH B 2 .   ? 8.539   4.720   8.832   1.00 36.31 ? 94  HOH A O   1 
HETATM 1142 O O   . HOH B 2 .   ? -9.226  3.684   -16.817 1.00 34.33 ? 95  HOH A O   1 
HETATM 1143 O O   . HOH B 2 .   ? -5.093  -11.797 6.425   1.00 38.86 ? 96  HOH A O   1 
HETATM 1144 O O   . HOH B 2 .   ? 11.875  1.799   -4.911  1.00 39.66 ? 97  HOH A O   1 
HETATM 1145 O O   . HOH B 2 .   ? 21.104  -7.144  -1.512  1.00 45.43 ? 98  HOH A O   1 
HETATM 1146 O O   . HOH B 2 .   ? 6.070   -10.608 -6.467  1.00 43.91 ? 99  HOH A O   1 
# 
